data_1TOC
#
_entry.id   1TOC
#
_cell.length_a   125.300
_cell.length_b   89.900
_cell.length_c   101.400
_cell.angle_alpha   90.00
_cell.angle_beta   108.40
_cell.angle_gamma   90.00
#
_symmetry.space_group_name_H-M   'P 1 21 1'
#
loop_
_entity.id
_entity.type
_entity.pdbx_description
1 polymer THROMBIN
2 polymer THROMBIN
3 polymer ORNITHODORIN
4 water water
#
loop_
_entity_poly.entity_id
_entity_poly.type
_entity_poly.pdbx_seq_one_letter_code
_entity_poly.pdbx_strand_id
1 'polypeptide(L)' TSEDHFQPFFNEKTFGAGEADCGLRPLFEKKQVQDQTEKELFESYIEGR A,C,E,G
2 'polypeptide(L)'
;IVEGQDAEVGLSPWQVMLFRKSPQELLCGASLISDRWVLTAAHCLLYPPWDKNFTVDDLLVRIGKHSRTRYERKVEKISM
LDKIYIHPRYNWKENLDRDIALLKLKRPIELSDYIHPVCLPDKQTAAKLLHAGFKGRVTGWGNRRETWTTSVAEVQPSVL
QVVNLPLVERPVCKASTRIRITDNMFCAGYKPGEGKRGDACEGDSGGPFVMKSPYNNRWYQMGIVSWGEGCDRDGKYGFY
THVFRLKKWIQKVIDRLGS
;
B,D,F,H
3 'polypeptide(L)'
;SLNVLCNNPHTADCNNDAQVDRYFREGTTCLMSPACTSEGYASQHECQQACFVGGEDHSSEMHSSCLGDPPTSCAEGTDI
TYYDSDSKTCKVLAASCPSGENTFESEVECQVACGAPIEG
;
R,S,T,U
#
# COMPACT_ATOMS: atom_id res chain seq x y z
N ALA A 20 -53.17 -12.93 -16.44
CA ALA A 20 -54.14 -13.25 -17.52
C ALA A 20 -53.68 -14.52 -18.25
N ASP A 21 -53.95 -14.58 -19.54
CA ASP A 21 -53.56 -15.72 -20.37
C ASP A 21 -52.12 -16.16 -20.08
N CYS A 22 -51.35 -15.23 -19.51
CA CYS A 22 -49.97 -15.49 -19.13
C CYS A 22 -49.33 -14.22 -18.54
N GLY A 23 -48.02 -14.30 -18.32
CA GLY A 23 -47.21 -13.23 -17.77
C GLY A 23 -47.78 -11.95 -17.21
N LEU A 24 -48.73 -12.01 -16.28
CA LEU A 24 -49.25 -10.77 -15.67
C LEU A 24 -49.45 -10.94 -14.17
N ARG A 25 -48.57 -10.27 -13.43
CA ARG A 25 -48.56 -10.33 -11.98
C ARG A 25 -49.73 -9.61 -11.36
N PRO A 26 -50.51 -10.35 -10.54
CA PRO A 26 -51.69 -9.87 -9.84
C PRO A 26 -51.32 -8.66 -9.01
N LEU A 27 -50.40 -8.91 -8.07
CA LEU A 27 -49.92 -7.92 -7.15
C LEU A 27 -49.14 -6.76 -7.75
N PHE A 28 -49.11 -6.63 -9.08
CA PHE A 28 -48.38 -5.53 -9.70
C PHE A 28 -49.01 -4.97 -10.97
N GLU A 29 -48.85 -5.67 -12.10
CA GLU A 29 -49.38 -5.17 -13.37
C GLU A 29 -50.88 -5.03 -13.32
N LYS A 30 -51.55 -6.01 -12.77
CA LYS A 30 -53.01 -5.99 -12.61
C LYS A 30 -53.35 -4.78 -11.76
N LYS A 31 -52.85 -4.79 -10.52
CA LYS A 31 -53.04 -3.72 -9.55
C LYS A 31 -52.52 -2.36 -10.03
N GLN A 32 -51.72 -2.37 -11.08
CA GLN A 32 -51.15 -1.16 -11.66
C GLN A 32 -50.05 -0.49 -10.81
N VAL A 33 -49.26 -1.30 -10.09
CA VAL A 33 -48.15 -0.79 -9.27
C VAL A 33 -46.84 -1.34 -9.83
N GLN A 34 -45.79 -0.54 -9.82
CA GLN A 34 -44.48 -0.99 -10.34
C GLN A 34 -43.51 -1.26 -9.19
N ASP A 35 -42.69 -2.30 -9.36
CA ASP A 35 -41.71 -2.67 -8.35
C ASP A 35 -40.45 -1.86 -8.54
N GLN A 36 -39.69 -1.66 -7.46
CA GLN A 36 -38.46 -0.86 -7.49
C GLN A 36 -37.63 -1.03 -8.77
N THR A 37 -36.91 -2.15 -8.83
CA THR A 37 -36.03 -2.48 -9.94
C THR A 37 -36.70 -2.64 -11.31
N GLU A 38 -37.92 -2.14 -11.49
CA GLU A 38 -38.59 -2.28 -12.77
C GLU A 38 -38.16 -1.26 -13.80
N LYS A 39 -38.04 -0.02 -13.35
CA LYS A 39 -37.64 1.09 -14.23
C LYS A 39 -36.33 0.86 -14.96
N GLU A 40 -35.40 0.16 -14.30
CA GLU A 40 -34.10 -0.14 -14.89
C GLU A 40 -34.25 -0.87 -16.22
N LEU A 41 -35.08 -1.91 -16.23
CA LEU A 41 -35.31 -2.71 -17.43
C LEU A 41 -35.80 -1.87 -18.59
N PHE A 42 -36.54 -0.81 -18.28
CA PHE A 42 -37.06 0.05 -19.33
C PHE A 42 -36.02 1.01 -19.87
N GLU A 43 -35.26 1.65 -18.98
CA GLU A 43 -34.22 2.57 -19.40
C GLU A 43 -33.24 1.87 -20.32
N SER A 44 -33.01 0.59 -20.07
CA SER A 44 -32.08 -0.15 -20.89
C SER A 44 -32.57 -0.43 -22.29
N TYR A 45 -33.81 -0.06 -22.58
CA TYR A 45 -34.36 -0.29 -23.90
C TYR A 45 -34.09 0.85 -24.88
N ILE A 46 -33.13 1.71 -24.54
CA ILE A 46 -32.72 2.82 -25.38
C ILE A 46 -32.12 2.29 -26.69
N GLU A 47 -32.97 1.84 -27.59
CA GLU A 47 -32.52 1.29 -28.86
C GLU A 47 -33.71 0.91 -29.73
N ILE B 1 -27.85 -15.09 -5.08
CA ILE B 1 -27.65 -14.23 -6.25
C ILE B 1 -26.60 -13.27 -5.79
N VAL B 2 -25.45 -13.22 -6.46
CA VAL B 2 -24.38 -12.32 -6.05
C VAL B 2 -24.69 -10.87 -6.32
N GLU B 3 -24.63 -10.09 -5.25
CA GLU B 3 -24.87 -8.66 -5.26
C GLU B 3 -26.31 -8.27 -5.64
N GLY B 4 -27.22 -9.23 -5.49
CA GLY B 4 -28.62 -8.94 -5.80
C GLY B 4 -29.28 -8.36 -4.58
N GLN B 5 -30.60 -8.40 -4.54
CA GLN B 5 -31.34 -7.87 -3.38
C GLN B 5 -32.67 -8.63 -3.09
N ASP B 6 -33.19 -8.45 -1.88
CA ASP B 6 -34.44 -9.06 -1.47
C ASP B 6 -35.52 -8.69 -2.45
N ALA B 7 -36.26 -9.70 -2.91
CA ALA B 7 -37.33 -9.47 -3.86
C ALA B 7 -38.67 -9.18 -3.18
N GLU B 8 -39.41 -8.20 -3.69
CA GLU B 8 -40.72 -7.83 -3.13
C GLU B 8 -41.68 -9.02 -3.19
N VAL B 9 -42.53 -9.13 -2.18
CA VAL B 9 -43.51 -10.21 -2.10
C VAL B 9 -44.37 -10.23 -3.34
N GLY B 10 -44.41 -11.40 -3.97
CA GLY B 10 -45.22 -11.56 -5.17
C GLY B 10 -44.58 -11.05 -6.45
N LEU B 11 -43.33 -10.58 -6.35
CA LEU B 11 -42.59 -10.07 -7.50
C LEU B 11 -42.35 -11.12 -8.56
N SER B 12 -42.22 -12.38 -8.15
CA SER B 12 -41.99 -13.43 -9.14
C SER B 12 -42.91 -14.65 -8.95
N PRO B 13 -44.20 -14.50 -9.30
CA PRO B 13 -45.20 -15.55 -9.17
C PRO B 13 -44.92 -16.85 -9.92
N TRP B 14 -43.94 -16.85 -10.82
CA TRP B 14 -43.61 -18.05 -11.60
C TRP B 14 -42.47 -18.86 -11.00
N GLN B 15 -41.85 -18.32 -9.97
CA GLN B 15 -40.74 -18.98 -9.30
C GLN B 15 -41.22 -20.30 -8.76
N VAL B 16 -40.42 -21.34 -8.93
CA VAL B 16 -40.79 -22.67 -8.50
C VAL B 16 -39.59 -23.26 -7.84
N MET B 17 -39.63 -23.46 -6.53
CA MET B 17 -38.49 -24.05 -5.89
C MET B 17 -38.52 -25.49 -6.36
N LEU B 18 -37.39 -26.14 -6.54
CA LEU B 18 -37.40 -27.55 -6.95
C LEU B 18 -36.80 -28.19 -5.72
N PHE B 19 -37.66 -28.80 -4.92
CA PHE B 19 -37.27 -29.42 -3.64
C PHE B 19 -36.90 -30.89 -3.80
N ARG B 20 -36.15 -31.41 -2.83
CA ARG B 20 -35.73 -32.81 -2.82
C ARG B 20 -36.27 -33.52 -1.57
N LYS B 21 -37.00 -34.61 -1.80
CA LYS B 21 -37.64 -35.40 -0.75
C LYS B 21 -36.80 -35.73 0.48
N SER B 22 -35.74 -36.50 0.29
CA SER B 22 -34.87 -36.90 1.41
C SER B 22 -33.42 -36.96 0.96
N PRO B 23 -32.57 -36.07 1.51
CA PRO B 23 -32.90 -35.05 2.52
C PRO B 23 -33.86 -34.01 1.98
N GLN B 24 -34.55 -33.33 2.88
CA GLN B 24 -35.45 -32.25 2.50
C GLN B 24 -34.52 -31.07 2.22
N GLU B 25 -34.10 -30.91 0.98
CA GLU B 25 -33.16 -29.86 0.67
C GLU B 25 -33.54 -29.14 -0.61
N LEU B 26 -32.79 -28.08 -0.93
CA LEU B 26 -33.03 -27.29 -2.14
C LEU B 26 -32.09 -27.71 -3.25
N LEU B 27 -32.69 -28.12 -4.35
CA LEU B 27 -31.95 -28.58 -5.50
C LEU B 27 -31.78 -27.53 -6.59
N CYS B 28 -32.83 -26.76 -6.89
CA CYS B 28 -32.77 -25.79 -7.97
C CYS B 28 -33.79 -24.67 -7.89
N GLY B 29 -34.39 -24.34 -9.02
CA GLY B 29 -35.38 -23.30 -9.08
C GLY B 29 -35.98 -23.49 -10.45
N ALA B 30 -37.09 -22.80 -10.77
CA ALA B 30 -37.71 -22.96 -12.08
C ALA B 30 -38.91 -22.05 -12.28
N SER B 31 -39.40 -21.97 -13.51
CA SER B 31 -40.53 -21.13 -13.85
C SER B 31 -41.80 -21.94 -14.05
N LEU B 32 -42.94 -21.32 -13.75
CA LEU B 32 -44.22 -21.98 -13.94
C LEU B 32 -44.80 -21.49 -15.26
N ILE B 33 -44.59 -22.25 -16.33
CA ILE B 33 -45.09 -21.83 -17.64
C ILE B 33 -46.59 -22.01 -17.82
N SER B 34 -47.24 -22.68 -16.88
CA SER B 34 -48.67 -22.88 -16.96
C SER B 34 -49.01 -23.71 -15.76
N ASP B 35 -50.22 -23.51 -15.22
CA ASP B 35 -50.69 -24.24 -14.05
C ASP B 35 -50.32 -25.73 -14.08
N ARG B 36 -50.27 -26.29 -15.29
CA ARG B 36 -49.95 -27.69 -15.49
C ARG B 36 -48.45 -27.96 -15.49
N TRP B 37 -47.73 -27.21 -16.32
CA TRP B 37 -46.27 -27.36 -16.51
C TRP B 37 -45.30 -26.45 -15.75
N VAL B 38 -44.08 -26.96 -15.61
CA VAL B 38 -42.97 -26.27 -14.98
C VAL B 38 -41.74 -26.43 -15.88
N LEU B 39 -41.06 -25.30 -16.13
CA LEU B 39 -39.88 -25.29 -16.98
C LEU B 39 -38.61 -25.11 -16.17
N THR B 40 -37.69 -26.05 -16.29
CA THR B 40 -36.44 -25.98 -15.56
C THR B 40 -35.25 -26.40 -16.41
N ALA B 41 -34.05 -26.20 -15.87
CA ALA B 41 -32.81 -26.51 -16.57
C ALA B 41 -32.53 -27.95 -16.39
N ALA B 42 -32.34 -28.64 -17.51
CA ALA B 42 -32.05 -30.07 -17.55
C ALA B 42 -31.00 -30.56 -16.57
N HIS B 43 -29.79 -30.02 -16.64
CA HIS B 43 -28.75 -30.47 -15.74
C HIS B 43 -29.14 -30.48 -14.28
N CYS B 44 -30.28 -29.89 -13.94
CA CYS B 44 -30.74 -29.86 -12.56
C CYS B 44 -31.08 -31.27 -12.11
N LEU B 45 -31.60 -32.06 -13.06
CA LEU B 45 -32.02 -33.41 -12.79
C LEU B 45 -31.04 -34.45 -13.33
N LEU B 46 -30.45 -34.16 -14.48
CA LEU B 46 -29.51 -35.10 -15.09
C LEU B 46 -28.10 -34.56 -15.35
N TYR B 47 -27.13 -35.07 -14.58
CA TYR B 47 -25.73 -34.74 -14.73
C TYR B 47 -24.90 -35.83 -14.06
N PRO B 48 -24.73 -36.95 -14.77
CA PRO B 48 -23.98 -38.10 -14.28
C PRO B 48 -22.65 -37.79 -13.57
N PRO B 49 -21.77 -36.96 -14.17
CA PRO B 49 -20.48 -36.62 -13.56
C PRO B 49 -20.55 -36.26 -12.10
N TRP B 50 -21.74 -36.00 -11.58
CA TRP B 50 -21.87 -35.64 -10.18
C TRP B 50 -22.89 -36.52 -9.45
N ASP B 51 -23.01 -37.78 -9.89
CA ASP B 51 -23.96 -38.71 -9.29
C ASP B 51 -25.34 -38.03 -9.28
N LYS B 52 -25.73 -37.47 -10.41
CA LYS B 52 -26.98 -36.74 -10.46
C LYS B 52 -28.00 -37.22 -11.50
N ASN B 53 -28.90 -38.10 -11.09
CA ASN B 53 -29.97 -38.58 -11.96
C ASN B 53 -31.21 -38.70 -11.10
N PHE B 54 -32.00 -37.63 -11.12
CA PHE B 54 -33.20 -37.55 -10.33
C PHE B 54 -34.42 -38.05 -11.05
N THR B 55 -35.15 -38.90 -10.35
CA THR B 55 -36.38 -39.46 -10.87
C THR B 55 -37.53 -38.75 -10.16
N VAL B 56 -38.70 -38.77 -10.79
CA VAL B 56 -39.90 -38.15 -10.24
C VAL B 56 -40.15 -38.53 -8.79
N ASP B 57 -39.65 -39.68 -8.36
CA ASP B 57 -39.84 -40.10 -6.98
C ASP B 57 -38.81 -39.52 -6.02
N ASP B 58 -38.44 -38.25 -6.24
CA ASP B 58 -37.45 -37.59 -5.40
C ASP B 58 -37.74 -36.09 -5.36
N LEU B 59 -38.27 -35.59 -6.48
CA LEU B 59 -38.56 -34.17 -6.59
C LEU B 59 -39.92 -33.70 -6.10
N LEU B 60 -39.91 -32.59 -5.41
CA LEU B 60 -41.11 -31.97 -4.90
C LEU B 60 -40.95 -30.56 -5.44
N VAL B 61 -42.05 -29.95 -5.79
CA VAL B 61 -42.02 -28.62 -6.31
C VAL B 61 -42.80 -27.69 -5.40
N ARG B 62 -42.12 -26.93 -4.57
CA ARG B 62 -42.85 -25.99 -3.71
C ARG B 62 -43.01 -24.72 -4.57
N ILE B 63 -44.23 -24.27 -4.85
CA ILE B 63 -44.41 -23.11 -5.69
C ILE B 63 -44.95 -21.91 -4.97
N GLY B 64 -44.47 -20.74 -5.38
CA GLY B 64 -44.94 -19.50 -4.80
C GLY B 64 -44.38 -19.20 -3.45
N LYS B 65 -43.16 -19.66 -3.19
CA LYS B 65 -42.54 -19.33 -1.92
C LYS B 65 -41.84 -17.96 -2.00
N HIS B 66 -41.24 -17.56 -0.90
CA HIS B 66 -40.59 -16.27 -0.85
C HIS B 66 -39.42 -16.47 0.09
N SER B 67 -39.70 -16.92 1.30
CA SER B 67 -38.59 -17.19 2.18
C SER B 67 -37.99 -18.48 1.64
N ARG B 68 -36.70 -18.66 1.84
CA ARG B 68 -35.99 -19.83 1.36
C ARG B 68 -36.35 -21.11 2.11
N THR B 69 -36.47 -21.00 3.43
CA THR B 69 -36.73 -22.17 4.25
C THR B 69 -38.13 -22.33 4.87
N ARG B 70 -38.50 -21.36 5.70
CA ARG B 70 -39.78 -21.37 6.38
C ARG B 70 -41.01 -21.61 5.50
N TYR B 71 -41.81 -22.61 5.91
CA TYR B 71 -43.04 -23.01 5.27
C TYR B 71 -44.01 -21.85 5.36
N GLU B 72 -44.51 -21.38 4.22
CA GLU B 72 -45.44 -20.24 4.18
C GLU B 72 -46.86 -20.76 4.16
N ARG B 73 -47.34 -21.20 5.33
CA ARG B 73 -48.67 -21.79 5.52
C ARG B 73 -49.74 -21.82 4.42
N LYS B 74 -50.29 -20.69 3.99
CA LYS B 74 -51.32 -20.78 2.93
C LYS B 74 -50.93 -20.17 1.58
N VAL B 75 -49.63 -19.94 1.39
CA VAL B 75 -49.17 -19.31 0.15
C VAL B 75 -48.53 -20.31 -0.79
N GLU B 76 -47.49 -20.95 -0.32
CA GLU B 76 -46.83 -21.91 -1.18
C GLU B 76 -47.77 -23.07 -1.41
N LYS B 77 -47.79 -23.55 -2.64
CA LYS B 77 -48.63 -24.67 -3.03
C LYS B 77 -47.74 -25.82 -3.45
N ILE B 78 -47.23 -26.59 -2.49
CA ILE B 78 -46.40 -27.78 -2.76
C ILE B 78 -46.99 -28.69 -3.86
N SER B 79 -46.18 -29.54 -4.44
CA SER B 79 -46.70 -30.41 -5.49
C SER B 79 -45.69 -31.45 -5.90
N MET B 80 -46.20 -32.56 -6.41
CA MET B 80 -45.38 -33.65 -6.86
C MET B 80 -45.52 -33.62 -8.37
N LEU B 81 -44.59 -34.25 -9.07
CA LEU B 81 -44.64 -34.22 -10.53
C LEU B 81 -45.32 -35.44 -11.08
N ASP B 82 -45.23 -35.60 -12.40
CA ASP B 82 -45.83 -36.74 -13.09
C ASP B 82 -44.85 -37.24 -14.15
N LYS B 83 -44.36 -36.33 -14.98
CA LYS B 83 -43.38 -36.71 -16.01
C LYS B 83 -42.22 -35.73 -16.13
N ILE B 84 -41.06 -36.24 -16.49
CA ILE B 84 -39.87 -35.44 -16.64
C ILE B 84 -39.36 -35.64 -18.06
N TYR B 85 -39.30 -34.56 -18.81
CA TYR B 85 -38.84 -34.65 -20.17
C TYR B 85 -37.59 -33.77 -20.30
N ILE B 86 -36.50 -34.35 -20.78
CA ILE B 86 -35.27 -33.58 -21.00
C ILE B 86 -35.04 -33.61 -22.51
N HIS B 87 -34.36 -32.58 -23.04
CA HIS B 87 -34.11 -32.52 -24.47
C HIS B 87 -33.26 -33.71 -24.90
N PRO B 88 -33.66 -34.40 -25.97
CA PRO B 88 -32.92 -35.55 -26.45
C PRO B 88 -31.49 -35.21 -26.84
N ARG B 89 -31.32 -33.99 -27.35
CA ARG B 89 -29.99 -33.54 -27.77
C ARG B 89 -29.29 -32.76 -26.67
N TYR B 90 -29.49 -33.22 -25.44
CA TYR B 90 -28.89 -32.61 -24.24
C TYR B 90 -27.43 -33.05 -24.14
N ASN B 91 -26.50 -32.14 -24.41
CA ASN B 91 -25.07 -32.45 -24.38
C ASN B 91 -24.40 -32.14 -23.04
N TRP B 92 -24.76 -32.89 -22.01
CA TRP B 92 -24.18 -32.67 -20.69
C TRP B 92 -22.68 -32.83 -20.63
N LYS B 93 -22.17 -33.82 -21.37
CA LYS B 93 -20.74 -34.16 -21.45
C LYS B 93 -19.83 -33.07 -21.97
N GLU B 94 -20.29 -32.33 -22.96
CA GLU B 94 -19.46 -31.28 -23.52
C GLU B 94 -19.67 -29.91 -22.96
N ASN B 95 -20.71 -29.23 -23.43
CA ASN B 95 -21.01 -27.86 -22.99
C ASN B 95 -22.48 -27.61 -22.70
N LEU B 96 -23.16 -28.59 -22.09
CA LEU B 96 -24.57 -28.51 -21.69
C LEU B 96 -25.49 -27.86 -22.70
N ASP B 97 -25.38 -28.25 -23.97
CA ASP B 97 -26.25 -27.65 -24.97
C ASP B 97 -27.67 -28.13 -24.70
N ARG B 98 -28.62 -27.20 -24.83
CA ARG B 98 -30.03 -27.51 -24.63
C ARG B 98 -30.28 -27.98 -23.23
N ASP B 99 -29.92 -27.16 -22.26
CA ASP B 99 -30.07 -27.48 -20.86
C ASP B 99 -31.49 -27.09 -20.51
N ILE B 100 -32.45 -27.85 -21.05
CA ILE B 100 -33.87 -27.59 -20.80
C ILE B 100 -34.56 -28.89 -20.45
N ALA B 101 -35.59 -28.79 -19.63
CA ALA B 101 -36.36 -29.96 -19.22
C ALA B 101 -37.74 -29.50 -18.75
N LEU B 102 -38.75 -30.34 -18.99
CA LEU B 102 -40.11 -30.01 -18.60
C LEU B 102 -40.62 -30.91 -17.52
N LEU B 103 -41.20 -30.34 -16.50
CA LEU B 103 -41.74 -31.10 -15.38
C LEU B 103 -43.27 -30.99 -15.34
N LYS B 104 -43.96 -32.11 -15.56
CA LYS B 104 -45.43 -32.11 -15.55
C LYS B 104 -45.98 -32.23 -14.12
N LEU B 105 -46.52 -31.15 -13.57
CA LEU B 105 -47.06 -31.21 -12.21
C LEU B 105 -48.21 -32.19 -12.25
N LYS B 106 -48.36 -32.95 -11.17
CA LYS B 106 -49.43 -33.95 -11.07
C LYS B 106 -50.84 -33.34 -11.16
N ARG B 107 -51.09 -32.31 -10.33
CA ARG B 107 -52.40 -31.65 -10.26
C ARG B 107 -52.26 -30.19 -10.66
N PRO B 108 -52.94 -29.76 -11.74
CA PRO B 108 -52.84 -28.36 -12.16
C PRO B 108 -53.00 -27.41 -10.98
N ILE B 109 -51.96 -26.60 -10.79
CA ILE B 109 -51.88 -25.61 -9.71
C ILE B 109 -53.11 -24.71 -9.64
N GLU B 110 -53.48 -24.33 -8.42
CA GLU B 110 -54.61 -23.44 -8.28
C GLU B 110 -54.02 -22.05 -8.41
N LEU B 111 -54.08 -21.49 -9.60
CA LEU B 111 -53.53 -20.16 -9.87
C LEU B 111 -54.05 -19.18 -8.82
N SER B 112 -53.20 -18.24 -8.42
CA SER B 112 -53.58 -17.27 -7.40
C SER B 112 -52.71 -16.03 -7.35
N ASP B 113 -52.95 -15.17 -6.38
CA ASP B 113 -52.21 -13.91 -6.22
C ASP B 113 -50.68 -14.02 -6.18
N TYR B 114 -50.17 -15.20 -5.82
CA TYR B 114 -48.74 -15.40 -5.73
C TYR B 114 -48.26 -16.43 -6.75
N ILE B 115 -49.15 -17.28 -7.22
CA ILE B 115 -48.77 -18.28 -8.20
C ILE B 115 -49.33 -17.87 -9.55
N HIS B 116 -48.47 -17.39 -10.43
CA HIS B 116 -48.92 -16.99 -11.77
C HIS B 116 -47.81 -17.24 -12.79
N PRO B 117 -48.20 -17.75 -13.98
CA PRO B 117 -47.34 -18.06 -15.11
C PRO B 117 -46.76 -16.87 -15.92
N VAL B 118 -45.61 -17.13 -16.54
CA VAL B 118 -44.90 -16.17 -17.40
C VAL B 118 -45.49 -16.35 -18.78
N CYS B 119 -44.75 -15.92 -19.79
CA CYS B 119 -45.20 -16.09 -21.18
C CYS B 119 -43.94 -16.47 -21.93
N LEU B 120 -43.98 -17.57 -22.64
CA LEU B 120 -42.82 -17.96 -23.44
C LEU B 120 -42.75 -16.97 -24.58
N PRO B 121 -41.54 -16.56 -24.99
CA PRO B 121 -41.41 -15.61 -26.09
C PRO B 121 -41.69 -16.19 -27.46
N ASP B 122 -42.03 -15.31 -28.40
CA ASP B 122 -42.29 -15.71 -29.78
C ASP B 122 -41.51 -14.75 -30.63
N LYS B 123 -41.31 -15.10 -31.90
CA LYS B 123 -40.52 -14.27 -32.82
C LYS B 123 -40.65 -12.78 -32.57
N GLN B 124 -41.85 -12.24 -32.70
CA GLN B 124 -42.08 -10.81 -32.49
C GLN B 124 -41.45 -10.37 -31.16
N THR B 125 -42.03 -10.81 -30.05
CA THR B 125 -41.55 -10.45 -28.73
C THR B 125 -40.04 -10.63 -28.62
N ALA B 126 -39.55 -11.77 -29.07
CA ALA B 126 -38.11 -12.07 -29.01
C ALA B 126 -37.28 -11.03 -29.78
N ALA B 127 -37.52 -10.94 -31.08
CA ALA B 127 -36.81 -10.02 -31.95
C ALA B 127 -36.63 -8.61 -31.38
N LYS B 128 -37.64 -8.10 -30.70
CA LYS B 128 -37.55 -6.76 -30.16
C LYS B 128 -36.73 -6.69 -28.87
N LEU B 129 -36.87 -7.68 -28.01
CA LEU B 129 -36.16 -7.66 -26.73
C LEU B 129 -34.75 -8.24 -26.70
N LEU B 130 -34.43 -9.15 -27.62
CA LEU B 130 -33.09 -9.74 -27.58
C LEU B 130 -31.96 -9.00 -28.28
N HIS B 131 -31.59 -7.84 -27.73
CA HIS B 131 -30.52 -7.03 -28.26
C HIS B 131 -29.63 -6.77 -27.06
N ALA B 132 -28.32 -6.84 -27.28
CA ALA B 132 -27.33 -6.63 -26.22
C ALA B 132 -27.41 -5.21 -25.67
N GLY B 133 -27.31 -5.11 -24.36
CA GLY B 133 -27.41 -3.83 -23.71
C GLY B 133 -28.64 -3.91 -22.84
N PHE B 134 -29.73 -4.41 -23.43
CA PHE B 134 -31.03 -4.60 -22.73
C PHE B 134 -30.87 -5.48 -21.49
N LYS B 135 -31.42 -5.04 -20.38
CA LYS B 135 -31.31 -5.79 -19.15
C LYS B 135 -32.34 -6.92 -19.01
N GLY B 136 -32.17 -7.72 -17.96
CA GLY B 136 -33.07 -8.82 -17.68
C GLY B 136 -33.12 -9.09 -16.18
N ARG B 137 -34.04 -9.94 -15.73
CA ARG B 137 -34.17 -10.23 -14.32
C ARG B 137 -33.97 -11.68 -13.96
N VAL B 138 -33.00 -11.94 -13.08
CA VAL B 138 -32.67 -13.29 -12.63
C VAL B 138 -33.00 -13.38 -11.16
N THR B 139 -33.83 -14.33 -10.78
CA THR B 139 -34.27 -14.48 -9.40
C THR B 139 -34.18 -15.92 -8.94
N GLY B 140 -33.47 -16.14 -7.82
CA GLY B 140 -33.26 -17.49 -7.30
C GLY B 140 -32.91 -17.48 -5.82
N TRP B 141 -32.91 -18.66 -5.20
CA TRP B 141 -32.64 -18.74 -3.76
C TRP B 141 -31.22 -19.15 -3.43
N GLY B 142 -30.34 -18.94 -4.41
CA GLY B 142 -28.95 -19.31 -4.25
C GLY B 142 -28.12 -18.51 -3.27
N ASN B 143 -26.88 -18.96 -3.10
CA ASN B 143 -25.92 -18.36 -2.21
C ASN B 143 -25.55 -16.98 -2.73
N ARG B 144 -25.08 -16.11 -1.85
CA ARG B 144 -24.67 -14.77 -2.24
C ARG B 144 -23.21 -14.67 -2.75
N ARG B 145 -22.36 -15.64 -2.42
CA ARG B 145 -20.96 -15.59 -2.84
C ARG B 145 -20.51 -16.94 -3.40
N GLU B 146 -19.36 -16.94 -4.07
CA GLU B 146 -18.83 -18.17 -4.63
C GLU B 146 -18.20 -18.96 -3.49
N THR B 147 -17.35 -18.30 -2.71
CA THR B 147 -16.64 -18.89 -1.57
C THR B 147 -16.68 -17.84 -0.47
N TRP B 148 -16.39 -18.20 0.77
CA TRP B 148 -16.47 -17.23 1.86
C TRP B 148 -15.79 -17.70 3.13
N THR B 149 -15.78 -16.82 4.13
CA THR B 149 -15.16 -17.13 5.40
C THR B 149 -16.13 -16.97 6.56
N THR B 150 -16.33 -18.06 7.30
CA THR B 150 -17.23 -18.12 8.45
C THR B 150 -18.58 -17.41 8.23
N SER B 151 -19.24 -17.76 7.13
CA SER B 151 -20.54 -17.18 6.77
C SER B 151 -20.61 -15.65 6.84
N VAL B 152 -19.48 -15.01 6.57
CA VAL B 152 -19.38 -13.55 6.60
C VAL B 152 -20.52 -12.86 5.83
N ALA B 153 -21.21 -11.95 6.52
CA ALA B 153 -22.34 -11.21 5.95
C ALA B 153 -23.43 -12.16 5.48
N GLU B 154 -23.40 -13.39 6.00
CA GLU B 154 -24.35 -14.45 5.68
C GLU B 154 -24.47 -14.75 4.19
N VAL B 155 -24.08 -15.98 3.84
CA VAL B 155 -24.12 -16.40 2.46
C VAL B 155 -25.48 -16.74 1.93
N GLN B 156 -26.18 -17.67 2.58
CA GLN B 156 -27.51 -18.08 2.13
C GLN B 156 -28.60 -17.06 2.46
N PRO B 157 -29.31 -16.56 1.43
CA PRO B 157 -30.37 -15.57 1.58
C PRO B 157 -31.64 -15.99 2.33
N SER B 158 -32.21 -15.02 3.04
CA SER B 158 -33.42 -15.23 3.80
C SER B 158 -34.58 -15.46 2.84
N VAL B 159 -34.78 -14.54 1.90
CA VAL B 159 -35.89 -14.69 0.95
C VAL B 159 -35.39 -14.69 -0.48
N LEU B 160 -36.33 -14.86 -1.40
CA LEU B 160 -36.03 -14.85 -2.82
C LEU B 160 -35.18 -13.60 -3.11
N GLN B 161 -34.31 -13.67 -4.11
CA GLN B 161 -33.45 -12.53 -4.43
C GLN B 161 -33.65 -12.14 -5.87
N VAL B 162 -33.28 -10.90 -6.21
CA VAL B 162 -33.43 -10.41 -7.57
C VAL B 162 -32.20 -9.59 -8.02
N VAL B 163 -32.02 -9.52 -9.34
CA VAL B 163 -30.92 -8.77 -9.92
C VAL B 163 -31.18 -8.62 -11.42
N ASN B 164 -31.22 -7.38 -11.91
CA ASN B 164 -31.42 -7.17 -13.33
C ASN B 164 -30.05 -7.07 -14.00
N LEU B 165 -29.76 -8.05 -14.84
CA LEU B 165 -28.50 -8.13 -15.57
C LEU B 165 -28.74 -7.86 -17.03
N PRO B 166 -27.88 -7.05 -17.65
CA PRO B 166 -27.99 -6.71 -19.08
C PRO B 166 -27.34 -7.80 -19.90
N LEU B 167 -27.92 -8.04 -21.09
CA LEU B 167 -27.46 -9.05 -22.02
C LEU B 167 -26.20 -8.51 -22.64
N VAL B 168 -25.24 -9.39 -22.94
CA VAL B 168 -24.01 -8.94 -23.57
C VAL B 168 -23.97 -9.48 -24.97
N GLU B 169 -23.15 -8.85 -25.79
CA GLU B 169 -22.95 -9.20 -27.18
C GLU B 169 -22.40 -10.61 -27.23
N ARG B 170 -22.88 -11.41 -28.18
CA ARG B 170 -22.37 -12.78 -28.32
C ARG B 170 -20.84 -12.84 -28.50
N PRO B 171 -20.27 -11.97 -29.37
CA PRO B 171 -18.82 -12.01 -29.56
C PRO B 171 -18.07 -11.88 -28.24
N VAL B 172 -18.69 -11.24 -27.26
CA VAL B 172 -18.04 -11.04 -25.99
C VAL B 172 -18.13 -12.30 -25.16
N CYS B 173 -19.30 -12.95 -25.23
CA CYS B 173 -19.50 -14.20 -24.49
C CYS B 173 -18.57 -15.26 -25.02
N LYS B 174 -18.57 -15.43 -26.35
CA LYS B 174 -17.73 -16.44 -27.02
C LYS B 174 -16.28 -16.28 -26.58
N ALA B 175 -15.85 -15.01 -26.60
CA ALA B 175 -14.49 -14.61 -26.27
C ALA B 175 -14.15 -14.56 -24.78
N SER B 176 -15.03 -15.08 -23.93
CA SER B 176 -14.78 -15.04 -22.49
C SER B 176 -14.62 -16.41 -21.85
N THR B 177 -14.70 -17.47 -22.65
CA THR B 177 -14.59 -18.80 -22.10
C THR B 177 -14.03 -19.74 -23.15
N ARG B 178 -13.18 -20.64 -22.70
CA ARG B 178 -12.57 -21.65 -23.53
C ARG B 178 -13.68 -22.52 -24.07
N ILE B 179 -14.68 -22.73 -23.21
CA ILE B 179 -15.86 -23.57 -23.49
C ILE B 179 -16.60 -23.24 -24.77
N ARG B 180 -17.13 -24.27 -25.40
CA ARG B 180 -17.85 -24.09 -26.65
C ARG B 180 -19.17 -23.39 -26.36
N ILE B 181 -19.56 -22.44 -27.21
CA ILE B 181 -20.83 -21.75 -27.03
C ILE B 181 -21.65 -22.02 -28.27
N THR B 182 -22.92 -22.36 -28.08
CA THR B 182 -23.81 -22.64 -29.20
C THR B 182 -24.85 -21.55 -29.37
N ASP B 183 -25.73 -21.71 -30.34
CA ASP B 183 -26.73 -20.69 -30.51
C ASP B 183 -27.93 -20.94 -29.61
N ASN B 184 -27.83 -21.90 -28.70
CA ASN B 184 -28.93 -22.21 -27.77
C ASN B 184 -28.55 -21.74 -26.37
N MET B 185 -27.74 -20.69 -26.30
CA MET B 185 -27.30 -20.17 -25.01
C MET B 185 -26.71 -18.77 -25.09
N PHE B 186 -27.47 -17.78 -24.65
CA PHE B 186 -26.98 -16.41 -24.66
C PHE B 186 -26.31 -16.21 -23.32
N CYS B 187 -25.64 -15.09 -23.15
CA CYS B 187 -24.98 -14.85 -21.88
C CYS B 187 -25.34 -13.46 -21.46
N ALA B 188 -25.27 -13.21 -20.16
CA ALA B 188 -25.59 -11.90 -19.61
C ALA B 188 -24.81 -11.67 -18.32
N GLY B 189 -24.43 -10.42 -18.13
CA GLY B 189 -23.65 -10.00 -16.99
C GLY B 189 -22.96 -8.68 -17.29
N TYR B 190 -22.43 -8.02 -16.27
CA TYR B 190 -21.77 -6.74 -16.51
C TYR B 190 -20.37 -6.93 -16.99
N LYS B 191 -19.84 -5.93 -17.68
CA LYS B 191 -18.48 -6.00 -18.19
C LYS B 191 -17.62 -5.34 -17.14
N PRO B 192 -16.31 -5.65 -17.12
CA PRO B 192 -15.44 -5.04 -16.12
C PRO B 192 -15.48 -3.54 -16.29
N GLY B 193 -15.31 -2.83 -15.18
CA GLY B 193 -15.34 -1.38 -15.22
C GLY B 193 -16.73 -0.79 -15.40
N GLU B 194 -17.71 -1.62 -15.76
CA GLU B 194 -19.07 -1.15 -15.98
C GLU B 194 -19.70 -0.59 -14.71
N GLY B 195 -19.09 -0.88 -13.56
CA GLY B 195 -19.61 -0.36 -12.31
C GLY B 195 -20.53 -1.30 -11.53
N LYS B 196 -21.57 -1.79 -12.21
CA LYS B 196 -22.53 -2.69 -11.57
C LYS B 196 -22.11 -4.16 -11.65
N ARG B 197 -22.18 -4.88 -10.54
CA ARG B 197 -21.83 -6.30 -10.52
C ARG B 197 -23.15 -7.04 -10.52
N GLY B 198 -23.14 -8.32 -10.15
CA GLY B 198 -24.38 -9.08 -10.10
C GLY B 198 -24.41 -10.27 -11.02
N ASP B 199 -24.80 -11.42 -10.50
CA ASP B 199 -24.86 -12.66 -11.30
C ASP B 199 -25.46 -13.80 -10.48
N ALA B 200 -26.08 -14.76 -11.16
CA ALA B 200 -26.66 -15.89 -10.47
C ALA B 200 -25.52 -16.67 -9.86
N CYS B 201 -25.84 -17.74 -9.13
CA CYS B 201 -24.82 -18.57 -8.48
C CYS B 201 -25.41 -19.88 -8.03
N GLU B 202 -24.59 -20.77 -7.47
CA GLU B 202 -25.07 -22.07 -7.01
C GLU B 202 -26.38 -22.01 -6.24
N GLY B 203 -27.41 -22.59 -6.83
CA GLY B 203 -28.70 -22.62 -6.19
C GLY B 203 -29.72 -21.96 -7.05
N ASP B 204 -29.30 -21.33 -8.13
CA ASP B 204 -30.23 -20.68 -9.07
C ASP B 204 -30.40 -21.41 -10.38
N SER B 205 -29.68 -22.52 -10.55
CA SER B 205 -29.75 -23.32 -11.75
C SER B 205 -31.22 -23.68 -11.96
N GLY B 206 -31.81 -23.14 -13.03
CA GLY B 206 -33.20 -23.37 -13.35
C GLY B 206 -34.00 -22.09 -13.26
N GLY B 207 -33.51 -21.17 -12.46
CA GLY B 207 -34.19 -19.89 -12.33
C GLY B 207 -34.57 -19.22 -13.65
N PRO B 208 -35.76 -18.61 -13.72
CA PRO B 208 -36.13 -17.97 -14.97
C PRO B 208 -35.45 -16.62 -15.14
N PHE B 209 -34.91 -16.39 -16.33
CA PHE B 209 -34.31 -15.10 -16.64
C PHE B 209 -35.41 -14.45 -17.45
N VAL B 210 -36.16 -13.56 -16.80
CA VAL B 210 -37.25 -12.90 -17.50
C VAL B 210 -36.96 -11.45 -17.98
N MET B 211 -37.78 -11.01 -18.92
CA MET B 211 -37.71 -9.66 -19.50
C MET B 211 -39.15 -9.14 -19.78
N LYS B 212 -39.48 -7.99 -19.19
CA LYS B 212 -40.79 -7.38 -19.35
C LYS B 212 -40.86 -6.75 -20.74
N SER B 213 -42.00 -6.93 -21.39
CA SER B 213 -42.21 -6.35 -22.72
C SER B 213 -42.69 -4.93 -22.58
N PRO B 214 -42.15 -4.05 -23.41
CA PRO B 214 -42.51 -2.64 -23.37
C PRO B 214 -43.75 -2.38 -24.21
N TYR B 215 -44.27 -3.41 -24.86
CA TYR B 215 -45.44 -3.23 -25.72
C TYR B 215 -46.72 -3.74 -25.10
N ASN B 216 -46.84 -5.07 -25.00
CA ASN B 216 -48.03 -5.69 -24.43
C ASN B 216 -47.96 -5.82 -22.91
N ASN B 217 -46.92 -5.24 -22.32
CA ASN B 217 -46.71 -5.24 -20.87
C ASN B 217 -46.56 -6.57 -20.19
N ARG B 218 -46.28 -7.63 -20.94
CA ARG B 218 -46.13 -8.92 -20.32
C ARG B 218 -44.71 -9.31 -19.98
N TRP B 219 -44.52 -9.98 -18.86
CA TRP B 219 -43.21 -10.45 -18.46
C TRP B 219 -42.91 -11.75 -19.20
N TYR B 220 -41.93 -11.74 -20.09
CA TYR B 220 -41.55 -12.95 -20.81
C TYR B 220 -40.34 -13.63 -20.18
N GLN B 221 -40.20 -14.92 -20.42
CA GLN B 221 -39.04 -15.63 -19.88
C GLN B 221 -38.19 -15.96 -21.08
N MET B 222 -36.99 -15.36 -21.15
CA MET B 222 -36.07 -15.55 -22.28
C MET B 222 -34.99 -16.62 -22.11
N GLY B 223 -34.48 -16.74 -20.90
CA GLY B 223 -33.45 -17.74 -20.65
C GLY B 223 -33.55 -18.46 -19.31
N ILE B 224 -33.02 -19.66 -19.23
CA ILE B 224 -33.04 -20.41 -17.98
C ILE B 224 -31.60 -20.36 -17.49
N VAL B 225 -31.38 -20.12 -16.20
CA VAL B 225 -30.04 -20.08 -15.64
C VAL B 225 -29.41 -21.45 -15.89
N SER B 226 -28.36 -21.50 -16.72
CA SER B 226 -27.70 -22.76 -17.06
C SER B 226 -26.31 -23.02 -16.46
N TRP B 227 -25.28 -22.44 -17.06
CA TRP B 227 -23.92 -22.66 -16.53
C TRP B 227 -23.08 -21.42 -16.35
N GLY B 228 -21.99 -21.57 -15.63
CA GLY B 228 -21.13 -20.44 -15.37
C GLY B 228 -19.81 -20.78 -14.69
N GLU B 229 -18.82 -19.92 -14.92
CA GLU B 229 -17.50 -20.11 -14.36
C GLU B 229 -17.42 -19.28 -13.10
N GLY B 230 -17.77 -19.89 -11.96
CA GLY B 230 -17.70 -19.18 -10.69
C GLY B 230 -18.77 -18.13 -10.60
N CYS B 231 -18.86 -17.44 -9.48
CA CYS B 231 -19.90 -16.43 -9.32
C CYS B 231 -19.40 -15.02 -9.18
N ASP B 232 -19.98 -14.13 -9.99
CA ASP B 232 -19.66 -12.70 -10.02
C ASP B 232 -18.25 -12.38 -10.55
N ARG B 233 -17.50 -13.43 -10.87
CA ARG B 233 -16.12 -13.30 -11.34
C ARG B 233 -15.95 -12.28 -12.44
N ASP B 234 -15.02 -11.33 -12.26
CA ASP B 234 -14.73 -10.29 -13.25
C ASP B 234 -14.22 -10.92 -14.52
N GLY B 235 -14.79 -10.52 -15.65
CA GLY B 235 -14.34 -11.09 -16.91
C GLY B 235 -15.11 -12.32 -17.33
N LYS B 236 -15.99 -12.80 -16.45
CA LYS B 236 -16.81 -13.96 -16.74
C LYS B 236 -18.32 -13.59 -16.78
N TYR B 237 -19.13 -14.39 -17.49
CA TYR B 237 -20.56 -14.09 -17.63
C TYR B 237 -21.42 -15.34 -17.47
N GLY B 238 -22.69 -15.16 -17.12
CA GLY B 238 -23.56 -16.31 -16.92
C GLY B 238 -24.22 -16.73 -18.21
N PHE B 239 -24.32 -18.03 -18.43
CA PHE B 239 -24.96 -18.54 -19.65
C PHE B 239 -26.37 -19.06 -19.38
N TYR B 240 -27.32 -18.55 -20.15
CA TYR B 240 -28.71 -18.86 -20.01
C TYR B 240 -29.27 -19.61 -21.20
N THR B 241 -29.99 -20.68 -20.94
CA THR B 241 -30.57 -21.47 -22.00
C THR B 241 -31.45 -20.53 -22.77
N HIS B 242 -31.31 -20.53 -24.10
CA HIS B 242 -32.12 -19.68 -24.96
C HIS B 242 -33.49 -20.34 -25.16
N VAL B 243 -34.48 -19.89 -24.39
CA VAL B 243 -35.84 -20.45 -24.44
C VAL B 243 -36.42 -20.48 -25.84
N PHE B 244 -36.46 -19.31 -26.47
CA PHE B 244 -37.01 -19.19 -27.81
C PHE B 244 -36.52 -20.23 -28.79
N ARG B 245 -35.21 -20.47 -28.84
CA ARG B 245 -34.69 -21.47 -29.76
C ARG B 245 -35.41 -22.77 -29.49
N LEU B 246 -35.50 -23.12 -28.22
CA LEU B 246 -36.14 -24.37 -27.81
C LEU B 246 -37.67 -24.34 -27.69
N LYS B 247 -38.31 -23.22 -28.02
CA LYS B 247 -39.76 -23.09 -27.95
C LYS B 247 -40.45 -24.22 -28.69
N LYS B 248 -40.04 -24.41 -29.93
CA LYS B 248 -40.58 -25.45 -30.79
C LYS B 248 -40.67 -26.77 -29.99
N TRP B 249 -39.61 -27.10 -29.26
CA TRP B 249 -39.58 -28.31 -28.44
C TRP B 249 -40.65 -28.29 -27.38
N ILE B 250 -40.61 -27.25 -26.54
CA ILE B 250 -41.56 -27.07 -25.45
C ILE B 250 -42.94 -27.43 -25.96
N GLN B 251 -43.28 -26.90 -27.13
CA GLN B 251 -44.56 -27.20 -27.74
C GLN B 251 -44.66 -28.72 -28.03
N LYS B 252 -43.74 -29.21 -28.85
CA LYS B 252 -43.69 -30.62 -29.24
C LYS B 252 -43.99 -31.53 -28.05
N VAL B 253 -43.41 -31.18 -26.90
CA VAL B 253 -43.58 -31.93 -25.65
C VAL B 253 -45.01 -31.91 -25.13
N ILE B 254 -45.53 -30.72 -24.85
CA ILE B 254 -46.87 -30.57 -24.32
C ILE B 254 -48.00 -31.10 -25.22
N ASP B 255 -47.99 -30.75 -26.51
CA ASP B 255 -49.04 -31.18 -27.42
C ASP B 255 -49.24 -32.70 -27.56
N ARG B 256 -48.17 -33.48 -27.37
CA ARG B 256 -48.21 -34.95 -27.48
C ARG B 256 -48.99 -35.65 -26.38
N LEU B 257 -49.16 -34.96 -25.25
CA LEU B 257 -49.88 -35.51 -24.12
C LEU B 257 -51.37 -35.76 -24.39
N GLY B 258 -51.94 -34.99 -25.32
CA GLY B 258 -53.35 -35.15 -25.66
C GLY B 258 -53.93 -33.85 -26.18
N SER B 259 -54.89 -33.31 -25.45
CA SER B 259 -55.57 -32.05 -25.75
C SER B 259 -56.68 -31.84 -24.73
N SER C 1 -26.01 -21.85 -10.96
CA SER C 1 -25.77 -22.35 -12.33
C SER C 1 -24.70 -23.40 -12.15
N LEU C 2 -24.51 -24.24 -13.15
CA LEU C 2 -23.48 -25.26 -13.05
C LEU C 2 -22.15 -24.54 -12.98
N ASN C 3 -21.48 -24.62 -11.83
CA ASN C 3 -20.18 -23.98 -11.70
C ASN C 3 -19.16 -24.79 -12.49
N VAL C 4 -19.01 -24.46 -13.77
CA VAL C 4 -18.10 -25.21 -14.62
C VAL C 4 -16.70 -25.33 -14.05
N LEU C 5 -16.27 -24.38 -13.24
CA LEU C 5 -14.95 -24.44 -12.64
C LEU C 5 -14.75 -25.78 -11.95
N CYS C 6 -15.82 -26.31 -11.35
CA CYS C 6 -15.76 -27.60 -10.66
C CYS C 6 -15.27 -28.74 -11.55
N ASN C 7 -15.70 -28.77 -12.80
CA ASN C 7 -15.27 -29.84 -13.66
C ASN C 7 -13.87 -29.55 -14.16
N ASN C 8 -12.95 -30.48 -13.87
CA ASN C 8 -11.54 -30.37 -14.27
C ASN C 8 -11.39 -30.53 -15.76
N PRO C 9 -11.00 -29.45 -16.45
CA PRO C 9 -10.82 -29.44 -17.89
C PRO C 9 -9.83 -30.50 -18.35
N HIS C 10 -8.98 -30.91 -17.42
CA HIS C 10 -7.96 -31.91 -17.65
C HIS C 10 -7.06 -31.48 -18.81
N THR C 11 -6.83 -30.17 -18.91
CA THR C 11 -6.00 -29.61 -19.95
C THR C 11 -4.61 -30.22 -19.95
N ALA C 12 -4.14 -30.56 -21.15
CA ALA C 12 -2.83 -31.16 -21.39
C ALA C 12 -1.75 -30.65 -20.45
N ASP C 13 -1.26 -29.44 -20.70
CA ASP C 13 -0.25 -28.86 -19.83
C ASP C 13 -0.35 -27.36 -19.85
N CYS C 14 -0.33 -26.77 -18.66
CA CYS C 14 -0.41 -25.31 -18.52
C CYS C 14 0.85 -24.73 -19.12
N ASN C 15 0.69 -24.01 -20.24
CA ASN C 15 1.83 -23.38 -20.91
C ASN C 15 2.68 -22.53 -19.97
N ASN C 16 2.19 -21.36 -19.61
CA ASN C 16 2.90 -20.46 -18.70
C ASN C 16 2.23 -20.56 -17.32
N ASP C 17 1.85 -21.76 -16.91
CA ASP C 17 1.22 -21.99 -15.61
C ASP C 17 1.72 -23.34 -15.11
N ALA C 18 1.34 -23.72 -13.89
CA ALA C 18 1.81 -24.98 -13.37
C ALA C 18 0.69 -25.98 -13.18
N GLN C 19 1.03 -27.26 -13.32
CA GLN C 19 0.08 -28.35 -13.10
C GLN C 19 0.11 -28.59 -11.59
N VAL C 20 -0.48 -27.70 -10.80
CA VAL C 20 -0.47 -27.88 -9.37
C VAL C 20 -1.68 -28.73 -9.01
N ASP C 21 -1.69 -29.29 -7.83
CA ASP C 21 -2.82 -30.12 -7.44
C ASP C 21 -4.00 -29.24 -7.01
N ARG C 22 -5.11 -29.40 -7.69
CA ARG C 22 -6.32 -28.64 -7.40
C ARG C 22 -7.50 -29.57 -7.08
N TYR C 23 -8.52 -29.06 -6.40
CA TYR C 23 -9.67 -29.85 -6.04
C TYR C 23 -10.83 -29.51 -6.94
N PHE C 24 -11.45 -30.54 -7.50
CA PHE C 24 -12.61 -30.41 -8.40
C PHE C 24 -13.68 -31.41 -7.95
N ARG C 25 -14.86 -30.93 -7.65
CA ARG C 25 -15.95 -31.79 -7.19
C ARG C 25 -16.32 -32.93 -8.13
N GLU C 26 -15.94 -34.15 -7.75
CA GLU C 26 -16.33 -35.26 -8.57
C GLU C 26 -17.29 -36.22 -7.90
N GLY C 27 -18.28 -36.68 -8.66
CA GLY C 27 -19.26 -37.56 -8.11
C GLY C 27 -20.03 -36.83 -7.04
N THR C 28 -19.68 -37.06 -5.77
CA THR C 28 -20.38 -36.44 -4.64
C THR C 28 -19.46 -35.72 -3.68
N THR C 29 -18.28 -35.35 -4.15
CA THR C 29 -17.37 -34.59 -3.31
C THR C 29 -16.13 -34.11 -4.03
N CYS C 30 -15.44 -33.19 -3.37
CA CYS C 30 -14.23 -32.57 -3.91
C CYS C 30 -13.07 -33.52 -3.71
N LEU C 31 -12.27 -33.68 -4.75
CA LEU C 31 -11.10 -34.54 -4.74
C LEU C 31 -9.98 -33.85 -5.51
N MET C 32 -8.76 -33.95 -4.98
CA MET C 32 -7.59 -33.32 -5.58
C MET C 32 -7.08 -34.00 -6.82
N SER C 33 -7.13 -33.29 -7.94
CA SER C 33 -6.67 -33.79 -9.23
C SER C 33 -5.65 -32.76 -9.69
N PRO C 34 -4.64 -33.15 -10.48
CA PRO C 34 -3.69 -32.11 -10.91
C PRO C 34 -4.29 -31.24 -12.00
N ALA C 35 -3.86 -29.98 -12.02
CA ALA C 35 -4.36 -29.00 -12.98
C ALA C 35 -3.62 -27.68 -12.89
N CYS C 36 -4.06 -26.74 -13.71
CA CYS C 36 -3.47 -25.41 -13.73
C CYS C 36 -3.91 -24.58 -12.57
N THR C 37 -2.97 -23.88 -11.98
CA THR C 37 -3.20 -23.00 -10.83
C THR C 37 -4.51 -22.19 -10.81
N SER C 38 -5.09 -21.96 -11.98
CA SER C 38 -6.33 -21.19 -12.03
C SER C 38 -7.55 -22.11 -12.02
N GLU C 39 -7.46 -23.20 -12.77
CA GLU C 39 -8.53 -24.19 -12.90
C GLU C 39 -8.89 -24.72 -11.52
N GLY C 40 -10.17 -25.00 -11.29
CA GLY C 40 -10.62 -25.53 -10.00
C GLY C 40 -10.36 -24.65 -8.78
N TYR C 41 -10.39 -25.26 -7.60
CA TYR C 41 -10.15 -24.50 -6.39
C TYR C 41 -8.99 -25.13 -5.62
N ALA C 42 -8.45 -24.37 -4.66
CA ALA C 42 -7.30 -24.82 -3.89
C ALA C 42 -7.55 -25.42 -2.51
N SER C 43 -8.79 -25.64 -2.12
CA SER C 43 -9.01 -26.19 -0.79
C SER C 43 -10.23 -27.05 -0.68
N GLN C 44 -10.07 -28.22 -0.08
CA GLN C 44 -11.15 -29.17 0.10
C GLN C 44 -12.39 -28.36 0.43
N HIS C 45 -12.22 -27.31 1.23
CA HIS C 45 -13.35 -26.50 1.60
C HIS C 45 -13.83 -25.68 0.42
N GLU C 46 -12.96 -24.82 -0.09
CA GLU C 46 -13.37 -23.95 -1.20
C GLU C 46 -14.22 -24.61 -2.27
N CYS C 47 -13.78 -25.76 -2.76
CA CYS C 47 -14.52 -26.49 -3.78
C CYS C 47 -15.91 -26.88 -3.28
N GLN C 48 -16.00 -27.46 -2.08
CA GLN C 48 -17.32 -27.84 -1.59
C GLN C 48 -18.13 -26.61 -1.23
N GLN C 49 -17.46 -25.47 -1.13
CA GLN C 49 -18.12 -24.22 -0.84
C GLN C 49 -18.63 -23.59 -2.14
N ALA C 50 -18.15 -24.10 -3.28
CA ALA C 50 -18.54 -23.53 -4.55
C ALA C 50 -19.09 -24.50 -5.62
N CYS C 51 -19.18 -25.77 -5.27
CA CYS C 51 -19.69 -26.74 -6.21
C CYS C 51 -20.94 -27.45 -5.71
N PHE C 52 -21.27 -27.23 -4.45
CA PHE C 52 -22.44 -27.84 -3.84
C PHE C 52 -23.44 -26.74 -3.54
N VAL C 53 -24.70 -27.10 -3.32
CA VAL C 53 -25.70 -26.06 -3.01
C VAL C 53 -25.62 -25.64 -1.52
N GLY C 54 -25.08 -26.52 -0.70
CA GLY C 54 -24.90 -26.23 0.71
C GLY C 54 -26.11 -25.84 1.50
N GLY C 55 -27.27 -26.26 1.00
CA GLY C 55 -28.49 -25.97 1.74
C GLY C 55 -28.52 -26.94 2.90
N GLU C 56 -27.81 -26.63 3.99
CA GLU C 56 -27.78 -27.51 5.16
C GLU C 56 -27.59 -26.77 6.48
N ASP C 57 -28.08 -25.52 6.53
CA ASP C 57 -27.97 -24.72 7.75
C ASP C 57 -29.29 -24.74 8.54
N HIS C 58 -29.52 -23.71 9.35
CA HIS C 58 -30.75 -23.59 10.14
C HIS C 58 -32.02 -23.33 9.30
N SER C 59 -32.37 -24.33 8.49
CA SER C 59 -33.56 -24.26 7.65
C SER C 59 -34.73 -24.73 8.51
N SER C 60 -34.93 -24.10 9.69
CA SER C 60 -35.99 -24.48 10.64
C SER C 60 -37.40 -24.32 10.09
N GLU C 61 -37.80 -25.29 9.29
CA GLU C 61 -39.09 -25.31 8.65
C GLU C 61 -40.21 -25.66 9.64
N MET C 62 -39.86 -26.31 10.75
CA MET C 62 -40.88 -26.70 11.72
C MET C 62 -41.72 -25.52 12.16
N HIS C 63 -42.79 -25.34 11.39
CA HIS C 63 -43.72 -24.27 11.62
C HIS C 63 -44.46 -24.40 12.94
N SER C 64 -44.89 -23.26 13.46
CA SER C 64 -45.65 -23.23 14.69
C SER C 64 -46.86 -24.16 14.59
N SER C 65 -47.45 -24.26 13.39
CA SER C 65 -48.62 -25.11 13.23
C SER C 65 -48.36 -26.54 13.69
N CYS C 66 -47.16 -27.04 13.41
CA CYS C 66 -46.76 -28.39 13.79
C CYS C 66 -46.97 -28.69 15.27
N LEU C 67 -46.66 -27.71 16.11
CA LEU C 67 -46.80 -27.85 17.57
C LEU C 67 -48.22 -27.69 18.14
N GLY C 68 -49.22 -27.73 17.26
CA GLY C 68 -50.60 -27.60 17.69
C GLY C 68 -51.18 -28.92 18.17
N ASP C 69 -52.31 -28.85 18.88
CA ASP C 69 -52.90 -30.08 19.36
C ASP C 69 -53.46 -30.93 18.22
N PRO C 70 -53.26 -32.26 18.30
CA PRO C 70 -53.73 -33.21 17.30
C PRO C 70 -55.25 -33.14 17.15
N PRO C 71 -55.75 -33.49 15.96
CA PRO C 71 -57.19 -33.44 15.73
C PRO C 71 -57.91 -34.32 16.75
N THR C 72 -59.15 -33.96 17.03
CA THR C 72 -59.97 -34.67 18.00
C THR C 72 -61.00 -35.44 17.22
N SER C 73 -61.38 -36.62 17.70
CA SER C 73 -62.41 -37.40 17.03
C SER C 73 -63.74 -36.64 17.22
N CYS C 74 -64.21 -36.02 16.16
CA CYS C 74 -65.44 -35.25 16.19
C CYS C 74 -66.56 -35.96 15.44
N ALA C 75 -67.80 -35.64 15.82
CA ALA C 75 -69.01 -36.20 15.24
C ALA C 75 -68.92 -36.32 13.72
N GLU C 76 -68.83 -35.16 13.06
CA GLU C 76 -68.76 -35.11 11.60
C GLU C 76 -67.28 -34.99 11.19
N GLY C 77 -66.46 -35.90 11.71
CA GLY C 77 -65.05 -35.86 11.40
C GLY C 77 -64.66 -36.46 10.06
N THR C 78 -63.60 -35.94 9.46
CA THR C 78 -63.10 -36.41 8.17
C THR C 78 -61.65 -36.86 8.36
N ASP C 79 -60.99 -37.17 7.24
CA ASP C 79 -59.59 -37.55 7.24
C ASP C 79 -58.84 -36.28 7.47
N ILE C 80 -57.98 -36.26 8.48
CA ILE C 80 -57.21 -35.07 8.77
C ILE C 80 -55.75 -35.38 9.02
N THR C 81 -54.91 -34.83 8.14
CA THR C 81 -53.47 -35.01 8.21
C THR C 81 -52.92 -34.09 9.27
N TYR C 82 -52.13 -34.62 10.20
CA TYR C 82 -51.55 -33.80 11.27
C TYR C 82 -50.15 -34.27 11.62
N TYR C 83 -49.40 -33.43 12.34
CA TYR C 83 -48.04 -33.79 12.77
C TYR C 83 -48.08 -34.34 14.19
N ASP C 84 -47.62 -35.58 14.35
CA ASP C 84 -47.62 -36.21 15.64
C ASP C 84 -46.37 -35.84 16.41
N SER C 85 -46.51 -34.91 17.35
CA SER C 85 -45.37 -34.48 18.17
C SER C 85 -44.64 -35.61 18.90
N ASP C 86 -45.24 -36.80 18.90
CA ASP C 86 -44.66 -37.95 19.56
C ASP C 86 -43.79 -38.72 18.53
N SER C 87 -44.46 -39.22 17.50
CA SER C 87 -43.84 -40.02 16.45
C SER C 87 -42.92 -39.22 15.54
N LYS C 88 -42.87 -37.90 15.73
CA LYS C 88 -42.05 -37.04 14.89
C LYS C 88 -42.42 -37.31 13.40
N THR C 89 -43.70 -37.57 13.16
CA THR C 89 -44.17 -37.85 11.81
C THR C 89 -45.60 -37.35 11.60
N CYS C 90 -46.05 -37.39 10.35
CA CYS C 90 -47.39 -36.94 9.99
C CYS C 90 -48.29 -38.17 9.85
N LYS C 91 -49.53 -38.05 10.32
CA LYS C 91 -50.45 -39.16 10.27
C LYS C 91 -51.81 -38.71 9.71
N VAL C 92 -52.76 -39.63 9.64
CA VAL C 92 -54.08 -39.29 9.16
C VAL C 92 -55.11 -39.88 10.13
N LEU C 93 -55.91 -39.01 10.74
CA LEU C 93 -56.96 -39.43 11.67
C LEU C 93 -58.28 -39.34 10.94
N ALA C 94 -59.02 -40.44 10.91
CA ALA C 94 -60.31 -40.43 10.24
C ALA C 94 -61.41 -40.08 11.26
N ALA C 95 -62.48 -39.45 10.77
CA ALA C 95 -63.58 -39.02 11.63
C ALA C 95 -63.01 -38.06 12.68
N SER C 96 -62.41 -36.98 12.18
CA SER C 96 -61.80 -35.99 13.06
C SER C 96 -62.06 -34.55 12.61
N CYS C 97 -61.90 -33.64 13.56
CA CYS C 97 -62.06 -32.22 13.30
C CYS C 97 -60.84 -31.50 13.89
N PRO C 98 -60.36 -30.46 13.19
CA PRO C 98 -59.21 -29.62 13.52
C PRO C 98 -59.33 -28.88 14.87
N SER C 99 -58.36 -29.10 15.75
CA SER C 99 -58.38 -28.45 17.04
C SER C 99 -57.49 -27.20 17.01
N GLY C 100 -56.99 -26.87 15.81
CA GLY C 100 -56.15 -25.70 15.64
C GLY C 100 -55.62 -25.57 14.23
N GLU C 101 -54.33 -25.33 14.10
CA GLU C 101 -53.69 -25.22 12.79
C GLU C 101 -52.85 -26.48 12.47
N ASN C 102 -52.81 -27.46 13.38
CA ASN C 102 -52.02 -28.68 13.13
C ASN C 102 -52.80 -29.54 12.16
N THR C 103 -53.23 -28.95 11.05
CA THR C 103 -53.99 -29.66 10.05
C THR C 103 -53.44 -29.29 8.70
N PHE C 104 -52.87 -30.26 8.01
CA PHE C 104 -52.28 -30.03 6.70
C PHE C 104 -53.15 -30.72 5.69
N GLU C 105 -53.11 -30.29 4.43
CA GLU C 105 -53.95 -30.91 3.42
C GLU C 105 -53.35 -32.16 2.77
N SER C 106 -52.16 -32.57 3.18
CA SER C 106 -51.60 -33.79 2.62
C SER C 106 -50.40 -34.35 3.38
N GLU C 107 -50.10 -35.62 3.15
CA GLU C 107 -49.00 -36.27 3.84
C GLU C 107 -47.70 -35.51 3.56
N VAL C 108 -47.38 -35.33 2.28
CA VAL C 108 -46.16 -34.65 1.89
C VAL C 108 -46.07 -33.24 2.44
N GLU C 109 -47.00 -32.40 2.02
CA GLU C 109 -47.09 -31.01 2.48
C GLU C 109 -46.75 -30.93 3.98
N CYS C 110 -47.35 -31.81 4.77
CA CYS C 110 -47.08 -31.88 6.22
C CYS C 110 -45.60 -32.19 6.51
N GLN C 111 -45.13 -33.31 5.97
CA GLN C 111 -43.75 -33.77 6.15
C GLN C 111 -42.72 -32.66 5.97
N VAL C 112 -42.85 -31.87 4.91
CA VAL C 112 -41.92 -30.79 4.65
C VAL C 112 -42.14 -29.63 5.63
N ALA C 113 -43.42 -29.30 5.86
CA ALA C 113 -43.79 -28.19 6.71
C ALA C 113 -43.25 -28.39 8.12
N CYS C 114 -43.16 -29.64 8.54
CA CYS C 114 -42.63 -29.93 9.85
C CYS C 114 -41.28 -30.68 9.80
N GLY C 115 -40.70 -30.74 8.61
CA GLY C 115 -39.42 -31.39 8.43
C GLY C 115 -39.37 -32.87 8.72
N ALA C 116 -40.52 -33.50 8.94
CA ALA C 116 -40.52 -34.93 9.19
C ALA C 116 -40.07 -35.60 7.90
N PRO C 117 -39.21 -36.64 8.00
CA PRO C 117 -38.74 -37.34 6.80
C PRO C 117 -39.89 -37.72 5.87
N ILE C 118 -39.81 -37.25 4.64
CA ILE C 118 -40.82 -37.53 3.65
C ILE C 118 -40.67 -38.99 3.19
N GLU C 119 -41.81 -39.62 2.90
CA GLU C 119 -41.84 -41.01 2.46
C GLU C 119 -42.59 -41.13 1.12
N GLY C 120 -43.02 -42.35 0.82
CA GLY C 120 -43.77 -42.61 -0.39
C GLY C 120 -44.87 -43.62 -0.08
N ALA D 20 -26.58 -3.53 14.81
CA ALA D 20 -26.99 -4.80 14.13
C ALA D 20 -26.07 -5.92 14.64
N ASP D 21 -25.74 -6.86 13.76
CA ASP D 21 -24.86 -7.99 14.07
C ASP D 21 -23.60 -7.57 14.83
N CYS D 22 -23.31 -6.26 14.75
CA CYS D 22 -22.17 -5.66 15.42
C CYS D 22 -22.06 -4.18 15.07
N GLY D 23 -20.96 -3.59 15.52
CA GLY D 23 -20.60 -2.20 15.30
C GLY D 23 -21.52 -1.18 14.67
N LEU D 24 -22.72 -1.01 15.20
CA LEU D 24 -23.64 -0.04 14.63
C LEU D 24 -24.43 0.68 15.73
N ARG D 25 -24.09 1.95 15.88
CA ARG D 25 -24.66 2.83 16.89
C ARG D 25 -26.08 3.20 16.58
N PRO D 26 -26.99 2.89 17.50
CA PRO D 26 -28.43 3.16 17.42
C PRO D 26 -28.62 4.65 17.19
N LEU D 27 -28.15 5.40 18.17
CA LEU D 27 -28.26 6.84 18.14
C LEU D 27 -27.51 7.58 17.04
N PHE D 28 -26.90 6.85 16.11
CA PHE D 28 -26.14 7.51 15.03
C PHE D 28 -26.24 6.90 13.63
N GLU D 29 -25.55 5.80 13.40
CA GLU D 29 -25.58 5.17 12.09
C GLU D 29 -26.99 4.72 11.75
N LYS D 30 -27.66 4.09 12.70
CA LYS D 30 -29.01 3.62 12.47
C LYS D 30 -29.86 4.87 12.18
N LYS D 31 -29.90 5.79 13.13
CA LYS D 31 -30.66 7.04 12.98
C LYS D 31 -30.20 7.87 11.76
N GLN D 32 -29.03 7.53 11.21
CA GLN D 32 -28.46 8.24 10.05
C GLN D 32 -27.95 9.67 10.39
N VAL D 33 -27.42 9.87 11.59
CA VAL D 33 -26.89 11.17 11.99
C VAL D 33 -25.41 10.95 12.28
N GLN D 34 -24.57 11.90 11.87
CA GLN D 34 -23.13 11.79 12.07
C GLN D 34 -22.67 12.70 13.21
N ASP D 35 -21.71 12.23 14.00
CA ASP D 35 -21.19 12.99 15.12
C ASP D 35 -20.10 13.94 14.64
N GLN D 36 -19.86 15.02 15.41
CA GLN D 36 -18.85 16.03 15.09
C GLN D 36 -17.55 15.46 14.50
N THR D 37 -16.74 14.91 15.39
CA THR D 37 -15.45 14.34 15.06
C THR D 37 -15.45 13.14 14.11
N GLU D 38 -16.54 12.91 13.39
CA GLU D 38 -16.59 11.76 12.51
C GLU D 38 -15.95 12.02 11.17
N LYS D 39 -16.19 13.22 10.63
CA LYS D 39 -15.66 13.60 9.32
C LYS D 39 -14.13 13.50 9.24
N GLU D 40 -13.47 13.83 10.34
CA GLU D 40 -12.02 13.77 10.38
C GLU D 40 -11.50 12.41 9.96
N LEU D 41 -12.04 11.37 10.57
CA LEU D 41 -11.64 10.00 10.29
C LEU D 41 -11.73 9.67 8.80
N PHE D 42 -12.72 10.26 8.12
CA PHE D 42 -12.88 9.98 6.71
C PHE D 42 -11.87 10.72 5.86
N GLU D 43 -11.68 12.00 6.12
CA GLU D 43 -10.72 12.79 5.36
C GLU D 43 -9.32 12.14 5.40
N SER D 44 -8.99 11.55 6.53
CA SER D 44 -7.69 10.90 6.72
C SER D 44 -7.52 9.65 5.86
N TYR D 45 -8.59 9.24 5.18
CA TYR D 45 -8.54 8.07 4.32
C TYR D 45 -8.08 8.37 2.90
N ILE D 46 -7.45 9.53 2.72
CA ILE D 46 -6.91 9.95 1.44
C ILE D 46 -5.75 9.03 1.05
N GLU D 47 -6.08 7.82 0.57
CA GLU D 47 -5.08 6.84 0.19
C GLU D 47 -5.76 5.59 -0.33
N ILE E 1 -8.10 11.77 28.89
CA ILE E 1 -7.59 11.86 27.50
C ILE E 1 -6.99 13.25 27.31
N VAL E 2 -5.69 13.32 27.03
CA VAL E 2 -5.05 14.63 26.86
C VAL E 2 -5.45 15.35 25.56
N GLU E 3 -5.98 16.55 25.75
CA GLU E 3 -6.43 17.43 24.68
C GLU E 3 -7.66 16.94 23.92
N GLY E 4 -8.36 15.98 24.51
CA GLY E 4 -9.53 15.46 23.83
C GLY E 4 -10.72 16.37 24.10
N GLN E 5 -11.92 15.82 24.00
CA GLN E 5 -13.12 16.58 24.26
C GLN E 5 -14.31 15.72 24.70
N ASP E 6 -15.31 16.37 25.29
CA ASP E 6 -16.52 15.71 25.74
C ASP E 6 -17.13 14.93 24.59
N ALA E 7 -17.47 13.68 24.89
CA ALA E 7 -18.07 12.77 23.91
C ALA E 7 -19.59 12.87 23.91
N GLU E 8 -20.19 12.89 22.72
CA GLU E 8 -21.64 12.98 22.59
C GLU E 8 -22.32 11.77 23.20
N VAL E 9 -23.46 11.99 23.83
CA VAL E 9 -24.21 10.91 24.44
C VAL E 9 -24.48 9.78 23.45
N GLY E 10 -24.08 8.59 23.83
CA GLY E 10 -24.28 7.42 22.99
C GLY E 10 -23.24 7.22 21.90
N LEU E 11 -22.28 8.13 21.84
CA LEU E 11 -21.21 8.08 20.84
C LEU E 11 -20.38 6.79 20.90
N SER E 12 -20.25 6.20 22.08
CA SER E 12 -19.46 4.97 22.22
C SER E 12 -20.15 3.89 23.06
N PRO E 13 -21.19 3.27 22.50
CA PRO E 13 -22.00 2.22 23.12
C PRO E 13 -21.27 0.96 23.58
N TRP E 14 -19.99 0.83 23.19
CA TRP E 14 -19.18 -0.32 23.56
C TRP E 14 -18.26 -0.06 24.77
N GLN E 15 -18.19 1.21 25.16
CA GLN E 15 -17.38 1.61 26.30
C GLN E 15 -17.82 0.82 27.52
N VAL E 16 -16.86 0.39 28.29
CA VAL E 16 -17.16 -0.40 29.45
C VAL E 16 -16.26 0.05 30.59
N MET E 17 -16.80 0.76 31.56
CA MET E 17 -15.97 1.16 32.68
C MET E 17 -15.65 -0.14 33.41
N LEU E 18 -14.44 -0.30 33.90
CA LEU E 18 -14.11 -1.50 34.62
C LEU E 18 -13.98 -0.94 36.01
N PHE E 19 -14.99 -1.17 36.84
CA PHE E 19 -15.06 -0.66 38.22
C PHE E 19 -14.47 -1.63 39.24
N ARG E 20 -14.07 -1.11 40.39
CA ARG E 20 -13.50 -1.93 41.48
C ARG E 20 -14.38 -1.87 42.71
N LYS E 21 -14.84 -3.04 43.19
CA LYS E 21 -15.70 -3.21 44.36
C LYS E 21 -15.38 -2.39 45.63
N SER E 22 -14.21 -2.61 46.21
CA SER E 22 -13.81 -1.90 47.43
C SER E 22 -12.31 -1.58 47.42
N PRO E 23 -11.95 -0.28 47.36
CA PRO E 23 -12.86 0.86 47.29
C PRO E 23 -13.56 0.94 45.94
N GLN E 24 -14.70 1.63 45.94
CA GLN E 24 -15.50 1.82 44.74
C GLN E 24 -14.76 2.83 43.89
N GLU E 25 -13.86 2.35 43.03
CA GLU E 25 -13.07 3.25 42.19
C GLU E 25 -13.02 2.80 40.76
N LEU E 26 -12.37 3.61 39.93
CA LEU E 26 -12.21 3.32 38.50
C LEU E 26 -10.85 2.71 38.25
N LEU E 27 -10.88 1.52 37.67
CA LEU E 27 -9.67 0.77 37.38
C LEU E 27 -9.17 0.90 35.96
N CYS E 28 -10.09 0.86 34.99
CA CYS E 28 -9.73 0.93 33.58
C CYS E 28 -10.88 1.35 32.65
N GLY E 29 -10.93 0.70 31.49
CA GLY E 29 -11.96 0.97 30.50
C GLY E 29 -11.93 -0.24 29.60
N ALA E 30 -12.89 -0.39 28.68
CA ALA E 30 -12.91 -1.57 27.83
C ALA E 30 -14.04 -1.54 26.84
N SER E 31 -14.02 -2.46 25.87
CA SER E 31 -15.03 -2.54 24.83
C SER E 31 -15.99 -3.73 25.01
N LEU E 32 -17.22 -3.56 24.56
CA LEU E 32 -18.17 -4.64 24.66
C LEU E 32 -18.20 -5.31 23.28
N ILE E 33 -17.52 -6.45 23.15
CA ILE E 33 -17.46 -7.16 21.86
C ILE E 33 -18.69 -7.98 21.58
N SER E 34 -19.54 -8.14 22.58
CA SER E 34 -20.78 -8.90 22.42
C SER E 34 -21.47 -8.87 23.77
N ASP E 35 -22.80 -8.86 23.75
CA ASP E 35 -23.60 -8.83 24.98
C ASP E 35 -23.04 -9.75 26.08
N ARG E 36 -22.36 -10.82 25.66
CA ARG E 36 -21.79 -11.77 26.60
C ARG E 36 -20.41 -11.35 27.07
N TRP E 37 -19.54 -11.06 26.11
CA TRP E 37 -18.14 -10.71 26.37
C TRP E 37 -17.69 -9.25 26.37
N VAL E 38 -16.58 -9.04 27.09
CA VAL E 38 -15.92 -7.75 27.22
C VAL E 38 -14.45 -7.97 26.96
N LEU E 39 -13.91 -7.12 26.11
CA LEU E 39 -12.48 -7.14 25.74
C LEU E 39 -11.70 -5.98 26.40
N THR E 40 -10.68 -6.31 27.19
CA THR E 40 -9.90 -5.28 27.86
C THR E 40 -8.40 -5.59 27.78
N ALA E 41 -7.57 -4.67 28.27
CA ALA E 41 -6.14 -4.84 28.21
C ALA E 41 -5.65 -5.60 29.42
N ALA E 42 -5.01 -6.74 29.18
CA ALA E 42 -4.54 -7.59 30.26
C ALA E 42 -3.89 -6.89 31.49
N HIS E 43 -2.87 -6.09 31.26
CA HIS E 43 -2.22 -5.45 32.40
C HIS E 43 -3.22 -4.71 33.30
N CYS E 44 -4.45 -4.54 32.85
CA CYS E 44 -5.43 -3.88 33.67
C CYS E 44 -5.70 -4.69 34.95
N LEU E 45 -5.64 -6.02 34.81
CA LEU E 45 -5.92 -6.94 35.90
C LEU E 45 -4.65 -7.60 36.46
N LEU E 46 -3.68 -7.82 35.59
CA LEU E 46 -2.46 -8.48 36.05
C LEU E 46 -1.19 -7.73 35.74
N TYR E 47 -0.52 -7.28 36.80
CA TYR E 47 0.75 -6.57 36.69
C TYR E 47 1.41 -6.57 38.07
N PRO E 48 2.01 -7.72 38.44
CA PRO E 48 2.68 -7.91 39.72
C PRO E 48 3.52 -6.74 40.21
N PRO E 49 4.38 -6.18 39.37
CA PRO E 49 5.22 -5.05 39.79
C PRO E 49 4.52 -3.92 40.53
N TRP E 50 3.20 -3.90 40.49
CA TRP E 50 2.45 -2.86 41.17
C TRP E 50 1.38 -3.44 42.09
N ASP E 51 1.63 -4.62 42.67
CA ASP E 51 0.66 -5.27 43.55
C ASP E 51 -0.69 -5.30 42.85
N LYS E 52 -0.68 -5.76 41.60
CA LYS E 52 -1.89 -5.78 40.78
C LYS E 52 -2.31 -7.16 40.22
N ASN E 53 -3.10 -7.90 40.97
CA ASN E 53 -3.61 -9.18 40.50
C ASN E 53 -5.07 -9.23 40.94
N PHE E 54 -5.93 -8.82 40.02
CA PHE E 54 -7.35 -8.76 40.26
C PHE E 54 -8.09 -10.02 39.89
N THR E 55 -8.92 -10.48 40.81
CA THR E 55 -9.71 -11.66 40.60
C THR E 55 -11.12 -11.18 40.37
N VAL E 56 -11.94 -12.05 39.79
CA VAL E 56 -13.33 -11.74 39.49
C VAL E 56 -14.10 -11.21 40.67
N ASP E 57 -13.63 -11.51 41.88
CA ASP E 57 -14.33 -11.06 43.07
C ASP E 57 -13.90 -9.68 43.50
N ASP E 58 -13.66 -8.82 42.54
CA ASP E 58 -13.22 -7.45 42.82
C ASP E 58 -13.72 -6.53 41.72
N LEU E 59 -13.80 -7.06 40.52
CA LEU E 59 -14.19 -6.28 39.39
C LEU E 59 -15.68 -6.23 39.12
N LEU E 60 -16.14 -5.03 38.83
CA LEU E 60 -17.52 -4.78 38.50
C LEU E 60 -17.39 -4.11 37.15
N VAL E 61 -18.35 -4.34 36.27
CA VAL E 61 -18.32 -3.72 34.96
C VAL E 61 -19.54 -2.81 34.76
N ARG E 62 -19.37 -1.49 34.87
CA ARG E 62 -20.50 -0.56 34.65
C ARG E 62 -20.51 -0.32 33.12
N ILE E 63 -21.59 -0.66 32.43
CA ILE E 63 -21.61 -0.50 30.99
C ILE E 63 -22.56 0.56 30.49
N GLY E 64 -22.15 1.27 29.45
CA GLY E 64 -22.99 2.31 28.88
C GLY E 64 -23.04 3.57 29.70
N LYS E 65 -21.96 3.90 30.40
CA LYS E 65 -21.96 5.13 31.16
C LYS E 65 -21.56 6.30 30.25
N HIS E 66 -21.50 7.50 30.81
CA HIS E 66 -21.15 8.67 30.06
C HIS E 66 -20.52 9.56 31.11
N SER E 67 -21.21 9.87 32.19
CA SER E 67 -20.53 10.64 33.20
C SER E 67 -19.56 9.68 33.87
N ARG E 68 -18.49 10.22 34.44
CA ARG E 68 -17.45 9.39 35.05
C ARG E 68 -17.86 8.83 36.39
N THR E 69 -18.54 9.65 37.19
CA THR E 69 -18.93 9.23 38.53
C THR E 69 -20.41 8.97 38.75
N ARG E 70 -21.22 10.04 38.63
CA ARG E 70 -22.66 9.93 38.86
C ARG E 70 -23.36 8.73 38.24
N TYR E 71 -24.11 8.03 39.08
CA TYR E 71 -24.88 6.85 38.70
C TYR E 71 -25.92 7.32 37.69
N GLU E 72 -25.98 6.65 36.54
CA GLU E 72 -26.92 7.01 35.49
C GLU E 72 -28.16 6.10 35.50
N ARG E 73 -29.06 6.39 36.44
CA ARG E 73 -30.32 5.67 36.67
C ARG E 73 -30.68 4.43 35.86
N LYS E 74 -31.25 4.68 34.68
CA LYS E 74 -31.70 3.57 33.82
C LYS E 74 -30.89 3.39 32.55
N VAL E 75 -29.67 3.91 32.53
CA VAL E 75 -28.82 3.79 31.35
C VAL E 75 -27.72 2.76 31.55
N GLU E 76 -26.83 3.04 32.49
CA GLU E 76 -25.75 2.12 32.73
C GLU E 76 -26.33 0.84 33.25
N LYS E 77 -25.77 -0.27 32.77
CA LYS E 77 -26.24 -1.58 33.15
C LYS E 77 -25.11 -2.32 33.85
N ILE E 78 -24.90 -2.02 35.13
CA ILE E 78 -23.84 -2.67 35.93
C ILE E 78 -23.75 -4.17 35.71
N SER E 79 -22.62 -4.79 36.04
CA SER E 79 -22.52 -6.24 35.86
C SER E 79 -21.34 -6.82 36.55
N MET E 80 -21.45 -8.09 36.92
CA MET E 80 -20.38 -8.81 37.56
C MET E 80 -19.87 -9.76 36.48
N LEU E 81 -18.65 -10.26 36.62
CA LEU E 81 -18.09 -11.13 35.60
C LEU E 81 -18.29 -12.60 35.91
N ASP E 82 -17.65 -13.47 35.15
CA ASP E 82 -17.74 -14.89 35.39
C ASP E 82 -16.35 -15.49 35.25
N LYS E 83 -15.66 -15.16 34.16
CA LYS E 83 -14.31 -15.65 33.93
C LYS E 83 -13.40 -14.58 33.36
N ILE E 84 -12.12 -14.71 33.71
CA ILE E 84 -11.08 -13.80 33.25
C ILE E 84 -10.03 -14.62 32.51
N TYR E 85 -9.82 -14.32 31.23
CA TYR E 85 -8.81 -15.02 30.45
C TYR E 85 -7.81 -14.01 29.94
N ILE E 86 -6.54 -14.23 30.25
CA ILE E 86 -5.46 -13.36 29.79
C ILE E 86 -4.61 -14.21 28.83
N HIS E 87 -3.94 -13.56 27.89
CA HIS E 87 -3.11 -14.28 26.92
C HIS E 87 -1.99 -15.03 27.64
N PRO E 88 -1.84 -16.32 27.34
CA PRO E 88 -0.79 -17.11 28.00
C PRO E 88 0.60 -16.55 27.76
N ARG E 89 0.80 -15.95 26.58
CA ARG E 89 2.09 -15.38 26.24
C ARG E 89 2.15 -13.90 26.56
N TYR E 90 1.51 -13.52 27.66
CA TYR E 90 1.46 -12.14 28.14
C TYR E 90 2.82 -11.81 28.82
N ASN E 91 3.61 -10.98 28.15
CA ASN E 91 4.93 -10.60 28.67
C ASN E 91 4.94 -9.30 29.45
N TRP E 92 4.33 -9.34 30.64
CA TRP E 92 4.25 -8.16 31.49
C TRP E 92 5.59 -7.65 31.98
N LYS E 93 6.52 -8.57 32.19
CA LYS E 93 7.87 -8.24 32.69
C LYS E 93 8.75 -7.46 31.71
N GLU E 94 8.66 -7.78 30.42
CA GLU E 94 9.48 -7.09 29.46
C GLU E 94 8.81 -5.86 28.83
N ASN E 95 7.97 -6.09 27.83
CA ASN E 95 7.30 -4.99 27.12
C ASN E 95 5.82 -5.20 26.87
N LEU E 96 5.12 -5.79 27.83
CA LEU E 96 3.68 -5.99 27.74
C LEU E 96 3.17 -6.55 26.44
N ASP E 97 3.85 -7.55 25.88
CA ASP E 97 3.40 -8.11 24.64
C ASP E 97 2.08 -8.85 24.90
N ARG E 98 1.15 -8.66 23.96
CA ARG E 98 -0.16 -9.32 24.03
C ARG E 98 -0.91 -8.88 25.29
N ASP E 99 -1.09 -7.57 25.42
CA ASP E 99 -1.76 -7.03 26.57
C ASP E 99 -3.21 -7.13 26.27
N ILE E 100 -3.72 -8.36 26.25
CA ILE E 100 -5.13 -8.62 25.96
C ILE E 100 -5.73 -9.58 26.97
N ALA E 101 -7.01 -9.39 27.26
CA ALA E 101 -7.74 -10.21 28.23
C ALA E 101 -9.23 -10.15 27.94
N LEU E 102 -9.92 -11.26 28.18
CA LEU E 102 -11.35 -11.35 27.96
C LEU E 102 -12.04 -11.55 29.28
N LEU E 103 -13.11 -10.78 29.47
CA LEU E 103 -13.91 -10.86 30.68
C LEU E 103 -15.33 -11.33 30.29
N LYS E 104 -15.72 -12.48 30.83
CA LYS E 104 -17.05 -13.03 30.54
C LYS E 104 -18.10 -12.47 31.49
N LEU E 105 -18.99 -11.61 30.99
CA LEU E 105 -20.03 -11.03 31.85
C LEU E 105 -20.88 -12.20 32.29
N LYS E 106 -21.33 -12.16 33.55
CA LYS E 106 -22.18 -13.23 34.12
C LYS E 106 -23.52 -13.42 33.39
N ARG E 107 -24.22 -12.34 33.08
CA ARG E 107 -25.48 -12.47 32.37
C ARG E 107 -25.52 -11.57 31.16
N PRO E 108 -25.71 -12.16 29.97
CA PRO E 108 -25.76 -11.41 28.72
C PRO E 108 -26.49 -10.08 28.84
N ILE E 109 -25.74 -9.02 28.54
CA ILE E 109 -26.24 -7.65 28.62
C ILE E 109 -27.53 -7.48 27.83
N GLU E 110 -28.39 -6.58 28.28
CA GLU E 110 -29.61 -6.31 27.55
C GLU E 110 -29.21 -5.22 26.60
N LEU E 111 -28.86 -5.60 25.38
CA LEU E 111 -28.47 -4.61 24.37
C LEU E 111 -29.52 -3.50 24.28
N SER E 112 -29.07 -2.27 24.05
CA SER E 112 -29.99 -1.16 23.99
C SER E 112 -29.40 0.06 23.29
N ASP E 113 -30.17 1.15 23.27
CA ASP E 113 -29.75 2.40 22.63
C ASP E 113 -28.40 2.98 23.04
N TYR E 114 -27.92 2.59 24.20
CA TYR E 114 -26.63 3.09 24.68
C TYR E 114 -25.61 1.97 24.83
N ILE E 115 -26.08 0.73 24.94
CA ILE E 115 -25.19 -0.43 25.06
C ILE E 115 -25.22 -1.18 23.74
N HIS E 116 -24.14 -1.06 22.96
CA HIS E 116 -24.06 -1.79 21.69
C HIS E 116 -22.61 -2.14 21.37
N PRO E 117 -22.39 -3.35 20.84
CA PRO E 117 -21.10 -3.91 20.45
C PRO E 117 -20.41 -3.38 19.20
N VAL E 118 -19.09 -3.47 19.20
CA VAL E 118 -18.26 -3.04 18.08
C VAL E 118 -18.19 -4.22 17.13
N CYS E 119 -17.14 -4.25 16.31
CA CYS E 119 -16.96 -5.35 15.37
C CYS E 119 -15.47 -5.59 15.37
N LEU E 120 -15.05 -6.81 15.69
CA LEU E 120 -13.62 -7.11 15.65
C LEU E 120 -13.24 -7.12 14.16
N PRO E 121 -12.04 -6.62 13.84
CA PRO E 121 -11.61 -6.60 12.45
C PRO E 121 -11.19 -7.97 11.90
N ASP E 122 -11.23 -8.10 10.58
CA ASP E 122 -10.85 -9.30 9.87
C ASP E 122 -9.96 -8.84 8.72
N LYS E 123 -9.20 -9.80 8.16
CA LYS E 123 -8.28 -9.55 7.05
C LYS E 123 -8.69 -8.37 6.18
N GLN E 124 -9.80 -8.51 5.47
CA GLN E 124 -10.28 -7.44 4.59
C GLN E 124 -10.35 -6.07 5.28
N THR E 125 -11.24 -5.95 6.26
CA THR E 125 -11.42 -4.71 6.98
C THR E 125 -10.12 -4.15 7.44
N ALA E 126 -9.30 -5.04 8.01
CA ALA E 126 -7.98 -4.68 8.53
C ALA E 126 -7.05 -4.08 7.47
N ALA E 127 -6.79 -4.87 6.43
CA ALA E 127 -5.93 -4.48 5.34
C ALA E 127 -6.24 -3.09 4.79
N LYS E 128 -7.51 -2.77 4.66
CA LYS E 128 -7.86 -1.45 4.12
C LYS E 128 -7.63 -0.29 5.09
N LEU E 129 -7.96 -0.51 6.35
CA LEU E 129 -7.86 0.55 7.36
C LEU E 129 -6.52 0.75 8.06
N LEU E 130 -5.70 -0.31 8.15
CA LEU E 130 -4.44 -0.19 8.82
C LEU E 130 -3.25 0.34 8.03
N HIS E 131 -3.33 1.62 7.67
CA HIS E 131 -2.29 2.32 6.91
C HIS E 131 -2.00 3.57 7.67
N ALA E 132 -0.72 3.88 7.83
CA ALA E 132 -0.27 5.07 8.58
C ALA E 132 -0.78 6.38 8.01
N GLY E 133 -1.26 7.23 8.89
CA GLY E 133 -1.81 8.49 8.42
C GLY E 133 -3.29 8.47 8.78
N PHE E 134 -3.93 7.33 8.54
CA PHE E 134 -5.35 7.11 8.81
C PHE E 134 -5.60 7.35 10.29
N LYS E 135 -6.65 8.09 10.63
CA LYS E 135 -6.95 8.37 12.03
C LYS E 135 -7.81 7.29 12.71
N GLY E 136 -7.91 7.40 14.04
CA GLY E 136 -8.66 6.46 14.84
C GLY E 136 -9.25 7.18 16.05
N ARG E 137 -10.17 6.54 16.76
CA ARG E 137 -10.79 7.18 17.93
C ARG E 137 -10.55 6.45 19.26
N VAL E 138 -9.98 7.17 20.21
CA VAL E 138 -9.68 6.65 21.56
C VAL E 138 -10.55 7.41 22.54
N THR E 139 -11.31 6.67 23.35
CA THR E 139 -12.25 7.26 24.29
C THR E 139 -12.11 6.58 25.61
N GLY E 140 -11.91 7.38 26.66
CA GLY E 140 -11.73 6.85 28.00
C GLY E 140 -12.07 7.87 29.06
N TRP E 141 -12.14 7.47 30.34
CA TRP E 141 -12.47 8.40 31.43
C TRP E 141 -11.26 8.90 32.18
N GLY E 142 -10.09 8.77 31.55
CA GLY E 142 -8.88 9.15 32.24
C GLY E 142 -8.63 10.61 32.47
N ASN E 143 -7.55 10.89 33.18
CA ASN E 143 -7.15 12.25 33.50
C ASN E 143 -6.81 13.01 32.21
N ARG E 144 -6.84 14.34 32.31
CA ARG E 144 -6.51 15.21 31.18
C ARG E 144 -5.00 15.55 31.05
N ARG E 145 -4.26 15.48 32.16
CA ARG E 145 -2.85 15.81 32.18
C ARG E 145 -2.00 14.75 32.90
N GLU E 146 -0.72 14.70 32.55
CA GLU E 146 0.23 13.75 33.11
C GLU E 146 0.57 14.09 34.52
N THR E 147 0.72 15.40 34.76
CA THR E 147 1.03 15.94 36.08
C THR E 147 0.38 17.30 36.05
N TRP E 148 0.20 17.92 37.20
CA TRP E 148 -0.47 19.23 37.24
C TRP E 148 -0.30 19.98 38.55
N THR E 149 -0.86 21.17 38.59
CA THR E 149 -0.78 22.01 39.78
C THR E 149 -2.16 22.44 40.28
N THR E 150 -2.47 22.06 41.50
CA THR E 150 -3.73 22.39 42.15
C THR E 150 -4.97 22.20 41.24
N SER E 151 -5.07 21.02 40.63
CA SER E 151 -6.19 20.68 39.75
C SER E 151 -6.51 21.74 38.71
N VAL E 152 -5.49 22.47 38.26
CA VAL E 152 -5.64 23.52 37.27
C VAL E 152 -6.44 23.05 36.05
N ALA E 153 -7.49 23.82 35.73
CA ALA E 153 -8.38 23.55 34.60
C ALA E 153 -9.03 22.18 34.73
N GLU E 154 -9.03 21.66 35.97
CA GLU E 154 -9.56 20.34 36.32
C GLU E 154 -9.03 19.18 35.50
N VAL E 155 -8.38 18.27 36.19
CA VAL E 155 -7.76 17.09 35.59
C VAL E 155 -8.69 15.96 35.22
N GLN E 156 -9.49 15.48 36.17
CA GLN E 156 -10.43 14.38 35.92
C GLN E 156 -11.71 14.90 35.21
N PRO E 157 -12.01 14.35 34.02
CA PRO E 157 -13.15 14.73 33.20
C PRO E 157 -14.51 14.36 33.75
N SER E 158 -15.47 15.24 33.49
CA SER E 158 -16.86 15.05 33.92
C SER E 158 -17.44 13.86 33.19
N VAL E 159 -17.42 13.88 31.87
CA VAL E 159 -17.95 12.76 31.11
C VAL E 159 -16.93 12.10 30.21
N LEU E 160 -17.36 11.05 29.53
CA LEU E 160 -16.52 10.31 28.63
C LEU E 160 -15.86 11.31 27.71
N GLN E 161 -14.60 11.08 27.34
CA GLN E 161 -13.87 11.96 26.44
C GLN E 161 -13.51 11.24 25.12
N VAL E 162 -13.25 12.04 24.08
CA VAL E 162 -12.90 11.48 22.79
C VAL E 162 -11.75 12.25 22.12
N VAL E 163 -11.01 11.57 21.24
CA VAL E 163 -9.89 12.15 20.48
C VAL E 163 -9.50 11.23 19.34
N ASN E 164 -9.58 11.73 18.11
CA ASN E 164 -9.20 10.93 16.94
C ASN E 164 -7.70 11.13 16.69
N LEU E 165 -6.94 10.06 16.85
CA LEU E 165 -5.49 10.09 16.67
C LEU E 165 -5.18 9.29 15.43
N PRO E 166 -4.23 9.78 14.63
CA PRO E 166 -3.82 9.12 13.40
C PRO E 166 -2.78 8.10 13.76
N LEU E 167 -2.74 7.01 12.99
CA LEU E 167 -1.77 5.95 13.17
C LEU E 167 -0.44 6.42 12.60
N VAL E 168 0.66 6.04 13.23
CA VAL E 168 1.95 6.41 12.71
C VAL E 168 2.66 5.19 12.09
N GLU E 169 3.63 5.48 11.24
CA GLU E 169 4.44 4.46 10.58
C GLU E 169 5.18 3.73 11.69
N ARG E 170 5.27 2.40 11.54
CA ARG E 170 5.96 1.60 12.51
C ARG E 170 7.41 2.04 12.70
N PRO E 171 8.12 2.34 11.59
CA PRO E 171 9.51 2.75 11.80
C PRO E 171 9.68 3.95 12.73
N VAL E 172 8.64 4.76 12.83
CA VAL E 172 8.70 5.93 13.70
C VAL E 172 8.42 5.53 15.14
N CYS E 173 7.49 4.58 15.33
CA CYS E 173 7.16 4.07 16.67
C CYS E 173 8.37 3.33 17.25
N LYS E 174 8.98 2.45 16.44
CA LYS E 174 10.15 1.68 16.86
C LYS E 174 11.24 2.64 17.32
N ALA E 175 11.45 3.65 16.47
CA ALA E 175 12.47 4.66 16.69
C ALA E 175 12.14 5.71 17.72
N SER E 176 11.07 5.53 18.48
CA SER E 176 10.73 6.54 19.47
C SER E 176 10.79 6.05 20.92
N THR E 177 11.26 4.83 21.13
CA THR E 177 11.33 4.34 22.47
C THR E 177 12.42 3.29 22.54
N ARG E 178 13.14 3.28 23.64
CA ARG E 178 14.20 2.30 23.82
C ARG E 178 13.54 0.92 23.96
N ILE E 179 12.32 0.89 24.49
CA ILE E 179 11.53 -0.31 24.71
C ILE E 179 11.32 -1.15 23.47
N ARG E 180 11.26 -2.47 23.65
CA ARG E 180 11.06 -3.39 22.54
C ARG E 180 9.65 -3.27 21.97
N ILE E 181 9.52 -3.32 20.65
CA ILE E 181 8.20 -3.22 20.03
C ILE E 181 7.99 -4.49 19.23
N THR E 182 6.83 -5.10 19.37
CA THR E 182 6.57 -6.33 18.65
C THR E 182 5.53 -6.10 17.58
N ASP E 183 5.17 -7.15 16.86
CA ASP E 183 4.18 -6.97 15.83
C ASP E 183 2.77 -7.10 16.40
N ASN E 184 2.65 -7.10 17.73
CA ASN E 184 1.34 -7.18 18.38
C ASN E 184 1.03 -5.85 19.06
N MET E 185 1.55 -4.77 18.50
CA MET E 185 1.33 -3.46 19.07
C MET E 185 1.66 -2.36 18.11
N PHE E 186 0.62 -1.67 17.63
CA PHE E 186 0.83 -0.56 16.72
C PHE E 186 0.85 0.64 17.64
N CYS E 187 1.24 1.79 17.12
CA CYS E 187 1.26 3.00 17.92
C CYS E 187 0.54 4.03 17.13
N ALA E 188 0.05 5.04 17.83
CA ALA E 188 -0.66 6.14 17.20
C ALA E 188 -0.47 7.42 18.01
N GLY E 189 -0.42 8.54 17.31
CA GLY E 189 -0.23 9.84 17.92
C GLY E 189 0.30 10.87 16.91
N TYR E 190 0.17 12.15 17.21
CA TYR E 190 0.67 13.12 16.28
C TYR E 190 2.19 13.23 16.35
N LYS E 191 2.81 13.71 15.28
CA LYS E 191 4.26 13.88 15.29
C LYS E 191 4.47 15.30 15.72
N PRO E 192 5.72 15.67 16.11
CA PRO E 192 6.00 17.05 16.54
C PRO E 192 5.78 18.00 15.36
N GLY E 193 5.39 19.23 15.67
CA GLY E 193 5.14 20.18 14.61
C GLY E 193 3.87 19.88 13.81
N GLU E 194 3.28 18.70 13.99
CA GLU E 194 2.07 18.36 13.24
C GLU E 194 0.88 19.25 13.59
N GLY E 195 1.04 20.06 14.63
CA GLY E 195 -0.03 20.97 15.03
C GLY E 195 -1.05 20.43 16.01
N LYS E 196 -1.62 19.28 15.72
CA LYS E 196 -2.60 18.69 16.59
C LYS E 196 -1.98 17.76 17.66
N ARG E 197 -2.40 17.95 18.92
CA ARG E 197 -1.92 17.10 20.02
C ARG E 197 -2.98 16.02 20.31
N GLY E 198 -2.90 15.41 21.49
CA GLY E 198 -3.90 14.41 21.84
C GLY E 198 -3.34 13.02 22.07
N ASP E 199 -3.73 12.40 23.18
CA ASP E 199 -3.25 11.07 23.52
C ASP E 199 -3.97 10.53 24.77
N ALA E 200 -4.11 9.21 24.87
CA ALA E 200 -4.74 8.62 26.02
C ALA E 200 -3.87 8.92 27.20
N CYS E 201 -4.28 8.46 28.36
CA CYS E 201 -3.53 8.67 29.59
C CYS E 201 -4.11 7.81 30.74
N GLU E 202 -3.44 7.85 31.90
CA GLU E 202 -3.83 7.06 33.07
C GLU E 202 -5.33 7.07 33.29
N GLY E 203 -5.92 5.89 33.12
CA GLY E 203 -7.35 5.72 33.29
C GLY E 203 -8.01 5.19 32.02
N ASP E 204 -7.28 5.22 30.91
CA ASP E 204 -7.82 4.74 29.63
C ASP E 204 -7.31 3.37 29.26
N SER E 205 -6.42 2.80 30.08
CA SER E 205 -5.88 1.46 29.82
C SER E 205 -7.08 0.50 29.61
N GLY E 206 -7.21 -0.01 28.39
CA GLY E 206 -8.29 -0.92 28.09
C GLY E 206 -9.21 -0.31 27.07
N GLY E 207 -9.14 1.02 26.98
CA GLY E 207 -10.00 1.77 26.06
C GLY E 207 -10.01 1.23 24.66
N PRO E 208 -11.15 1.20 23.97
CA PRO E 208 -11.08 0.67 22.63
C PRO E 208 -10.63 1.76 21.64
N PHE E 209 -9.64 1.45 20.83
CA PHE E 209 -9.15 2.36 19.80
C PHE E 209 -9.90 1.86 18.56
N VAL E 210 -11.00 2.55 18.23
CA VAL E 210 -11.84 2.16 17.10
C VAL E 210 -11.59 2.98 15.85
N MET E 211 -12.07 2.44 14.72
CA MET E 211 -11.94 3.01 13.39
C MET E 211 -13.16 2.62 12.57
N LYS E 212 -13.85 3.63 12.05
CA LYS E 212 -15.07 3.47 11.23
C LYS E 212 -14.73 3.02 9.81
N SER E 213 -15.37 1.96 9.33
CA SER E 213 -15.11 1.48 7.99
C SER E 213 -15.80 2.38 6.98
N PRO E 214 -15.11 2.69 5.87
CA PRO E 214 -15.71 3.55 4.84
C PRO E 214 -16.51 2.71 3.81
N TYR E 215 -16.57 1.38 4.02
CA TYR E 215 -17.28 0.52 3.10
C TYR E 215 -18.62 0.03 3.64
N ASN E 216 -18.56 -0.85 4.64
CA ASN E 216 -19.76 -1.41 5.26
C ASN E 216 -20.29 -0.56 6.39
N ASN E 217 -19.70 0.63 6.55
CA ASN E 217 -20.10 1.60 7.57
C ASN E 217 -20.04 1.16 9.05
N ARG E 218 -19.34 0.08 9.34
CA ARG E 218 -19.27 -0.39 10.71
C ARG E 218 -18.06 0.14 11.46
N TRP E 219 -18.25 0.44 12.74
CA TRP E 219 -17.15 0.92 13.60
C TRP E 219 -16.38 -0.27 14.11
N TYR E 220 -15.13 -0.41 13.68
CA TYR E 220 -14.32 -1.54 14.08
C TYR E 220 -13.39 -1.15 15.21
N GLN E 221 -12.97 -2.12 16.01
CA GLN E 221 -12.03 -1.82 17.07
C GLN E 221 -10.70 -2.49 16.69
N MET E 222 -9.71 -1.67 16.37
CA MET E 222 -8.41 -2.18 15.93
C MET E 222 -7.37 -2.37 17.04
N GLY E 223 -7.35 -1.50 18.05
CA GLY E 223 -6.38 -1.63 19.11
C GLY E 223 -6.89 -1.32 20.49
N ILE E 224 -6.25 -1.91 21.51
CA ILE E 224 -6.63 -1.66 22.91
C ILE E 224 -5.60 -0.72 23.50
N VAL E 225 -5.99 0.33 24.23
CA VAL E 225 -5.01 1.23 24.83
C VAL E 225 -4.12 0.40 25.76
N SER E 226 -2.84 0.22 25.39
CA SER E 226 -1.94 -0.57 26.21
C SER E 226 -0.94 0.18 27.06
N TRP E 227 0.15 0.65 26.47
CA TRP E 227 1.16 1.39 27.28
C TRP E 227 1.60 2.71 26.65
N GLY E 228 2.39 3.46 27.42
CA GLY E 228 2.89 4.72 26.94
C GLY E 228 3.86 5.38 27.89
N GLU E 229 4.74 6.23 27.34
CA GLU E 229 5.73 6.96 28.11
C GLU E 229 5.16 8.34 28.36
N GLY E 230 4.51 8.50 29.53
CA GLY E 230 3.92 9.78 29.87
C GLY E 230 2.72 10.12 28.99
N CYS E 231 2.10 11.27 29.22
CA CYS E 231 0.92 11.61 28.42
C CYS E 231 1.10 12.88 27.59
N ASP E 232 0.76 12.77 26.30
CA ASP E 232 0.84 13.87 25.35
C ASP E 232 2.26 14.35 25.03
N ARG E 233 3.24 13.78 25.72
CA ARG E 233 4.66 14.08 25.58
C ARG E 233 5.12 14.15 24.11
N ASP E 234 5.72 15.27 23.75
CA ASP E 234 6.23 15.49 22.39
C ASP E 234 7.30 14.48 22.07
N GLY E 235 7.18 13.84 20.91
CA GLY E 235 8.19 12.86 20.53
C GLY E 235 7.90 11.46 21.00
N LYS E 236 6.81 11.29 21.73
CA LYS E 236 6.39 9.99 22.23
C LYS E 236 5.01 9.63 21.67
N TYR E 237 4.69 8.35 21.59
CA TYR E 237 3.39 7.88 21.03
C TYR E 237 2.72 6.79 21.86
N GLY E 238 1.42 6.61 21.69
CA GLY E 238 0.73 5.60 22.47
C GLY E 238 0.75 4.24 21.80
N PHE E 239 0.98 3.17 22.57
CA PHE E 239 1.00 1.84 21.98
C PHE E 239 -0.29 1.08 22.29
N TYR E 240 -0.95 0.63 21.21
CA TYR E 240 -2.23 -0.06 21.26
C TYR E 240 -2.13 -1.53 20.87
N THR E 241 -2.68 -2.42 21.70
CA THR E 241 -2.63 -3.83 21.42
C THR E 241 -3.25 -3.99 20.09
N HIS E 242 -2.60 -4.75 19.21
CA HIS E 242 -3.10 -5.00 17.85
C HIS E 242 -4.16 -6.11 17.94
N VAL E 243 -5.43 -5.72 17.97
CA VAL E 243 -6.54 -6.67 18.07
C VAL E 243 -6.46 -7.77 17.01
N PHE E 244 -6.33 -7.35 15.75
CA PHE E 244 -6.30 -8.29 14.65
C PHE E 244 -5.33 -9.45 14.79
N ARG E 245 -4.09 -9.16 15.17
CA ARG E 245 -3.12 -10.25 15.35
C ARG E 245 -3.69 -11.25 16.36
N LEU E 246 -4.24 -10.73 17.46
CA LEU E 246 -4.83 -11.57 18.52
C LEU E 246 -6.25 -12.08 18.25
N LYS E 247 -6.85 -11.71 17.12
CA LYS E 247 -8.20 -12.16 16.82
C LYS E 247 -8.36 -13.69 16.96
N LYS E 248 -7.41 -14.43 16.38
CA LYS E 248 -7.42 -15.87 16.45
C LYS E 248 -7.64 -16.30 17.89
N TRP E 249 -6.90 -15.68 18.81
CA TRP E 249 -7.03 -16.00 20.22
C TRP E 249 -8.44 -15.75 20.71
N ILE E 250 -8.90 -14.50 20.58
CA ILE E 250 -10.24 -14.10 21.01
C ILE E 250 -11.22 -15.23 20.65
N GLN E 251 -11.12 -15.71 19.41
CA GLN E 251 -11.99 -16.79 18.97
C GLN E 251 -11.72 -18.02 19.84
N LYS E 252 -10.47 -18.52 19.82
CA LYS E 252 -10.10 -19.72 20.59
C LYS E 252 -10.69 -19.70 21.98
N VAL E 253 -10.71 -18.53 22.59
CA VAL E 253 -11.24 -18.36 23.92
C VAL E 253 -12.73 -18.59 23.98
N ILE E 254 -13.48 -17.81 23.22
CA ILE E 254 -14.93 -17.92 23.24
C ILE E 254 -15.45 -19.30 22.80
N ASP E 255 -14.91 -19.81 21.71
CA ASP E 255 -15.38 -21.08 21.16
C ASP E 255 -15.22 -22.34 22.03
N ARG E 256 -14.39 -22.25 23.07
CA ARG E 256 -14.14 -23.38 23.98
C ARG E 256 -15.19 -23.51 25.07
N LEU E 257 -15.93 -22.41 25.30
CA LEU E 257 -16.97 -22.38 26.32
C LEU E 257 -18.14 -23.33 26.05
N GLY E 258 -18.42 -23.58 24.76
CA GLY E 258 -19.51 -24.46 24.38
C GLY E 258 -20.01 -24.13 23.00
N SER E 259 -21.26 -23.66 22.92
CA SER E 259 -21.94 -23.25 21.68
C SER E 259 -23.39 -22.91 22.02
N SER F 1 -3.03 4.36 30.33
CA SER F 1 -2.12 3.38 29.70
C SER F 1 -1.12 3.10 30.79
N LEU F 2 -0.44 1.96 30.75
CA LEU F 2 0.56 1.67 31.78
C LEU F 2 1.67 2.68 31.52
N ASN F 3 1.79 3.68 32.38
CA ASN F 3 2.81 4.71 32.19
C ASN F 3 4.17 4.13 32.46
N VAL F 4 4.75 3.57 31.41
CA VAL F 4 6.07 2.93 31.46
C VAL F 4 7.03 3.68 32.30
N LEU F 5 7.00 5.00 32.20
CA LEU F 5 7.95 5.80 32.92
C LEU F 5 8.10 5.33 34.34
N CYS F 6 6.97 5.00 34.94
CA CYS F 6 6.97 4.59 36.34
C CYS F 6 7.93 3.48 36.63
N ASN F 7 8.07 2.54 35.72
CA ASN F 7 8.98 1.47 35.98
C ASN F 7 10.42 1.90 35.72
N ASN F 8 11.26 1.75 36.75
CA ASN F 8 12.68 2.11 36.65
C ASN F 8 13.41 1.13 35.76
N PRO F 9 13.89 1.62 34.59
CA PRO F 9 14.62 0.79 33.62
C PRO F 9 15.82 0.10 34.25
N HIS F 10 16.33 0.70 35.33
CA HIS F 10 17.50 0.15 36.03
C HIS F 10 18.70 0.27 35.10
N THR F 11 18.68 1.18 34.15
CA THR F 11 19.79 1.31 33.18
C THR F 11 21.14 1.34 33.85
N ALA F 12 22.06 0.52 33.34
CA ALA F 12 23.42 0.43 33.84
C ALA F 12 23.98 1.79 34.27
N ASP F 13 24.33 2.62 33.30
CA ASP F 13 24.86 3.93 33.62
C ASP F 13 24.51 4.90 32.50
N CYS F 14 23.99 6.05 32.91
CA CYS F 14 23.60 7.10 32.01
C CYS F 14 24.86 7.66 31.36
N ASN F 15 25.04 7.37 30.07
CA ASN F 15 26.20 7.82 29.29
C ASN F 15 26.50 9.31 29.50
N ASN F 16 25.73 10.16 28.81
CA ASN F 16 25.92 11.60 28.93
C ASN F 16 24.76 12.13 29.73
N ASP F 17 24.46 11.43 30.82
CA ASP F 17 23.36 11.78 31.71
C ASP F 17 23.86 11.45 33.11
N ALA F 18 23.09 11.80 34.14
CA ALA F 18 23.53 11.51 35.50
C ALA F 18 22.58 10.51 36.16
N GLN F 19 23.13 9.74 37.10
CA GLN F 19 22.33 8.77 37.86
C GLN F 19 21.84 9.56 39.05
N VAL F 20 20.84 10.41 38.82
CA VAL F 20 20.26 11.24 39.87
C VAL F 20 19.24 10.37 40.57
N ASP F 21 18.86 10.74 41.79
CA ASP F 21 17.85 9.97 42.51
C ASP F 21 16.46 10.36 41.97
N ARG F 22 15.74 9.38 41.43
CA ARG F 22 14.42 9.61 40.85
C ARG F 22 13.35 8.75 41.53
N TYR F 23 12.09 9.15 41.39
CA TYR F 23 10.96 8.43 41.99
C TYR F 23 10.24 7.58 40.96
N PHE F 24 10.03 6.31 41.28
CA PHE F 24 9.34 5.38 40.39
C PHE F 24 8.37 4.55 41.23
N ARG F 25 7.08 4.57 40.90
CA ARG F 25 6.07 3.82 41.64
C ARG F 25 6.36 2.34 41.79
N GLU F 26 6.67 1.91 43.00
CA GLU F 26 6.94 0.51 43.31
C GLU F 26 5.81 -0.03 44.15
N GLY F 27 5.36 -1.23 43.84
CA GLY F 27 4.30 -1.82 44.63
C GLY F 27 3.10 -0.92 44.64
N THR F 28 2.94 -0.15 45.71
CA THR F 28 1.80 0.75 45.75
C THR F 28 2.13 2.13 46.25
N THR F 29 3.27 2.61 45.81
CA THR F 29 3.74 3.94 46.15
C THR F 29 5.01 4.29 45.42
N CYS F 30 5.26 5.59 45.32
CA CYS F 30 6.46 6.09 44.68
C CYS F 30 7.60 6.05 45.66
N LEU F 31 8.76 5.58 45.21
CA LEU F 31 9.95 5.51 46.05
C LEU F 31 11.13 5.97 45.21
N MET F 32 12.07 6.66 45.83
CA MET F 32 13.22 7.13 45.10
C MET F 32 14.27 6.07 44.91
N SER F 33 14.58 5.84 43.65
CA SER F 33 15.60 4.90 43.27
C SER F 33 16.54 5.71 42.36
N PRO F 34 17.80 5.28 42.25
CA PRO F 34 18.74 6.00 41.40
C PRO F 34 18.44 5.76 39.94
N ALA F 35 18.65 6.77 39.09
CA ALA F 35 18.43 6.63 37.65
C ALA F 35 18.82 7.89 36.86
N CYS F 36 18.68 7.81 35.54
CA CYS F 36 19.01 8.92 34.66
C CYS F 36 18.00 10.03 34.80
N THR F 37 18.50 11.25 34.81
CA THR F 37 17.71 12.48 34.94
C THR F 37 16.38 12.52 34.16
N SER F 38 16.29 11.73 33.09
CA SER F 38 15.10 11.70 32.28
C SER F 38 14.09 10.62 32.71
N GLU F 39 14.60 9.45 33.05
CA GLU F 39 13.75 8.34 33.48
C GLU F 39 13.02 8.68 34.79
N GLY F 40 11.80 8.15 34.93
CA GLY F 40 11.01 8.39 36.10
C GLY F 40 10.57 9.84 36.29
N TYR F 41 10.20 10.18 37.53
CA TYR F 41 9.75 11.53 37.88
C TYR F 41 10.63 12.08 39.01
N ALA F 42 10.64 13.40 39.19
CA ALA F 42 11.50 13.97 40.22
C ALA F 42 10.85 14.39 41.53
N SER F 43 9.61 13.99 41.77
CA SER F 43 8.99 14.38 43.02
C SER F 43 8.01 13.36 43.53
N GLN F 44 8.06 13.09 44.82
CA GLN F 44 7.15 12.14 45.45
C GLN F 44 5.75 12.38 44.89
N HIS F 45 5.42 13.66 44.69
CA HIS F 45 4.12 14.02 44.14
C HIS F 45 4.03 13.68 42.66
N GLU F 46 4.94 14.22 41.85
CA GLU F 46 4.93 13.96 40.41
C GLU F 46 4.59 12.52 40.06
N CYS F 47 5.40 11.60 40.57
CA CYS F 47 5.21 10.17 40.35
C CYS F 47 3.80 9.71 40.74
N GLN F 48 3.37 10.10 41.94
CA GLN F 48 2.04 9.79 42.45
C GLN F 48 0.99 10.38 41.52
N GLN F 49 1.35 11.48 40.90
CA GLN F 49 0.45 12.18 40.00
C GLN F 49 0.43 11.56 38.62
N ALA F 50 1.38 10.68 38.35
CA ALA F 50 1.43 10.10 37.02
C ALA F 50 1.52 8.59 36.93
N CYS F 51 1.48 7.92 38.07
CA CYS F 51 1.55 6.48 38.09
C CYS F 51 0.33 5.81 38.69
N PHE F 52 -0.54 6.58 39.32
CA PHE F 52 -1.76 6.04 39.92
C PHE F 52 -2.94 6.66 39.15
N VAL F 53 -4.13 6.11 39.36
CA VAL F 53 -5.32 6.64 38.70
C VAL F 53 -5.97 7.85 39.40
N GLY F 54 -5.74 7.95 40.70
CA GLY F 54 -6.24 9.06 41.52
C GLY F 54 -7.75 9.39 41.66
N GLY F 55 -8.64 8.43 42.03
CA GLY F 55 -10.09 8.66 42.17
C GLY F 55 -10.63 8.55 43.60
N GLU F 56 -10.63 9.67 44.31
CA GLU F 56 -11.06 9.70 45.71
C GLU F 56 -11.61 11.07 46.13
N ASP F 57 -12.24 11.76 45.19
CA ASP F 57 -12.79 13.07 45.48
C ASP F 57 -14.32 13.00 45.64
N HIS F 58 -15.01 14.11 45.33
CA HIS F 58 -16.46 14.23 45.42
C HIS F 58 -17.23 13.36 44.38
N SER F 59 -17.04 12.04 44.46
CA SER F 59 -17.71 11.08 43.56
C SER F 59 -19.12 10.79 44.09
N SER F 60 -19.86 11.85 44.39
CA SER F 60 -21.21 11.80 44.93
C SER F 60 -22.23 10.94 44.18
N GLU F 61 -22.04 9.62 44.21
CA GLU F 61 -22.93 8.70 43.51
C GLU F 61 -24.35 8.70 44.05
N MET F 62 -24.48 8.95 45.36
CA MET F 62 -25.75 8.98 46.08
C MET F 62 -26.85 9.63 45.24
N HIS F 63 -27.44 8.83 44.36
CA HIS F 63 -28.49 9.28 43.45
C HIS F 63 -29.75 9.68 44.21
N SER F 64 -30.50 10.64 43.66
CA SER F 64 -31.75 11.08 44.26
C SER F 64 -32.62 9.86 44.54
N SER F 65 -32.54 8.87 43.65
CA SER F 65 -33.30 7.61 43.76
C SER F 65 -33.21 7.03 45.15
N CYS F 66 -31.98 6.89 45.64
CA CYS F 66 -31.75 6.31 46.95
C CYS F 66 -32.54 6.95 48.10
N LEU F 67 -32.81 8.25 48.03
CA LEU F 67 -33.55 8.96 49.09
C LEU F 67 -35.08 8.86 48.99
N GLY F 68 -35.56 7.93 48.16
CA GLY F 68 -36.99 7.75 48.01
C GLY F 68 -37.61 6.83 49.06
N ASP F 69 -38.92 6.85 49.16
CA ASP F 69 -39.63 6.04 50.13
C ASP F 69 -39.41 4.56 49.82
N PRO F 70 -39.16 3.74 50.85
CA PRO F 70 -38.93 2.30 50.69
C PRO F 70 -40.19 1.65 50.15
N PRO F 71 -40.05 0.48 49.48
CA PRO F 71 -41.23 -0.18 48.94
C PRO F 71 -42.21 -0.52 50.05
N THR F 72 -43.47 -0.58 49.66
CA THR F 72 -44.52 -0.88 50.60
C THR F 72 -45.01 -2.27 50.29
N SER F 73 -45.41 -3.00 51.32
CA SER F 73 -45.92 -4.35 51.11
C SER F 73 -47.26 -4.23 50.37
N CYS F 74 -47.27 -4.55 49.09
CA CYS F 74 -48.53 -4.48 48.41
C CYS F 74 -48.99 -5.84 47.92
N ALA F 75 -50.31 -5.94 47.75
CA ALA F 75 -51.00 -7.18 47.39
C ALA F 75 -50.25 -8.11 46.43
N GLU F 76 -49.96 -7.62 45.23
CA GLU F 76 -49.22 -8.39 44.24
C GLU F 76 -47.76 -7.95 44.24
N GLY F 77 -47.17 -7.95 45.44
CA GLY F 77 -45.78 -7.53 45.56
C GLY F 77 -44.76 -8.59 45.19
N THR F 78 -43.60 -8.14 44.72
CA THR F 78 -42.52 -9.04 44.34
C THR F 78 -41.30 -8.67 45.16
N ASP F 79 -40.16 -9.28 44.81
CA ASP F 79 -38.90 -8.99 45.48
C ASP F 79 -38.44 -7.64 44.92
N ILE F 80 -38.25 -6.66 45.80
CA ILE F 80 -37.81 -5.34 45.39
C ILE F 80 -36.59 -4.89 46.18
N THR F 81 -35.52 -4.60 45.42
CA THR F 81 -34.23 -4.15 45.93
C THR F 81 -34.33 -2.65 46.15
N TYR F 82 -34.02 -2.20 47.36
CA TYR F 82 -34.13 -0.79 47.69
C TYR F 82 -33.04 -0.34 48.67
N TYR F 83 -32.78 0.96 48.73
CA TYR F 83 -31.80 1.50 49.64
C TYR F 83 -32.45 1.90 50.96
N ASP F 84 -31.95 1.31 52.03
CA ASP F 84 -32.40 1.51 53.39
C ASP F 84 -31.77 2.77 53.99
N SER F 85 -32.52 3.87 53.97
CA SER F 85 -32.08 5.17 54.52
C SER F 85 -31.56 5.09 55.97
N ASP F 86 -31.95 4.03 56.67
CA ASP F 86 -31.53 3.85 58.06
C ASP F 86 -30.22 3.08 58.12
N SER F 87 -30.25 1.85 57.62
CA SER F 87 -29.11 0.95 57.65
C SER F 87 -27.99 1.29 56.67
N LYS F 88 -28.19 2.32 55.86
CA LYS F 88 -27.19 2.76 54.86
C LYS F 88 -26.77 1.54 54.05
N THR F 89 -27.76 0.72 53.72
CA THR F 89 -27.59 -0.55 52.98
C THR F 89 -28.75 -0.76 51.98
N CYS F 90 -28.57 -1.71 51.07
CA CYS F 90 -29.60 -2.09 50.10
C CYS F 90 -30.15 -3.40 50.61
N LYS F 91 -31.48 -3.56 50.61
CA LYS F 91 -32.09 -4.81 51.06
C LYS F 91 -33.12 -5.25 50.03
N VAL F 92 -33.78 -6.36 50.32
CA VAL F 92 -34.82 -6.87 49.44
C VAL F 92 -36.08 -7.20 50.23
N LEU F 93 -37.15 -6.54 49.85
CA LEU F 93 -38.43 -6.72 50.50
C LEU F 93 -39.27 -7.60 49.57
N ALA F 94 -39.80 -8.69 50.09
CA ALA F 94 -40.63 -9.60 49.30
C ALA F 94 -42.07 -9.17 49.43
N ALA F 95 -42.85 -9.46 48.38
CA ALA F 95 -44.28 -9.08 48.30
C ALA F 95 -44.35 -7.57 48.49
N SER F 96 -43.69 -6.86 47.60
CA SER F 96 -43.62 -5.40 47.66
C SER F 96 -43.82 -4.76 46.30
N CYS F 97 -44.18 -3.48 46.35
CA CYS F 97 -44.43 -2.69 45.16
C CYS F 97 -43.75 -1.33 45.34
N PRO F 98 -43.10 -0.81 44.28
CA PRO F 98 -42.36 0.46 44.26
C PRO F 98 -43.17 1.69 44.58
N SER F 99 -42.69 2.42 45.58
CA SER F 99 -43.31 3.65 46.07
C SER F 99 -42.76 4.85 45.34
N GLY F 100 -41.75 4.63 44.52
CA GLY F 100 -41.12 5.69 43.76
C GLY F 100 -40.00 5.14 42.90
N GLU F 101 -38.82 5.74 43.00
CA GLU F 101 -37.72 5.23 42.22
C GLU F 101 -36.65 4.59 43.08
N ASN F 102 -36.93 4.40 44.37
CA ASN F 102 -35.98 3.78 45.28
C ASN F 102 -36.10 2.29 45.03
N THR F 103 -35.94 1.91 43.78
CA THR F 103 -36.10 0.53 43.34
C THR F 103 -35.03 0.20 42.33
N PHE F 104 -34.08 -0.64 42.70
CA PHE F 104 -33.03 -0.99 41.77
C PHE F 104 -33.20 -2.45 41.38
N GLU F 105 -32.62 -2.84 40.27
CA GLU F 105 -32.75 -4.23 39.80
C GLU F 105 -31.91 -5.28 40.49
N SER F 106 -31.00 -4.88 41.37
CA SER F 106 -30.20 -5.86 42.09
C SER F 106 -29.41 -5.29 43.26
N GLU F 107 -28.82 -6.16 44.07
CA GLU F 107 -28.04 -5.74 45.25
C GLU F 107 -26.85 -4.85 44.85
N VAL F 108 -26.02 -5.37 43.94
CA VAL F 108 -24.84 -4.62 43.50
C VAL F 108 -25.24 -3.27 42.94
N GLU F 109 -25.98 -3.28 41.84
CA GLU F 109 -26.45 -2.05 41.21
C GLU F 109 -26.78 -0.98 42.24
N CYS F 110 -27.69 -1.35 43.13
CA CYS F 110 -28.11 -0.48 44.21
C CYS F 110 -26.93 0.01 45.08
N GLN F 111 -26.09 -0.91 45.56
CA GLN F 111 -24.93 -0.58 46.40
C GLN F 111 -24.06 0.56 45.80
N VAL F 112 -23.74 0.46 44.51
CA VAL F 112 -22.90 1.47 43.86
C VAL F 112 -23.73 2.72 43.60
N ALA F 113 -24.95 2.52 43.15
CA ALA F 113 -25.80 3.65 42.86
C ALA F 113 -25.94 4.57 44.09
N CYS F 114 -25.95 3.97 45.27
CA CYS F 114 -26.08 4.74 46.51
C CYS F 114 -24.79 4.78 47.32
N GLY F 115 -23.75 4.17 46.77
CA GLY F 115 -22.46 4.17 47.44
C GLY F 115 -22.37 3.32 48.68
N ALA F 116 -23.39 2.52 48.92
CA ALA F 116 -23.38 1.65 50.08
C ALA F 116 -22.30 0.62 49.81
N PRO F 117 -21.52 0.24 50.83
CA PRO F 117 -20.45 -0.75 50.71
C PRO F 117 -20.94 -2.00 49.99
N ILE F 118 -20.32 -2.35 48.87
CA ILE F 118 -20.76 -3.54 48.16
C ILE F 118 -20.19 -4.78 48.82
N GLU F 119 -20.97 -5.86 48.81
CA GLU F 119 -20.55 -7.11 49.42
C GLU F 119 -20.70 -8.26 48.44
N GLY F 120 -20.77 -9.48 48.96
CA GLY F 120 -20.91 -10.66 48.13
C GLY F 120 -21.91 -11.64 48.73
N ALA G 20 10.66 -0.11 -52.99
CA ALA G 20 10.33 0.98 -53.94
C ALA G 20 9.96 2.21 -53.13
N ASP G 21 9.00 2.99 -53.63
CA ASP G 21 8.49 4.21 -52.97
C ASP G 21 8.19 4.01 -51.48
N CYS G 22 8.02 2.73 -51.10
CA CYS G 22 7.78 2.30 -49.75
C CYS G 22 7.53 0.78 -49.70
N GLY G 23 7.16 0.34 -48.51
CA GLY G 23 6.87 -1.05 -48.18
C GLY G 23 7.17 -2.20 -49.10
N LEU G 24 8.41 -2.33 -49.54
CA LEU G 24 8.75 -3.44 -50.43
C LEU G 24 10.12 -3.99 -50.09
N ARG G 25 10.11 -5.20 -49.57
CA ARG G 25 11.31 -5.89 -49.13
C ARG G 25 12.14 -6.42 -50.26
N PRO G 26 13.39 -5.94 -50.35
CA PRO G 26 14.35 -6.32 -51.39
C PRO G 26 14.49 -7.83 -51.40
N LEU G 27 14.88 -8.36 -50.25
CA LEU G 27 15.11 -9.78 -50.06
C LEU G 27 13.88 -10.67 -50.20
N PHE G 28 12.73 -10.12 -50.55
CA PHE G 28 11.52 -10.94 -50.66
C PHE G 28 10.57 -10.57 -51.81
N GLU G 29 9.80 -9.51 -51.62
CA GLU G 29 8.86 -9.08 -52.64
C GLU G 29 9.57 -8.79 -53.96
N LYS G 30 10.67 -8.04 -53.91
CA LYS G 30 11.40 -7.72 -55.14
C LYS G 30 11.88 -9.03 -55.71
N LYS G 31 12.66 -9.76 -54.91
CA LYS G 31 13.20 -11.06 -55.32
C LYS G 31 12.13 -12.07 -55.70
N GLN G 32 10.88 -11.80 -55.31
CA GLN G 32 9.73 -12.66 -55.59
C GLN G 32 9.75 -13.99 -54.78
N VAL G 33 10.21 -13.92 -53.53
CA VAL G 33 10.25 -15.09 -52.65
C VAL G 33 9.36 -14.78 -51.45
N GLN G 34 8.57 -15.77 -51.00
CA GLN G 34 7.67 -15.59 -49.86
C GLN G 34 8.27 -16.19 -48.59
N ASP G 35 8.08 -15.51 -47.45
CA ASP G 35 8.60 -16.00 -46.17
C ASP G 35 7.58 -16.97 -45.57
N GLN G 36 8.04 -17.89 -44.72
CA GLN G 36 7.20 -18.91 -44.08
C GLN G 36 5.83 -18.40 -43.65
N THR G 37 5.83 -17.65 -42.55
CA THR G 37 4.64 -17.08 -41.95
C THR G 37 3.86 -16.10 -42.83
N GLU G 38 4.17 -15.99 -44.11
CA GLU G 38 3.44 -15.06 -44.96
C GLU G 38 2.04 -15.53 -45.37
N LYS G 39 1.92 -16.79 -45.77
CA LYS G 39 0.65 -17.36 -46.22
C LYS G 39 -0.46 -17.22 -45.21
N GLU G 40 -0.11 -17.27 -43.94
CA GLU G 40 -1.11 -17.12 -42.86
C GLU G 40 -1.93 -15.83 -43.01
N LEU G 41 -1.22 -14.71 -43.14
CA LEU G 41 -1.83 -13.43 -43.28
C LEU G 41 -2.82 -13.38 -44.42
N PHE G 42 -2.54 -14.13 -45.49
CA PHE G 42 -3.46 -14.16 -46.63
C PHE G 42 -4.71 -14.98 -46.39
N GLU G 43 -4.54 -16.17 -45.83
CA GLU G 43 -5.68 -17.04 -45.54
C GLU G 43 -6.70 -16.32 -44.65
N SER G 44 -6.20 -15.52 -43.72
CA SER G 44 -7.04 -14.79 -42.81
C SER G 44 -7.88 -13.72 -43.50
N TYR G 45 -7.64 -13.49 -44.78
CA TYR G 45 -8.39 -12.46 -45.50
C TYR G 45 -9.69 -12.99 -46.10
N ILE G 46 -10.13 -14.14 -45.61
CA ILE G 46 -11.38 -14.76 -46.06
C ILE G 46 -12.55 -13.87 -45.64
N GLU G 47 -12.79 -12.80 -46.42
CA GLU G 47 -13.87 -11.85 -46.13
C GLU G 47 -13.85 -10.74 -47.18
N ILE H 1 8.81 -11.66 -27.64
CA ILE H 1 7.48 -11.94 -28.27
C ILE H 1 7.08 -13.30 -27.76
N VAL H 2 5.98 -13.36 -27.02
CA VAL H 2 5.56 -14.65 -26.46
C VAL H 2 5.02 -15.56 -27.53
N GLU H 3 5.50 -16.80 -27.52
CA GLU H 3 5.13 -17.84 -28.51
C GLU H 3 5.52 -17.52 -29.95
N GLY H 4 6.32 -16.49 -30.19
CA GLY H 4 6.68 -16.18 -31.56
C GLY H 4 7.77 -17.09 -32.04
N GLN H 5 8.50 -16.64 -33.06
CA GLN H 5 9.61 -17.44 -33.61
C GLN H 5 10.68 -16.57 -34.29
N ASP H 6 11.87 -17.17 -34.48
CA ASP H 6 12.99 -16.50 -35.12
C ASP H 6 12.54 -15.97 -36.48
N ALA H 7 12.85 -14.70 -36.73
CA ALA H 7 12.50 -14.02 -37.97
C ALA H 7 13.58 -14.20 -39.01
N GLU H 8 13.19 -14.54 -40.23
CA GLU H 8 14.14 -14.73 -41.34
C GLU H 8 14.95 -13.45 -41.60
N VAL H 9 16.21 -13.61 -41.98
CA VAL H 9 17.07 -12.45 -42.27
C VAL H 9 16.45 -11.54 -43.31
N GLY H 10 16.35 -10.25 -42.97
CA GLY H 10 15.78 -9.29 -43.90
C GLY H 10 14.27 -9.24 -43.95
N LEU H 11 13.62 -10.05 -43.12
CA LEU H 11 12.17 -10.14 -43.03
C LEU H 11 11.51 -8.83 -42.65
N SER H 12 12.18 -8.04 -41.82
CA SER H 12 11.60 -6.78 -41.40
C SER H 12 12.58 -5.60 -41.50
N PRO H 13 12.85 -5.12 -42.73
CA PRO H 13 13.77 -4.02 -43.05
C PRO H 13 13.48 -2.67 -42.42
N TRP H 14 12.27 -2.51 -41.86
CA TRP H 14 11.86 -1.27 -41.19
C TRP H 14 12.11 -1.26 -39.67
N GLN H 15 12.47 -2.44 -39.15
CA GLN H 15 12.72 -2.58 -37.73
C GLN H 15 13.82 -1.62 -37.31
N VAL H 16 13.64 -0.99 -36.18
CA VAL H 16 14.59 -0.01 -35.71
C VAL H 16 14.79 -0.19 -34.23
N MET H 17 15.94 -0.70 -33.81
CA MET H 17 16.15 -0.85 -32.38
C MET H 17 16.27 0.56 -31.86
N LEU H 18 15.74 0.84 -30.69
CA LEU H 18 15.87 2.17 -30.12
C LEU H 18 16.84 1.91 -28.97
N PHE H 19 18.10 2.25 -29.17
CA PHE H 19 19.18 2.00 -28.21
C PHE H 19 19.38 3.16 -27.25
N ARG H 20 19.95 2.88 -26.08
CA ARG H 20 20.24 3.90 -25.07
C ARG H 20 21.77 4.01 -24.81
N LYS H 21 22.31 5.22 -25.04
CA LYS H 21 23.73 5.56 -24.86
C LYS H 21 24.47 4.96 -23.67
N SER H 22 24.05 5.35 -22.46
CA SER H 22 24.69 4.87 -21.21
C SER H 22 23.62 4.64 -20.14
N PRO H 23 23.43 3.39 -19.72
CA PRO H 23 24.16 2.22 -20.20
C PRO H 23 23.74 1.88 -21.59
N GLN H 24 24.57 1.11 -22.28
CA GLN H 24 24.30 0.67 -23.63
C GLN H 24 23.29 -0.44 -23.48
N GLU H 25 22.01 -0.10 -23.58
CA GLU H 25 20.96 -1.10 -23.42
C GLU H 25 19.83 -0.90 -24.43
N LEU H 26 18.91 -1.86 -24.44
CA LEU H 26 17.75 -1.79 -25.33
C LEU H 26 16.54 -1.17 -24.65
N LEU H 27 16.05 -0.08 -25.25
CA LEU H 27 14.92 0.64 -24.73
C LEU H 27 13.59 0.29 -25.39
N CYS H 28 13.58 0.11 -26.70
CA CYS H 28 12.33 -0.19 -27.40
C CYS H 28 12.48 -0.83 -28.79
N GLY H 29 11.70 -0.35 -29.74
CA GLY H 29 11.74 -0.85 -31.11
C GLY H 29 10.97 0.21 -31.89
N ALA H 30 11.02 0.13 -33.22
CA ALA H 30 10.31 1.10 -34.02
C ALA H 30 10.46 0.81 -35.49
N SER H 31 9.66 1.50 -36.29
CA SER H 31 9.63 1.36 -37.74
C SER H 31 10.34 2.51 -38.46
N LEU H 32 10.88 2.22 -39.63
CA LEU H 32 11.55 3.24 -40.41
C LEU H 32 10.55 3.63 -41.48
N ILE H 33 9.83 4.73 -41.26
CA ILE H 33 8.81 5.18 -42.25
C ILE H 33 9.42 5.85 -43.46
N SER H 34 10.70 6.19 -43.39
CA SER H 34 11.38 6.84 -44.49
C SER H 34 12.80 7.00 -44.05
N ASP H 35 13.73 6.97 -45.01
CA ASP H 35 15.17 7.11 -44.71
C ASP H 35 15.45 8.22 -43.68
N ARG H 36 14.62 9.26 -43.73
CA ARG H 36 14.76 10.39 -42.84
C ARG H 36 14.16 10.10 -41.47
N TRP H 37 12.89 9.70 -41.48
CA TRP H 37 12.13 9.44 -40.25
C TRP H 37 11.97 8.04 -39.66
N VAL H 38 11.76 8.04 -38.34
CA VAL H 38 11.50 6.85 -37.56
C VAL H 38 10.21 7.04 -36.74
N LEU H 39 9.32 6.05 -36.81
CA LEU H 39 8.06 6.10 -36.08
C LEU H 39 8.08 5.15 -34.88
N THR H 40 7.85 5.68 -33.69
CA THR H 40 7.86 4.89 -32.47
C THR H 40 6.70 5.23 -31.55
N ALA H 41 6.59 4.47 -30.47
CA ALA H 41 5.54 4.64 -29.47
C ALA H 41 5.98 5.70 -28.46
N ALA H 42 5.21 6.76 -28.36
CA ALA H 42 5.51 7.83 -27.45
C ALA H 42 5.99 7.40 -26.06
N HIS H 43 5.18 6.65 -25.32
CA HIS H 43 5.59 6.25 -23.98
C HIS H 43 7.00 5.64 -23.88
N CYS H 44 7.62 5.33 -25.02
CA CYS H 44 8.96 4.78 -25.00
C CYS H 44 9.93 5.83 -24.48
N LEU H 45 9.67 7.07 -24.85
CA LEU H 45 10.52 8.18 -24.46
C LEU H 45 9.97 8.94 -23.26
N LEU H 46 8.66 9.12 -23.23
CA LEU H 46 8.05 9.86 -22.13
C LEU H 46 7.01 9.10 -21.31
N TYR H 47 7.32 8.90 -20.05
CA TYR H 47 6.42 8.24 -19.11
C TYR H 47 6.96 8.56 -17.71
N PRO H 48 6.65 9.77 -17.22
CA PRO H 48 7.08 10.25 -15.91
C PRO H 48 6.94 9.24 -14.75
N PRO H 49 5.75 8.61 -14.59
CA PRO H 49 5.56 7.65 -13.50
C PRO H 49 6.66 6.64 -13.33
N TRP H 50 7.56 6.52 -14.30
CA TRP H 50 8.67 5.58 -14.20
C TRP H 50 10.03 6.27 -14.45
N ASP H 51 10.17 7.53 -14.03
CA ASP H 51 11.41 8.28 -14.22
C ASP H 51 11.86 8.11 -15.68
N LYS H 52 10.92 8.32 -16.60
CA LYS H 52 11.20 8.13 -18.00
C LYS H 52 10.99 9.34 -18.92
N ASN H 53 12.01 10.15 -19.08
CA ASN H 53 11.93 11.30 -19.98
C ASN H 53 13.23 11.36 -20.74
N PHE H 54 13.25 10.69 -21.90
CA PHE H 54 14.44 10.65 -22.73
C PHE H 54 14.58 11.80 -23.71
N THR H 55 15.79 12.35 -23.71
CA THR H 55 16.10 13.43 -24.62
C THR H 55 16.99 12.87 -25.70
N VAL H 56 17.06 13.60 -26.81
CA VAL H 56 17.85 13.22 -27.97
C VAL H 56 19.28 12.85 -27.61
N ASP H 57 19.77 13.39 -26.51
CA ASP H 57 21.14 13.10 -26.10
C ASP H 57 21.25 11.85 -25.27
N ASP H 58 20.48 10.82 -25.60
CA ASP H 58 20.53 9.55 -24.87
C ASP H 58 20.18 8.43 -25.84
N LEU H 59 19.34 8.74 -26.81
CA LEU H 59 18.90 7.73 -27.75
C LEU H 59 19.74 7.55 -28.99
N LEU H 60 19.96 6.29 -29.30
CA LEU H 60 20.69 5.87 -30.46
C LEU H 60 19.70 4.96 -31.19
N VAL H 61 19.74 4.97 -32.50
CA VAL H 61 18.89 4.14 -33.29
C VAL H 61 19.73 3.18 -34.10
N ARG H 62 19.84 1.92 -33.70
CA ARG H 62 20.60 0.95 -34.47
C ARG H 62 19.56 0.40 -35.46
N ILE H 63 19.78 0.56 -36.78
CA ILE H 63 18.80 0.10 -37.80
C ILE H 63 19.17 -1.10 -38.68
N GLY H 64 18.19 -1.98 -38.91
CA GLY H 64 18.45 -3.15 -39.74
C GLY H 64 19.19 -4.26 -39.03
N LYS H 65 18.96 -4.38 -37.72
CA LYS H 65 19.65 -5.42 -36.98
C LYS H 65 18.87 -6.69 -37.13
N HIS H 66 19.36 -7.75 -36.50
CA HIS H 66 18.70 -9.03 -36.58
C HIS H 66 19.00 -9.67 -35.27
N SER H 67 20.28 -9.79 -34.94
CA SER H 67 20.61 -10.34 -33.63
C SER H 67 20.30 -9.23 -32.63
N ARG H 68 19.95 -9.63 -31.43
CA ARG H 68 19.57 -8.67 -30.42
C ARG H 68 20.72 -7.87 -29.87
N THR H 69 21.84 -8.56 -29.67
CA THR H 69 23.01 -7.94 -29.09
C THR H 69 24.25 -7.71 -29.97
N ARG H 70 24.74 -8.79 -30.56
CA ARG H 70 25.92 -8.74 -31.41
C ARG H 70 25.89 -7.72 -32.55
N TYR H 71 26.96 -6.91 -32.61
CA TYR H 71 27.17 -5.87 -33.61
C TYR H 71 27.26 -6.55 -34.96
N GLU H 72 26.41 -6.15 -35.90
CA GLU H 72 26.41 -6.78 -37.22
C GLU H 72 27.17 -5.90 -38.16
N ARG H 73 28.49 -6.01 -38.07
CA ARG H 73 29.46 -5.20 -38.81
C ARG H 73 29.04 -4.29 -39.93
N LYS H 74 28.61 -4.82 -41.06
CA LYS H 74 28.29 -3.93 -42.17
C LYS H 74 26.82 -3.92 -42.59
N VAL H 75 25.96 -4.37 -41.69
CA VAL H 75 24.51 -4.43 -41.95
C VAL H 75 23.74 -3.33 -41.21
N GLU H 76 23.84 -3.36 -39.88
CA GLU H 76 23.16 -2.35 -39.10
C GLU H 76 23.82 -1.00 -39.36
N LYS H 77 22.97 0.01 -39.53
CA LYS H 77 23.38 1.38 -39.78
C LYS H 77 23.04 2.25 -38.57
N ILE H 78 23.87 2.22 -37.53
CA ILE H 78 23.61 3.04 -36.33
C ILE H 78 23.20 4.48 -36.70
N SER H 79 22.69 5.23 -35.73
CA SER H 79 22.34 6.60 -36.01
C SER H 79 21.93 7.35 -34.78
N MET H 80 22.10 8.66 -34.85
CA MET H 80 21.72 9.58 -33.78
C MET H 80 20.52 10.32 -34.37
N LEU H 81 19.69 10.89 -33.51
CA LEU H 81 18.50 11.58 -33.96
C LEU H 81 18.74 13.05 -34.12
N ASP H 82 17.65 13.79 -34.29
CA ASP H 82 17.74 15.23 -34.44
C ASP H 82 16.61 15.88 -33.66
N LYS H 83 15.39 15.40 -33.90
CA LYS H 83 14.21 15.94 -33.20
C LYS H 83 13.28 14.83 -32.72
N ILE H 84 12.62 15.08 -31.61
CA ILE H 84 11.68 14.13 -31.04
C ILE H 84 10.36 14.84 -30.96
N TYR H 85 9.35 14.30 -31.60
CA TYR H 85 8.05 14.92 -31.55
C TYR H 85 7.07 13.90 -30.99
N ILE H 86 6.36 14.26 -29.92
CA ILE H 86 5.34 13.36 -29.34
C ILE H 86 3.99 14.09 -29.54
N HIS H 87 2.92 13.32 -29.66
CA HIS H 87 1.59 13.92 -29.85
C HIS H 87 1.23 14.82 -28.68
N PRO H 88 0.78 16.05 -28.96
CA PRO H 88 0.40 17.02 -27.92
C PRO H 88 -0.68 16.49 -27.02
N ARG H 89 -1.59 15.70 -27.57
CA ARG H 89 -2.69 15.13 -26.80
C ARG H 89 -2.36 13.71 -26.29
N TYR H 90 -1.10 13.52 -25.92
CA TYR H 90 -0.61 12.26 -25.41
C TYR H 90 -1.08 12.10 -23.96
N ASN H 91 -2.02 11.20 -23.75
CA ASN H 91 -2.54 11.00 -22.38
C ASN H 91 -1.86 9.89 -21.60
N TRP H 92 -0.62 10.12 -21.21
CA TRP H 92 0.13 9.11 -20.48
C TRP H 92 -0.47 8.75 -19.12
N LYS H 93 -1.02 9.75 -18.44
CA LYS H 93 -1.60 9.59 -17.10
C LYS H 93 -2.84 8.71 -17.02
N GLU H 94 -3.68 8.75 -18.05
CA GLU H 94 -4.88 7.94 -18.02
C GLU H 94 -4.71 6.58 -18.70
N ASN H 95 -4.88 6.56 -20.02
CA ASN H 95 -4.81 5.33 -20.79
C ASN H 95 -3.94 5.40 -22.04
N LEU H 96 -2.85 6.15 -21.98
CA LEU H 96 -1.91 6.26 -23.09
C LEU H 96 -2.54 6.57 -24.45
N ASP H 97 -3.49 7.47 -24.49
CA ASP H 97 -4.10 7.75 -25.79
C ASP H 97 -3.05 8.45 -26.66
N ARG H 98 -3.01 8.04 -27.93
CA ARG H 98 -2.08 8.63 -28.88
C ARG H 98 -0.62 8.42 -28.45
N ASP H 99 -0.27 7.14 -28.27
CA ASP H 99 1.08 6.76 -27.87
C ASP H 99 1.91 6.71 -29.14
N ILE H 100 2.17 7.87 -29.73
CA ILE H 100 2.91 7.95 -30.98
C ILE H 100 3.92 9.04 -30.86
N ALA H 101 5.05 8.85 -31.54
CA ALA H 101 6.12 9.84 -31.54
C ALA H 101 6.97 9.70 -32.77
N LEU H 102 7.47 10.82 -33.26
CA LEU H 102 8.33 10.81 -34.43
C LEU H 102 9.77 11.16 -34.08
N LEU H 103 10.71 10.36 -34.57
CA LEU H 103 12.14 10.58 -34.34
C LEU H 103 12.82 10.90 -35.68
N LYS H 104 13.33 12.12 -35.84
CA LYS H 104 14.00 12.46 -37.08
C LYS H 104 15.48 12.12 -37.00
N LEU H 105 15.89 11.15 -37.82
CA LEU H 105 17.28 10.74 -37.85
C LEU H 105 18.09 11.92 -38.35
N LYS H 106 19.28 12.10 -37.78
CA LYS H 106 20.19 13.19 -38.15
C LYS H 106 20.62 13.16 -39.64
N ARG H 107 21.00 11.97 -40.12
CA ARG H 107 21.43 11.82 -41.48
C ARG H 107 20.62 10.76 -42.24
N PRO H 108 19.92 11.15 -43.32
CA PRO H 108 19.13 10.19 -44.08
C PRO H 108 19.85 8.86 -44.27
N ILE H 109 19.21 7.80 -43.78
CA ILE H 109 19.74 6.47 -43.87
C ILE H 109 20.07 6.07 -45.31
N GLU H 110 21.11 5.25 -45.47
CA GLU H 110 21.49 4.78 -46.79
C GLU H 110 20.63 3.56 -46.99
N LEU H 111 19.49 3.73 -47.65
CA LEU H 111 18.60 2.59 -47.88
C LEU H 111 19.37 1.43 -48.49
N SER H 112 19.00 0.21 -48.12
CA SER H 112 19.70 -0.98 -48.60
C SER H 112 18.92 -2.29 -48.45
N ASP H 113 19.53 -3.39 -48.90
CA ASP H 113 18.91 -4.72 -48.84
C ASP H 113 18.29 -5.14 -47.53
N TYR H 114 18.72 -4.50 -46.43
CA TYR H 114 18.22 -4.80 -45.10
C TYR H 114 17.49 -3.61 -44.47
N ILE H 115 17.81 -2.40 -44.92
CA ILE H 115 17.14 -1.22 -44.39
C ILE H 115 16.15 -0.72 -45.45
N HIS H 116 14.86 -0.97 -45.22
CA HIS H 116 13.83 -0.50 -46.15
C HIS H 116 12.55 -0.14 -45.42
N PRO H 117 11.94 1.00 -45.80
CA PRO H 117 10.71 1.56 -45.24
C PRO H 117 9.39 0.84 -45.54
N VAL H 118 8.44 1.02 -44.63
CA VAL H 118 7.10 0.45 -44.74
C VAL H 118 6.27 1.43 -45.55
N CYS H 119 4.96 1.35 -45.42
CA CYS H 119 4.05 2.27 -46.11
C CYS H 119 2.96 2.59 -45.10
N LEU H 120 2.78 3.87 -44.79
CA LEU H 120 1.74 4.26 -43.85
C LEU H 120 0.44 3.99 -44.60
N PRO H 121 -0.59 3.50 -43.90
CA PRO H 121 -1.87 3.23 -44.55
C PRO H 121 -2.68 4.49 -44.87
N ASP H 122 -3.58 4.34 -45.83
CA ASP H 122 -4.46 5.40 -46.31
C ASP H 122 -5.85 4.81 -46.28
N LYS H 123 -6.86 5.67 -46.29
CA LYS H 123 -8.25 5.22 -46.25
C LYS H 123 -8.51 3.95 -47.05
N GLN H 124 -8.16 3.92 -48.34
CA GLN H 124 -8.43 2.70 -49.08
C GLN H 124 -7.76 1.48 -48.46
N THR H 125 -6.44 1.47 -48.46
CA THR H 125 -5.70 0.35 -47.88
C THR H 125 -6.23 -0.02 -46.50
N ALA H 126 -6.45 1.00 -45.67
CA ALA H 126 -6.97 0.81 -44.33
C ALA H 126 -8.32 0.08 -44.35
N ALA H 127 -9.31 0.72 -44.98
CA ALA H 127 -10.67 0.18 -45.07
C ALA H 127 -10.74 -1.30 -45.42
N LYS H 128 -9.89 -1.75 -46.35
CA LYS H 128 -9.93 -3.15 -46.71
C LYS H 128 -9.29 -4.06 -45.67
N LEU H 129 -8.18 -3.62 -45.10
CA LEU H 129 -7.45 -4.46 -44.15
C LEU H 129 -7.87 -4.45 -42.70
N LEU H 130 -8.53 -3.38 -42.26
CA LEU H 130 -8.92 -3.34 -40.86
C LEU H 130 -10.26 -3.94 -40.52
N HIS H 131 -10.33 -5.27 -40.63
CA HIS H 131 -11.54 -6.02 -40.29
C HIS H 131 -11.07 -7.12 -39.35
N ALA H 132 -11.80 -7.31 -38.26
CA ALA H 132 -11.42 -8.32 -37.26
C ALA H 132 -11.45 -9.72 -37.83
N GLY H 133 -10.43 -10.49 -37.48
CA GLY H 133 -10.30 -11.84 -37.98
C GLY H 133 -9.00 -11.84 -38.75
N PHE H 134 -8.80 -10.74 -39.50
CA PHE H 134 -7.59 -10.51 -40.31
C PHE H 134 -6.34 -10.49 -39.42
N LYS H 135 -5.31 -11.25 -39.77
CA LYS H 135 -4.07 -11.29 -39.01
C LYS H 135 -3.10 -10.12 -39.32
N GLY H 136 -2.06 -10.00 -38.49
CA GLY H 136 -1.07 -8.95 -38.62
C GLY H 136 0.25 -9.47 -38.09
N ARG H 137 1.35 -8.75 -38.33
CA ARG H 137 2.66 -9.22 -37.88
C ARG H 137 3.33 -8.26 -36.91
N VAL H 138 3.70 -8.76 -35.73
CA VAL H 138 4.36 -7.97 -34.70
C VAL H 138 5.72 -8.58 -34.52
N THR H 139 6.76 -7.75 -34.60
CA THR H 139 8.14 -8.20 -34.48
C THR H 139 8.94 -7.27 -33.60
N GLY H 140 9.58 -7.82 -32.57
CA GLY H 140 10.38 -7.05 -31.63
C GLY H 140 11.42 -7.92 -30.94
N TRP H 141 12.38 -7.31 -30.25
CA TRP H 141 13.44 -8.06 -29.57
C TRP H 141 13.15 -8.31 -28.10
N GLY H 142 11.88 -8.26 -27.73
CA GLY H 142 11.51 -8.45 -26.34
C GLY H 142 11.61 -9.85 -25.79
N ASN H 143 11.42 -9.93 -24.49
CA ASN H 143 11.43 -11.16 -23.72
C ASN H 143 10.37 -12.14 -24.23
N ARG H 144 10.60 -13.42 -23.97
CA ARG H 144 9.66 -14.46 -24.41
C ARG H 144 8.54 -14.75 -23.38
N ARG H 145 8.75 -14.40 -22.11
CA ARG H 145 7.78 -14.66 -21.04
C ARG H 145 7.59 -13.45 -20.12
N GLU H 146 6.46 -13.42 -19.44
CA GLU H 146 6.11 -12.33 -18.53
C GLU H 146 6.97 -12.39 -17.31
N THR H 147 7.09 -13.59 -16.78
CA THR H 147 7.88 -13.89 -15.58
C THR H 147 8.44 -15.26 -15.85
N TRP H 148 9.45 -15.66 -15.08
CA TRP H 148 10.05 -16.98 -15.31
C TRP H 148 10.95 -17.45 -14.16
N THR H 149 11.45 -18.67 -14.30
CA THR H 149 12.30 -19.29 -13.30
C THR H 149 13.66 -19.67 -13.87
N THR H 150 14.71 -19.09 -13.28
CA THR H 150 16.09 -19.34 -13.69
C THR H 150 16.31 -19.40 -15.21
N SER H 151 15.83 -18.38 -15.90
CA SER H 151 15.97 -18.27 -17.35
C SER H 151 15.54 -19.51 -18.13
N VAL H 152 14.59 -20.26 -17.58
CA VAL H 152 14.08 -21.48 -18.21
C VAL H 152 13.76 -21.29 -19.69
N ALA H 153 14.33 -22.16 -20.52
CA ALA H 153 14.14 -22.14 -21.98
C ALA H 153 14.59 -20.79 -22.59
N GLU H 154 15.40 -20.06 -21.81
CA GLU H 154 15.93 -18.74 -22.16
C GLU H 154 14.85 -17.74 -22.54
N VAL H 155 14.80 -16.67 -21.77
CA VAL H 155 13.81 -15.63 -21.96
C VAL H 155 14.09 -14.66 -23.10
N GLN H 156 15.21 -13.93 -23.02
CA GLN H 156 15.58 -12.96 -24.04
C GLN H 156 16.09 -13.65 -25.29
N PRO H 157 15.45 -13.39 -26.44
CA PRO H 157 15.74 -13.95 -27.76
C PRO H 157 17.08 -13.59 -28.37
N SER H 158 17.60 -14.54 -29.14
CA SER H 158 18.87 -14.37 -29.83
C SER H 158 18.68 -13.37 -30.97
N VAL H 159 17.71 -13.61 -31.84
CA VAL H 159 17.46 -12.66 -32.93
C VAL H 159 16.03 -12.12 -32.92
N LEU H 160 15.78 -11.24 -33.88
CA LEU H 160 14.49 -10.62 -34.02
C LEU H 160 13.48 -11.74 -33.95
N GLN H 161 12.27 -11.42 -33.48
CA GLN H 161 11.19 -12.41 -33.34
C GLN H 161 9.98 -12.01 -34.17
N VAL H 162 9.17 -12.98 -34.56
CA VAL H 162 7.95 -12.66 -35.31
C VAL H 162 6.74 -13.47 -34.80
N VAL H 163 5.54 -12.93 -35.01
CA VAL H 163 4.28 -13.58 -34.65
C VAL H 163 3.14 -12.87 -35.35
N ASN H 164 2.35 -13.60 -36.15
CA ASN H 164 1.23 -13.01 -36.85
C ASN H 164 0.02 -13.16 -35.96
N LEU H 165 -0.48 -12.04 -35.45
CA LEU H 165 -1.64 -12.03 -34.57
C LEU H 165 -2.84 -11.46 -35.31
N PRO H 166 -4.02 -12.07 -35.16
CA PRO H 166 -5.24 -11.59 -35.80
C PRO H 166 -5.84 -10.46 -34.98
N LEU H 167 -6.53 -9.55 -35.66
CA LEU H 167 -7.21 -8.42 -35.05
C LEU H 167 -8.52 -8.91 -34.42
N VAL H 168 -8.89 -8.34 -33.29
CA VAL H 168 -10.12 -8.77 -32.65
C VAL H 168 -11.13 -7.67 -32.75
N GLU H 169 -12.39 -8.03 -32.58
CA GLU H 169 -13.49 -7.10 -32.62
C GLU H 169 -13.32 -6.12 -31.50
N ARG H 170 -13.56 -4.85 -31.78
CA ARG H 170 -13.47 -3.85 -30.75
C ARG H 170 -14.33 -4.18 -29.52
N PRO H 171 -15.60 -4.60 -29.70
CA PRO H 171 -16.40 -4.88 -28.51
C PRO H 171 -15.77 -5.87 -27.54
N VAL H 172 -14.86 -6.69 -28.07
CA VAL H 172 -14.18 -7.71 -27.26
C VAL H 172 -13.01 -7.08 -26.53
N CYS H 173 -12.33 -6.17 -27.21
CA CYS H 173 -11.20 -5.46 -26.61
C CYS H 173 -11.75 -4.61 -25.46
N LYS H 174 -12.78 -3.81 -25.76
CA LYS H 174 -13.40 -2.94 -24.77
C LYS H 174 -13.79 -3.75 -23.52
N ALA H 175 -14.39 -4.89 -23.78
CA ALA H 175 -14.88 -5.77 -22.73
C ALA H 175 -13.85 -6.62 -22.04
N SER H 176 -12.56 -6.40 -22.31
CA SER H 176 -11.51 -7.21 -21.71
C SER H 176 -10.60 -6.46 -20.74
N THR H 177 -10.87 -5.19 -20.50
CA THR H 177 -10.02 -4.44 -19.59
C THR H 177 -10.86 -3.33 -18.97
N ARG H 178 -10.58 -3.07 -17.70
CA ARG H 178 -11.25 -2.02 -16.97
C ARG H 178 -10.85 -0.68 -17.59
N ILE H 179 -9.61 -0.63 -18.07
CA ILE H 179 -9.02 0.56 -18.69
C ILE H 179 -9.84 1.15 -19.83
N ARG H 180 -9.80 2.48 -19.96
CA ARG H 180 -10.55 3.15 -21.02
C ARG H 180 -9.92 2.84 -22.37
N ILE H 181 -10.74 2.64 -23.39
CA ILE H 181 -10.22 2.38 -24.73
C ILE H 181 -10.77 3.45 -25.63
N THR H 182 -9.92 4.02 -26.48
CA THR H 182 -10.36 5.07 -27.38
C THR H 182 -10.36 4.58 -28.82
N ASP H 183 -10.68 5.46 -29.75
CA ASP H 183 -10.68 5.03 -31.13
C ASP H 183 -9.30 5.17 -31.73
N ASN H 184 -8.29 5.46 -30.89
CA ASN H 184 -6.90 5.59 -31.38
C ASN H 184 -6.07 4.41 -30.90
N MET H 185 -6.73 3.27 -30.72
CA MET H 185 -6.04 2.09 -30.28
C MET H 185 -6.84 0.82 -30.52
N PHE H 186 -6.40 0.03 -31.51
CA PHE H 186 -7.06 -1.22 -31.79
C PHE H 186 -6.34 -2.27 -30.97
N CYS H 187 -6.92 -3.46 -30.85
CA CYS H 187 -6.26 -4.51 -30.09
C CYS H 187 -6.18 -5.75 -30.96
N ALA H 188 -5.25 -6.62 -30.64
CA ALA H 188 -5.13 -7.84 -31.41
C ALA H 188 -4.61 -8.90 -30.48
N GLY H 189 -4.98 -10.14 -30.76
CA GLY H 189 -4.54 -11.28 -29.96
C GLY H 189 -5.51 -12.43 -30.16
N TYR H 190 -5.13 -13.63 -29.74
CA TYR H 190 -6.02 -14.76 -29.88
C TYR H 190 -7.01 -14.80 -28.73
N LYS H 191 -8.17 -15.38 -28.99
CA LYS H 191 -9.20 -15.50 -27.97
C LYS H 191 -8.94 -16.83 -27.27
N PRO H 192 -9.51 -17.03 -26.08
CA PRO H 192 -9.30 -18.28 -25.35
C PRO H 192 -9.85 -19.44 -26.18
N GLY H 193 -9.27 -20.62 -26.02
CA GLY H 193 -9.74 -21.76 -26.80
C GLY H 193 -9.46 -21.68 -28.30
N GLU H 194 -9.02 -20.54 -28.79
CA GLU H 194 -8.72 -20.37 -30.22
C GLU H 194 -7.54 -21.25 -30.66
N GLY H 195 -6.81 -21.78 -29.68
CA GLY H 195 -5.70 -22.66 -29.97
C GLY H 195 -4.34 -22.01 -30.05
N LYS H 196 -4.26 -20.98 -30.87
CA LYS H 196 -3.00 -20.32 -31.06
C LYS H 196 -2.76 -19.19 -30.03
N ARG H 197 -1.56 -19.14 -29.46
CA ARG H 197 -1.24 -18.10 -28.50
C ARG H 197 -0.41 -17.07 -29.26
N GLY H 198 0.33 -16.24 -28.52
CA GLY H 198 1.20 -15.26 -29.15
C GLY H 198 0.84 -13.84 -28.80
N ASP H 199 1.85 -13.04 -28.43
CA ASP H 199 1.63 -11.64 -28.08
C ASP H 199 2.97 -10.94 -27.83
N ALA H 200 3.00 -9.64 -28.07
CA ALA H 200 4.21 -8.88 -27.82
C ALA H 200 4.40 -8.88 -26.32
N CYS H 201 5.51 -8.28 -25.88
CA CYS H 201 5.86 -8.23 -24.47
C CYS H 201 6.98 -7.22 -24.22
N GLU H 202 7.33 -7.01 -22.95
CA GLU H 202 8.36 -6.03 -22.57
C GLU H 202 9.60 -6.02 -23.45
N GLY H 203 9.77 -4.93 -24.19
CA GLY H 203 10.90 -4.78 -25.09
C GLY H 203 10.43 -4.56 -26.53
N ASP H 204 9.12 -4.73 -26.79
CA ASP H 204 8.60 -4.52 -28.12
C ASP H 204 7.82 -3.22 -28.23
N SER H 205 7.73 -2.47 -27.12
CA SER H 205 7.00 -1.19 -27.15
C SER H 205 7.60 -0.37 -28.28
N GLY H 206 6.79 -0.08 -29.29
CA GLY H 206 7.27 0.67 -30.43
C GLY H 206 7.28 -0.17 -31.69
N GLY H 207 7.45 -1.48 -31.52
CA GLY H 207 7.49 -2.40 -32.65
C GLY H 207 6.36 -2.17 -33.63
N PRO H 208 6.64 -2.25 -34.93
CA PRO H 208 5.58 -2.03 -35.91
C PRO H 208 4.66 -3.22 -36.10
N PHE H 209 3.37 -3.03 -35.96
CA PHE H 209 2.39 -4.08 -36.21
C PHE H 209 2.05 -3.84 -37.68
N VAL H 210 2.60 -4.66 -38.57
CA VAL H 210 2.37 -4.52 -40.00
C VAL H 210 1.40 -5.53 -40.61
N MET H 211 0.85 -5.21 -41.77
CA MET H 211 -0.11 -6.03 -42.50
C MET H 211 0.18 -5.92 -43.99
N LYS H 212 0.35 -7.04 -44.67
CA LYS H 212 0.61 -7.05 -46.10
C LYS H 212 -0.68 -6.81 -46.90
N SER H 213 -0.62 -5.93 -47.91
CA SER H 213 -1.77 -5.68 -48.75
C SER H 213 -1.93 -6.75 -49.83
N PRO H 214 -3.14 -7.31 -49.97
CA PRO H 214 -3.39 -8.33 -50.99
C PRO H 214 -3.66 -7.74 -52.37
N TYR H 215 -3.54 -6.42 -52.50
CA TYR H 215 -3.78 -5.77 -53.79
C TYR H 215 -2.49 -5.27 -54.42
N ASN H 216 -1.93 -4.22 -53.83
CA ASN H 216 -0.70 -3.61 -54.33
C ASN H 216 0.57 -4.29 -53.80
N ASN H 217 0.35 -5.36 -53.06
CA ASN H 217 1.43 -6.16 -52.50
C ASN H 217 2.39 -5.49 -51.51
N ARG H 218 2.02 -4.31 -51.03
CA ARG H 218 2.88 -3.61 -50.09
C ARG H 218 2.58 -3.90 -48.62
N TRP H 219 3.64 -3.99 -47.82
CA TRP H 219 3.53 -4.24 -46.39
C TRP H 219 3.23 -2.92 -45.71
N TYR H 220 2.02 -2.77 -45.18
CA TYR H 220 1.65 -1.52 -44.50
C TYR H 220 1.77 -1.67 -43.01
N GLN H 221 1.96 -0.56 -42.32
CA GLN H 221 2.10 -0.63 -40.87
C GLN H 221 0.85 -0.01 -40.33
N MET H 222 0.04 -0.82 -39.65
CA MET H 222 -1.24 -0.35 -39.11
C MET H 222 -1.22 0.09 -37.65
N GLY H 223 -0.42 -0.57 -36.84
CA GLY H 223 -0.39 -0.21 -35.42
C GLY H 223 0.97 -0.26 -34.74
N ILE H 224 1.15 0.55 -33.70
CA ILE H 224 2.41 0.57 -32.99
C ILE H 224 2.18 -0.14 -31.66
N VAL H 225 3.04 -1.08 -31.30
CA VAL H 225 2.87 -1.81 -30.04
C VAL H 225 2.81 -0.79 -28.91
N SER H 226 1.65 -0.61 -28.30
CA SER H 226 1.56 0.36 -27.22
C SER H 226 1.51 -0.17 -25.77
N TRP H 227 0.35 -0.69 -25.34
CA TRP H 227 0.22 -1.19 -23.97
C TRP H 227 -0.40 -2.57 -23.87
N GLY H 228 -0.32 -3.14 -22.67
CA GLY H 228 -0.88 -4.45 -22.44
C GLY H 228 -0.79 -4.90 -20.98
N GLU H 229 -1.76 -5.73 -20.59
CA GLU H 229 -1.87 -6.28 -19.24
C GLU H 229 -1.15 -7.61 -19.23
N GLY H 230 0.14 -7.58 -18.89
CA GLY H 230 0.94 -8.79 -18.86
C GLY H 230 1.12 -9.39 -20.25
N CYS H 231 1.87 -10.49 -20.34
CA CYS H 231 2.12 -11.10 -21.64
C CYS H 231 1.52 -12.44 -21.87
N ASP H 232 0.88 -12.56 -23.03
CA ASP H 232 0.24 -13.79 -23.47
C ASP H 232 -0.92 -14.23 -22.56
N ARG H 233 -1.22 -13.44 -21.54
CA ARG H 233 -2.29 -13.75 -20.59
C ARG H 233 -3.62 -14.07 -21.26
N ASP H 234 -4.17 -15.23 -20.92
CA ASP H 234 -5.45 -15.64 -21.47
C ASP H 234 -6.53 -14.62 -21.10
N GLY H 235 -7.34 -14.24 -22.07
CA GLY H 235 -8.41 -13.32 -21.77
C GLY H 235 -8.01 -11.89 -21.93
N LYS H 236 -6.71 -11.65 -22.14
CA LYS H 236 -6.18 -10.30 -22.36
C LYS H 236 -5.66 -10.13 -23.80
N TYR H 237 -5.62 -8.88 -24.27
CA TYR H 237 -5.16 -8.59 -25.62
C TYR H 237 -4.20 -7.42 -25.70
N GLY H 238 -3.38 -7.35 -26.75
CA GLY H 238 -2.43 -6.26 -26.89
C GLY H 238 -3.04 -5.05 -27.58
N PHE H 239 -2.75 -3.86 -27.07
CA PHE H 239 -3.29 -2.65 -27.67
C PHE H 239 -2.24 -1.93 -28.49
N TYR H 240 -2.59 -1.68 -29.74
CA TYR H 240 -1.71 -1.05 -30.71
C TYR H 240 -2.19 0.33 -31.13
N THR H 241 -1.27 1.31 -31.15
CA THR H 241 -1.64 2.66 -31.56
C THR H 241 -2.15 2.55 -32.97
N HIS H 242 -3.32 3.11 -33.22
CA HIS H 242 -3.93 3.07 -34.57
C HIS H 242 -3.25 4.11 -35.45
N VAL H 243 -2.29 3.68 -36.26
CA VAL H 243 -1.52 4.57 -37.14
C VAL H 243 -2.41 5.48 -37.98
N PHE H 244 -3.35 4.87 -38.69
CA PHE H 244 -4.23 5.61 -39.58
C PHE H 244 -4.93 6.81 -38.98
N ARG H 245 -5.49 6.65 -37.80
CA ARG H 245 -6.15 7.77 -37.16
C ARG H 245 -5.15 8.89 -37.04
N LEU H 246 -3.95 8.57 -36.57
CA LEU H 246 -2.90 9.55 -36.39
C LEU H 246 -2.11 9.93 -37.65
N LYS H 247 -2.46 9.37 -38.80
CA LYS H 247 -1.78 9.67 -40.06
C LYS H 247 -1.71 11.17 -40.32
N LYS H 248 -2.83 11.84 -40.10
CA LYS H 248 -2.92 13.28 -40.31
C LYS H 248 -1.78 13.97 -39.58
N TRP H 249 -1.55 13.55 -38.33
CA TRP H 249 -0.51 14.13 -37.51
C TRP H 249 0.85 13.90 -38.12
N ILE H 250 1.19 12.64 -38.34
CA ILE H 250 2.47 12.25 -38.93
C ILE H 250 2.81 13.26 -40.03
N GLN H 251 1.83 13.51 -40.89
CA GLN H 251 2.02 14.46 -41.98
C GLN H 251 2.31 15.82 -41.41
N LYS H 252 1.37 16.37 -40.63
CA LYS H 252 1.55 17.70 -40.06
C LYS H 252 2.95 17.91 -39.53
N VAL H 253 3.49 16.86 -38.90
CA VAL H 253 4.84 16.92 -38.32
C VAL H 253 5.91 17.08 -39.38
N ILE H 254 6.00 16.12 -40.29
CA ILE H 254 7.01 16.15 -41.34
C ILE H 254 6.99 17.40 -42.24
N ASP H 255 5.80 17.73 -42.75
CA ASP H 255 5.63 18.87 -43.65
C ASP H 255 6.05 20.25 -43.13
N ARG H 256 6.08 20.43 -41.81
CA ARG H 256 6.45 21.71 -41.19
C ARG H 256 7.96 21.96 -41.21
N LEU H 257 8.74 20.89 -41.38
CA LEU H 257 10.19 21.00 -41.38
C LEU H 257 10.73 21.81 -42.58
N GLY H 258 10.01 21.79 -43.68
CA GLY H 258 10.43 22.53 -44.87
C GLY H 258 9.84 21.92 -46.13
N SER H 259 10.72 21.41 -46.99
CA SER H 259 10.35 20.77 -48.23
C SER H 259 11.64 20.38 -48.97
N SER I 1 5.50 -3.69 -24.51
CA SER I 1 4.28 -2.88 -24.41
C SER I 1 4.30 -2.38 -22.98
N LEU I 2 3.63 -1.27 -22.71
CA LEU I 2 3.58 -0.77 -21.35
C LEU I 2 2.74 -1.77 -20.55
N ASN I 3 3.43 -2.56 -19.72
CA ASN I 3 2.78 -3.57 -18.89
C ASN I 3 1.96 -2.87 -17.83
N VAL I 4 0.73 -2.50 -18.21
CA VAL I 4 -0.17 -1.80 -17.32
C VAL I 4 -0.36 -2.44 -15.97
N LEU I 5 -0.19 -3.75 -15.88
CA LEU I 5 -0.34 -4.38 -14.58
C LEU I 5 0.60 -3.73 -13.55
N CYS I 6 1.76 -3.27 -14.03
CA CYS I 6 2.75 -2.63 -13.16
C CYS I 6 2.19 -1.39 -12.44
N ASN I 7 1.34 -0.63 -13.12
CA ASN I 7 0.72 0.55 -12.56
C ASN I 7 -0.33 0.06 -11.56
N ASN I 8 -0.20 0.43 -10.28
CA ASN I 8 -1.15 0.07 -9.22
C ASN I 8 -2.46 0.85 -9.44
N PRO I 9 -3.57 0.15 -9.75
CA PRO I 9 -4.87 0.77 -10.00
C PRO I 9 -5.34 1.56 -8.80
N HIS I 10 -4.87 1.16 -7.62
CA HIS I 10 -5.23 1.82 -6.37
C HIS I 10 -6.72 1.66 -6.14
N THR I 11 -7.30 0.58 -6.65
CA THR I 11 -8.74 0.34 -6.50
C THR I 11 -9.19 0.38 -5.04
N ALA I 12 -10.28 1.11 -4.81
CA ALA I 12 -10.86 1.29 -3.47
C ALA I 12 -10.76 0.04 -2.61
N ASP I 13 -11.60 -0.95 -2.87
CA ASP I 13 -11.56 -2.18 -2.11
C ASP I 13 -11.99 -3.36 -2.97
N CYS I 14 -11.18 -4.41 -2.91
CA CYS I 14 -11.41 -5.63 -3.62
C CYS I 14 -12.69 -6.26 -3.09
N ASN I 15 -13.77 -6.23 -3.89
CA ASN I 15 -15.04 -6.78 -3.42
C ASN I 15 -14.91 -8.21 -2.87
N ASN I 16 -14.76 -9.17 -3.77
CA ASN I 16 -14.62 -10.56 -3.36
C ASN I 16 -13.19 -10.97 -3.58
N ASP I 17 -12.29 -10.08 -3.17
CA ASP I 17 -10.84 -10.25 -3.31
C ASP I 17 -10.24 -9.68 -2.04
N ALA I 18 -8.94 -9.82 -1.89
CA ALA I 18 -8.28 -9.30 -0.71
C ALA I 18 -7.32 -8.17 -1.06
N GLN I 19 -7.16 -7.21 -0.14
CA GLN I 19 -6.23 -6.11 -0.35
C GLN I 19 -4.93 -6.64 0.21
N VAL I 20 -4.29 -7.54 -0.54
CA VAL I 20 -3.03 -8.14 -0.13
C VAL I 20 -1.93 -7.19 -0.57
N ASP I 21 -0.75 -7.32 0.03
CA ASP I 21 0.35 -6.47 -0.40
C ASP I 21 0.96 -7.01 -1.70
N ARG I 22 0.92 -6.18 -2.74
CA ARG I 22 1.44 -6.53 -4.06
C ARG I 22 2.60 -5.57 -4.45
N TYR I 23 3.47 -5.99 -5.36
CA TYR I 23 4.58 -5.16 -5.80
C TYR I 23 4.26 -4.55 -7.16
N PHE I 24 4.41 -3.24 -7.29
CA PHE I 24 4.14 -2.52 -8.55
C PHE I 24 5.28 -1.55 -8.81
N ARG I 25 5.91 -1.66 -9.99
CA ARG I 25 7.03 -0.80 -10.41
C ARG I 25 6.80 0.70 -10.30
N GLU I 26 7.37 1.33 -9.27
CA GLU I 26 7.22 2.78 -9.10
C GLU I 26 8.54 3.50 -9.36
N GLY I 27 8.47 4.58 -10.12
CA GLY I 27 9.67 5.31 -10.40
C GLY I 27 10.68 4.46 -11.13
N THR I 28 11.64 3.89 -10.42
CA THR I 28 12.67 3.09 -11.06
C THR I 28 12.86 1.76 -10.36
N THR I 29 11.79 1.28 -9.72
CA THR I 29 11.86 -0.02 -9.04
C THR I 29 10.54 -0.49 -8.49
N CYS I 30 10.47 -1.79 -8.21
CA CYS I 30 9.27 -2.40 -7.67
C CYS I 30 9.19 -2.15 -6.17
N LEU I 31 8.02 -1.74 -5.70
CA LEU I 31 7.79 -1.48 -4.27
C LEU I 31 6.41 -2.06 -3.91
N MET I 32 6.31 -2.67 -2.74
CA MET I 32 5.04 -3.26 -2.33
C MET I 32 4.04 -2.23 -1.85
N SER I 33 2.89 -2.21 -2.52
CA SER I 33 1.78 -1.33 -2.18
C SER I 33 0.61 -2.30 -1.98
N PRO I 34 -0.42 -1.89 -1.24
CA PRO I 34 -1.55 -2.80 -1.02
C PRO I 34 -2.43 -2.82 -2.25
N ALA I 35 -3.06 -3.96 -2.53
CA ALA I 35 -3.97 -4.09 -3.67
C ALA I 35 -4.60 -5.47 -3.73
N CYS I 36 -5.45 -5.68 -4.73
CA CYS I 36 -6.12 -6.96 -4.86
C CYS I 36 -5.17 -8.02 -5.36
N THR I 37 -5.34 -9.22 -4.80
CA THR I 37 -4.51 -10.38 -5.12
C THR I 37 -4.20 -10.62 -6.61
N SER I 38 -5.00 -10.06 -7.52
CA SER I 38 -4.73 -10.24 -8.94
C SER I 38 -3.90 -9.09 -9.51
N GLU I 39 -4.21 -7.87 -9.09
CA GLU I 39 -3.51 -6.69 -9.56
C GLU I 39 -2.02 -6.75 -9.17
N GLY I 40 -1.14 -6.27 -10.05
CA GLY I 40 0.28 -6.29 -9.77
C GLY I 40 0.91 -7.67 -9.71
N TYR I 41 2.11 -7.73 -9.13
CA TYR I 41 2.87 -8.99 -9.04
C TYR I 41 3.13 -9.33 -7.57
N ALA I 42 3.44 -10.60 -7.29
CA ALA I 42 3.66 -11.03 -5.91
C ALA I 42 5.10 -11.14 -5.42
N SER I 43 6.06 -10.67 -6.20
CA SER I 43 7.42 -10.80 -5.74
C SER I 43 8.33 -9.73 -6.26
N GLN I 44 9.17 -9.24 -5.38
CA GLN I 44 10.16 -8.22 -5.71
C GLN I 44 10.73 -8.58 -7.09
N HIS I 45 10.98 -9.87 -7.31
CA HIS I 45 11.51 -10.29 -8.59
C HIS I 45 10.48 -10.29 -9.70
N GLU I 46 9.36 -11.00 -9.53
CA GLU I 46 8.32 -11.05 -10.56
C GLU I 46 8.09 -9.68 -11.19
N CYS I 47 7.84 -8.67 -10.36
CA CYS I 47 7.62 -7.33 -10.87
C CYS I 47 8.78 -6.83 -11.72
N GLN I 48 10.00 -6.91 -11.18
CA GLN I 48 11.12 -6.44 -11.95
C GLN I 48 11.36 -7.31 -13.15
N GLN I 49 10.77 -8.50 -13.15
CA GLN I 49 10.93 -9.42 -14.27
C GLN I 49 9.89 -9.09 -15.33
N ALA I 50 8.92 -8.23 -14.98
CA ALA I 50 7.84 -7.94 -15.90
C ALA I 50 7.51 -6.46 -16.14
N CYS I 51 8.28 -5.59 -15.49
CA CYS I 51 8.05 -4.16 -15.62
C CYS I 51 9.23 -3.39 -16.18
N PHE I 52 10.36 -4.07 -16.29
CA PHE I 52 11.55 -3.47 -16.87
C PHE I 52 11.92 -4.24 -18.13
N VAL I 53 12.82 -3.67 -18.93
CA VAL I 53 13.26 -4.29 -20.19
C VAL I 53 14.26 -5.40 -19.93
N GLY I 54 14.98 -5.28 -18.82
CA GLY I 54 15.95 -6.29 -18.43
C GLY I 54 17.08 -6.54 -19.40
N GLY I 55 17.52 -5.49 -20.08
CA GLY I 55 18.62 -5.65 -21.01
C GLY I 55 19.93 -5.44 -20.26
N GLU I 56 20.39 -6.44 -19.51
CA GLU I 56 21.64 -6.31 -18.75
C GLU I 56 22.39 -7.64 -18.58
N ASP I 57 22.27 -8.47 -19.62
CA ASP I 57 22.89 -9.79 -19.66
C ASP I 57 24.17 -9.81 -20.51
N HIS I 58 24.54 -10.99 -21.00
CA HIS I 58 25.73 -11.16 -21.84
C HIS I 58 25.54 -10.55 -23.24
N SER I 59 25.37 -9.23 -23.28
CA SER I 59 25.19 -8.52 -24.52
C SER I 59 26.57 -8.21 -25.12
N SER I 60 27.40 -9.26 -25.24
CA SER I 60 28.77 -9.15 -25.74
C SER I 60 28.93 -8.53 -27.13
N GLU I 61 28.78 -7.22 -27.20
CA GLU I 61 28.89 -6.47 -28.45
C GLU I 61 30.31 -6.47 -28.99
N MET I 62 31.29 -6.57 -28.10
CA MET I 62 32.71 -6.53 -28.49
C MET I 62 32.99 -7.42 -29.66
N HIS I 63 32.82 -6.82 -30.82
CA HIS I 63 33.00 -7.45 -32.10
C HIS I 63 34.46 -7.84 -32.32
N SER I 64 34.68 -8.91 -33.10
CA SER I 64 36.02 -9.36 -33.45
C SER I 64 36.81 -8.15 -33.98
N SER I 65 36.10 -7.30 -34.72
CA SER I 65 36.57 -6.06 -35.32
C SER I 65 37.49 -5.33 -34.36
N CYS I 66 36.94 -5.04 -33.20
CA CYS I 66 37.64 -4.32 -32.14
C CYS I 66 39.04 -4.76 -31.86
N LEU I 67 39.25 -6.08 -31.82
CA LEU I 67 40.55 -6.68 -31.51
C LEU I 67 41.58 -6.63 -32.63
N GLY I 68 41.32 -5.86 -33.67
CA GLY I 68 42.26 -5.82 -34.76
C GLY I 68 43.37 -4.82 -34.49
N ASP I 69 44.41 -4.89 -35.33
CA ASP I 69 45.55 -3.99 -35.24
C ASP I 69 45.09 -2.56 -35.52
N PRO I 70 45.55 -1.58 -34.72
CA PRO I 70 45.13 -0.21 -34.96
C PRO I 70 45.70 0.25 -36.28
N PRO I 71 45.11 1.30 -36.91
CA PRO I 71 45.61 1.78 -38.20
C PRO I 71 47.05 2.22 -38.12
N THR I 72 47.71 2.16 -39.26
CA THR I 72 49.11 2.51 -39.34
C THR I 72 49.19 3.82 -40.10
N SER I 73 50.18 4.64 -39.75
CA SER I 73 50.39 5.90 -40.43
C SER I 73 50.84 5.59 -41.86
N CYS I 74 49.92 5.72 -42.81
CA CYS I 74 50.19 5.43 -44.20
C CYS I 74 50.34 6.71 -45.03
N ALA I 75 51.13 6.63 -46.11
CA ALA I 75 51.39 7.76 -47.01
C ALA I 75 50.16 8.58 -47.30
N GLU I 76 49.18 7.94 -47.94
CA GLU I 76 47.93 8.59 -48.30
C GLU I 76 46.89 8.26 -47.22
N GLY I 77 47.25 8.51 -45.97
CA GLY I 77 46.33 8.19 -44.90
C GLY I 77 45.28 9.24 -44.63
N THR I 78 44.12 8.81 -44.16
CA THR I 78 43.06 9.74 -43.85
C THR I 78 42.68 9.57 -42.38
N ASP I 79 41.59 10.18 -41.98
CA ASP I 79 41.12 10.11 -40.60
C ASP I 79 40.51 8.74 -40.48
N ILE I 80 40.97 7.95 -39.52
CA ILE I 80 40.42 6.63 -39.32
C ILE I 80 40.09 6.36 -37.86
N THR I 81 38.81 6.07 -37.63
CA THR I 81 38.22 5.78 -36.33
C THR I 81 38.50 4.30 -35.98
N TYR I 82 39.07 4.07 -34.80
CA TYR I 82 39.46 2.72 -34.43
C TYR I 82 39.35 2.49 -32.94
N TYR I 83 39.34 1.23 -32.53
CA TYR I 83 39.21 0.85 -31.13
C TYR I 83 40.57 0.65 -30.52
N ASP I 84 40.87 1.44 -29.50
CA ASP I 84 42.14 1.38 -28.82
C ASP I 84 42.11 0.30 -27.75
N SER I 85 42.65 -0.87 -28.09
CA SER I 85 42.72 -2.01 -27.18
C SER I 85 43.35 -1.72 -25.82
N ASP I 86 44.02 -0.56 -25.71
CA ASP I 86 44.62 -0.17 -24.44
C ASP I 86 43.72 0.79 -23.67
N SER I 87 43.36 1.93 -24.27
CA SER I 87 42.52 2.89 -23.54
C SER I 87 41.07 2.47 -23.46
N LYS I 88 40.76 1.29 -23.98
CA LYS I 88 39.38 0.82 -23.96
C LYS I 88 38.43 1.90 -24.51
N THR I 89 38.85 2.58 -25.57
CA THR I 89 38.03 3.60 -26.17
C THR I 89 38.32 3.70 -27.67
N CYS I 90 37.54 4.50 -28.38
CA CYS I 90 37.74 4.69 -29.82
C CYS I 90 38.48 6.01 -30.00
N LYS I 91 39.39 6.03 -30.97
CA LYS I 91 40.18 7.21 -31.28
C LYS I 91 40.10 7.54 -32.77
N VAL I 92 40.75 8.63 -33.17
CA VAL I 92 40.80 9.02 -34.57
C VAL I 92 42.26 9.27 -34.92
N LEU I 93 42.79 8.49 -35.85
CA LEU I 93 44.19 8.64 -36.26
C LEU I 93 44.17 9.30 -37.63
N ALA I 94 44.87 10.43 -37.76
CA ALA I 94 44.89 11.13 -39.05
C ALA I 94 46.06 10.65 -39.88
N ALA I 95 45.89 10.71 -41.21
CA ALA I 95 46.91 10.26 -42.15
C ALA I 95 47.23 8.79 -41.83
N SER I 96 46.18 7.98 -41.90
CA SER I 96 46.30 6.57 -41.63
C SER I 96 45.48 5.71 -42.56
N CYS I 97 45.89 4.45 -42.66
CA CYS I 97 45.23 3.50 -43.51
C CYS I 97 44.99 2.22 -42.70
N PRO I 98 43.82 1.57 -42.89
CA PRO I 98 43.34 0.34 -42.25
C PRO I 98 44.26 -0.85 -42.32
N SER I 99 44.59 -1.41 -41.16
CA SER I 99 45.45 -2.57 -41.15
C SER I 99 44.60 -3.82 -41.01
N GLY I 100 43.28 -3.63 -41.05
CA GLY I 100 42.36 -4.75 -40.93
C GLY I 100 40.93 -4.28 -40.86
N GLU I 101 40.16 -4.81 -39.92
CA GLU I 101 38.77 -4.42 -39.77
C GLU I 101 38.55 -3.51 -38.56
N ASN I 102 39.62 -3.15 -37.87
CA ASN I 102 39.49 -2.29 -36.71
C ASN I 102 39.32 -0.88 -37.25
N THR I 103 38.31 -0.72 -38.08
CA THR I 103 38.09 0.53 -38.75
C THR I 103 36.61 0.82 -38.79
N PHE I 104 36.15 1.79 -37.99
CA PHE I 104 34.74 2.15 -37.96
C PHE I 104 34.52 3.46 -38.66
N GLU I 105 33.30 3.71 -39.12
CA GLU I 105 32.98 4.94 -39.83
C GLU I 105 32.76 6.15 -38.90
N SER I 106 32.65 5.92 -37.60
CA SER I 106 32.39 7.03 -36.68
C SER I 106 32.71 6.74 -35.22
N GLU I 107 32.76 7.78 -34.40
CA GLU I 107 33.04 7.66 -32.99
C GLU I 107 31.93 6.81 -32.36
N VAL I 108 30.69 7.20 -32.59
CA VAL I 108 29.51 6.48 -32.05
C VAL I 108 29.60 4.99 -32.38
N GLU I 109 29.38 4.74 -33.67
CA GLU I 109 29.37 3.41 -34.27
C GLU I 109 30.36 2.54 -33.55
N CYS I 110 31.58 3.04 -33.51
CA CYS I 110 32.68 2.36 -32.85
C CYS I 110 32.37 2.01 -31.39
N GLN I 111 32.07 3.04 -30.59
CA GLN I 111 31.80 2.89 -29.17
C GLN I 111 30.83 1.78 -28.86
N VAL I 112 29.69 1.74 -29.57
CA VAL I 112 28.72 0.66 -29.28
C VAL I 112 29.20 -0.66 -29.87
N ALA I 113 29.85 -0.58 -31.01
CA ALA I 113 30.38 -1.76 -31.68
C ALA I 113 31.31 -2.51 -30.75
N CYS I 114 32.07 -1.77 -29.95
CA CYS I 114 33.00 -2.39 -29.02
C CYS I 114 32.60 -2.18 -27.56
N GLY I 115 31.42 -1.62 -27.36
CA GLY I 115 30.93 -1.39 -26.02
C GLY I 115 31.64 -0.31 -25.21
N ALA I 116 32.58 0.39 -25.82
CA ALA I 116 33.27 1.44 -25.09
C ALA I 116 32.21 2.47 -24.73
N PRO I 117 32.32 3.09 -23.55
CA PRO I 117 31.35 4.10 -23.11
C PRO I 117 31.21 5.18 -24.16
N ILE I 118 29.98 5.40 -24.59
CA ILE I 118 29.74 6.42 -25.59
C ILE I 118 29.73 7.81 -24.95
N GLU I 119 30.25 8.79 -25.69
CA GLU I 119 30.36 10.16 -25.23
C GLU I 119 29.62 11.13 -26.14
N GLY I 120 30.01 12.39 -26.04
CA GLY I 120 29.43 13.46 -26.84
C GLY I 120 30.52 14.43 -27.25
N ALA J 20 44.18 11.00 -6.29
CA ALA J 20 44.16 11.08 -7.78
C ALA J 20 43.24 12.24 -8.15
N ASP J 21 42.53 12.11 -9.27
CA ASP J 21 41.61 13.13 -9.76
C ASP J 21 40.71 13.67 -8.64
N CYS J 22 40.61 12.91 -7.54
CA CYS J 22 39.81 13.28 -6.36
C CYS J 22 39.88 12.16 -5.35
N GLY J 23 39.09 12.31 -4.29
CA GLY J 23 38.97 11.39 -3.18
C GLY J 23 39.82 10.15 -2.96
N LEU J 24 41.13 10.30 -2.88
CA LEU J 24 42.00 9.14 -2.66
C LEU J 24 43.15 9.53 -1.79
N ARG J 25 43.10 9.05 -0.56
CA ARG J 25 44.09 9.36 0.46
C ARG J 25 45.44 8.72 0.23
N PRO J 26 46.47 9.57 0.12
CA PRO J 26 47.85 9.15 -0.12
C PRO J 26 48.23 8.10 0.92
N LEU J 27 48.23 8.52 2.16
CA LEU J 27 48.58 7.68 3.29
C LEU J 27 47.68 6.48 3.58
N PHE J 28 46.75 6.15 2.67
CA PHE J 28 45.86 5.02 2.92
C PHE J 28 45.50 4.23 1.68
N GLU J 29 44.57 4.75 0.88
CA GLU J 29 44.11 4.07 -0.33
C GLU J 29 45.24 3.83 -1.29
N LYS J 30 46.07 4.85 -1.52
CA LYS J 30 47.21 4.72 -2.42
C LYS J 30 48.15 3.66 -1.82
N LYS J 31 48.58 3.91 -0.59
CA LYS J 31 49.47 3.01 0.13
C LYS J 31 48.84 1.63 0.32
N GLN J 32 47.53 1.53 0.11
CA GLN J 32 46.79 0.27 0.26
C GLN J 32 46.65 -0.19 1.72
N VAL J 33 46.51 0.76 2.64
CA VAL J 33 46.36 0.45 4.07
C VAL J 33 45.00 0.98 4.50
N GLN J 34 44.28 0.21 5.31
CA GLN J 34 42.97 0.64 5.78
C GLN J 34 43.03 1.15 7.22
N ASP J 35 42.22 2.16 7.52
CA ASP J 35 42.17 2.73 8.87
C ASP J 35 41.18 1.94 9.70
N GLN J 36 41.37 1.96 11.03
CA GLN J 36 40.51 1.26 11.98
C GLN J 36 39.03 1.26 11.62
N THR J 37 38.41 2.40 11.87
CA THR J 37 37.00 2.64 11.65
C THR J 37 36.52 2.50 10.21
N GLU J 38 37.33 1.97 9.32
CA GLU J 38 36.90 1.87 7.93
C GLU J 38 35.97 0.68 7.63
N LYS J 39 36.26 -0.47 8.23
CA LYS J 39 35.46 -1.69 8.02
C LYS J 39 34.01 -1.51 8.39
N GLU J 40 33.74 -0.67 9.38
CA GLU J 40 32.36 -0.41 9.81
C GLU J 40 31.50 0.08 8.64
N LEU J 41 31.95 1.11 7.96
CA LEU J 41 31.21 1.67 6.83
C LEU J 41 30.88 0.61 5.80
N PHE J 42 31.74 -0.37 5.63
CA PHE J 42 31.49 -1.39 4.65
C PHE J 42 30.42 -2.39 5.12
N GLU J 43 30.56 -2.89 6.35
CA GLU J 43 29.58 -3.82 6.89
C GLU J 43 28.16 -3.24 6.81
N SER J 44 28.03 -1.93 7.00
CA SER J 44 26.72 -1.29 6.94
C SER J 44 26.11 -1.28 5.54
N TYR J 45 26.88 -1.70 4.53
CA TYR J 45 26.36 -1.71 3.16
C TYR J 45 25.57 -2.97 2.81
N ILE J 46 25.17 -3.70 3.84
CA ILE J 46 24.39 -4.93 3.71
C ILE J 46 23.03 -4.58 3.12
N GLU J 47 23.00 -4.34 1.81
CA GLU J 47 21.76 -3.98 1.12
C GLU J 47 22.02 -3.79 -0.37
N ILE K 1 33.31 16.30 18.69
CA ILE K 1 32.46 15.18 18.20
C ILE K 1 32.12 14.36 19.43
N VAL K 2 30.83 14.24 19.73
CA VAL K 2 30.41 13.49 20.91
C VAL K 2 30.56 11.98 20.72
N GLU K 3 31.28 11.36 21.65
CA GLU K 3 31.51 9.94 21.65
C GLU K 3 32.38 9.48 20.49
N GLY K 4 33.09 10.42 19.86
CA GLY K 4 33.96 10.07 18.75
C GLY K 4 35.31 9.64 19.26
N GLN K 5 36.31 9.66 18.39
CA GLN K 5 37.65 9.25 18.79
C GLN K 5 38.76 9.93 17.95
N ASP K 6 39.98 9.91 18.48
CA ASP K 6 41.15 10.47 17.80
C ASP K 6 41.26 9.90 16.40
N ALA K 7 41.43 10.79 15.44
CA ALA K 7 41.57 10.42 14.04
C ALA K 7 43.04 10.16 13.65
N GLU K 8 43.27 9.08 12.93
CA GLU K 8 44.62 8.73 12.51
C GLU K 8 45.23 9.88 11.67
N VAL K 9 46.54 10.08 11.77
CA VAL K 9 47.18 11.12 10.99
C VAL K 9 46.97 10.88 9.50
N GLY K 10 46.49 11.90 8.82
CA GLY K 10 46.29 11.79 7.39
C GLY K 10 44.99 11.16 6.98
N LEU K 11 44.18 10.77 7.97
CA LEU K 11 42.88 10.13 7.74
C LEU K 11 41.91 11.02 6.97
N SER K 12 41.98 12.33 7.17
CA SER K 12 41.07 13.23 6.50
C SER K 12 41.78 14.40 5.82
N PRO K 13 42.47 14.13 4.70
CA PRO K 13 43.21 15.14 3.93
C PRO K 13 42.41 16.35 3.41
N TRP K 14 41.09 16.23 3.38
CA TRP K 14 40.22 17.32 2.91
C TRP K 14 39.73 18.27 4.02
N GLN K 15 40.03 17.93 5.27
CA GLN K 15 39.63 18.75 6.38
C GLN K 15 40.26 20.13 6.27
N VAL K 16 39.48 21.16 6.54
CA VAL K 16 39.93 22.53 6.41
C VAL K 16 39.44 23.31 7.62
N MET K 17 40.32 23.65 8.53
CA MET K 17 39.86 24.41 9.67
C MET K 17 39.55 25.76 9.06
N LEU K 18 38.53 26.43 9.55
CA LEU K 18 38.18 27.74 9.07
C LEU K 18 38.53 28.58 10.26
N PHE K 19 39.69 29.23 10.20
CA PHE K 19 40.24 30.09 11.25
C PHE K 19 39.79 31.57 11.17
N ARG K 20 39.81 32.26 12.30
CA ARG K 20 39.42 33.66 12.36
C ARG K 20 40.61 34.52 12.79
N LYS K 21 40.92 35.52 11.97
CA LYS K 21 42.04 36.47 12.17
C LYS K 21 42.26 37.01 13.56
N SER K 22 41.28 37.78 14.06
CA SER K 22 41.37 38.36 15.38
C SER K 22 39.99 38.39 16.03
N PRO K 23 39.83 37.68 17.17
CA PRO K 23 40.92 36.92 17.78
C PRO K 23 41.24 35.69 16.94
N GLN K 24 42.41 35.13 17.18
CA GLN K 24 42.83 33.95 16.45
C GLN K 24 42.09 32.82 17.10
N GLU K 25 40.96 32.43 16.51
CA GLU K 25 40.15 31.35 17.06
C GLU K 25 39.59 30.44 16.00
N LEU K 26 38.95 29.37 16.45
CA LEU K 26 38.34 28.41 15.54
C LEU K 26 36.86 28.71 15.29
N LEU K 27 36.54 28.97 14.03
CA LEU K 27 35.18 29.26 13.64
C LEU K 27 34.34 28.05 13.20
N CYS K 28 34.92 27.19 12.36
CA CYS K 28 34.19 26.04 11.81
C CYS K 28 35.09 24.90 11.38
N GLY K 29 34.76 24.31 10.23
CA GLY K 29 35.51 23.23 9.63
C GLY K 29 35.00 23.17 8.20
N ALA K 30 35.67 22.44 7.32
CA ALA K 30 35.20 22.35 5.95
C ALA K 30 36.01 21.35 5.13
N SER K 31 35.54 21.08 3.92
CA SER K 31 36.19 20.15 3.02
C SER K 31 36.96 20.85 1.90
N LEU K 32 38.01 20.20 1.42
CA LEU K 32 38.78 20.76 0.31
C LEU K 32 38.33 20.04 -0.97
N ILE K 33 37.38 20.61 -1.70
CA ILE K 33 36.87 19.99 -2.94
C ILE K 33 37.82 20.02 -4.13
N SER K 34 38.89 20.81 -4.02
CA SER K 34 39.87 20.96 -5.08
C SER K 34 40.86 21.97 -4.57
N ASP K 35 42.13 21.81 -4.96
CA ASP K 35 43.22 22.69 -4.54
C ASP K 35 42.81 24.16 -4.55
N ARG K 36 41.91 24.50 -5.46
CA ARG K 36 41.43 25.87 -5.62
C ARG K 36 40.34 26.18 -4.60
N TRP K 37 39.27 25.37 -4.63
CA TRP K 37 38.09 25.53 -3.77
C TRP K 37 37.95 24.81 -2.41
N VAL K 38 37.12 25.42 -1.58
CA VAL K 38 36.79 24.92 -0.25
C VAL K 38 35.27 24.99 -0.08
N LEU K 39 34.68 23.89 0.36
CA LEU K 39 33.23 23.81 0.56
C LEU K 39 32.93 23.75 2.05
N THR K 40 32.15 24.71 2.52
CA THR K 40 31.77 24.80 3.92
C THR K 40 30.27 25.07 4.09
N ALA K 41 29.80 25.09 5.32
CA ALA K 41 28.41 25.35 5.55
C ALA K 41 28.17 26.85 5.67
N ALA K 42 27.24 27.35 4.86
CA ALA K 42 26.86 28.77 4.83
C ALA K 42 26.72 29.47 6.17
N HIS K 43 25.79 29.03 7.01
CA HIS K 43 25.61 29.71 8.29
C HIS K 43 26.92 29.93 9.07
N CYS K 44 28.02 29.32 8.61
CA CYS K 44 29.32 29.44 9.27
C CYS K 44 29.79 30.87 9.17
N LEU K 45 29.41 31.48 8.06
CA LEU K 45 29.80 32.84 7.70
C LEU K 45 28.69 33.83 7.92
N LEU K 46 27.49 33.42 7.50
CA LEU K 46 26.32 34.29 7.58
C LEU K 46 25.16 33.80 8.47
N TYR K 47 25.00 34.45 9.64
CA TYR K 47 23.90 34.17 10.55
C TYR K 47 23.62 35.40 11.40
N PRO K 48 22.93 36.39 10.82
CA PRO K 48 22.61 37.64 11.51
C PRO K 48 22.14 37.49 12.95
N PRO K 49 21.18 36.59 13.23
CA PRO K 49 20.68 36.44 14.59
C PRO K 49 21.75 36.31 15.68
N TRP K 50 23.00 36.08 15.28
CA TRP K 50 24.08 35.95 16.26
C TRP K 50 25.25 36.89 15.92
N ASP K 51 24.95 38.07 15.37
CA ASP K 51 26.00 39.03 14.99
C ASP K 51 27.04 38.28 14.16
N LYS K 52 26.59 37.51 13.17
CA LYS K 52 27.50 36.72 12.37
C LYS K 52 27.53 36.97 10.87
N ASN K 53 28.38 37.90 10.42
CA ASN K 53 28.53 38.20 9.00
C ASN K 53 30.04 38.36 8.75
N PHE K 54 30.64 37.25 8.34
CA PHE K 54 32.07 37.25 8.08
C PHE K 54 32.43 37.54 6.64
N THR K 55 33.38 38.46 6.51
CA THR K 55 33.90 38.86 5.21
C THR K 55 35.25 38.22 5.05
N VAL K 56 35.68 38.12 3.79
CA VAL K 56 36.94 37.52 3.45
C VAL K 56 38.08 38.10 4.29
N ASP K 57 37.92 39.33 4.76
CA ASP K 57 38.96 39.96 5.55
C ASP K 57 38.96 39.60 7.03
N ASP K 58 38.63 38.34 7.33
CA ASP K 58 38.57 37.87 8.71
C ASP K 58 38.89 36.37 8.72
N LEU K 59 38.52 35.69 7.65
CA LEU K 59 38.72 34.27 7.53
C LEU K 59 40.08 33.82 7.03
N LEU K 60 40.63 32.83 7.73
CA LEU K 60 41.90 32.23 7.39
C LEU K 60 41.56 30.77 7.31
N VAL K 61 42.18 30.06 6.39
CA VAL K 61 41.92 28.65 6.20
C VAL K 61 43.18 27.83 6.46
N ARG K 62 43.27 27.25 7.65
CA ARG K 62 44.42 26.40 7.96
C ARG K 62 44.05 25.02 7.40
N ILE K 63 44.80 24.53 6.41
CA ILE K 63 44.49 23.22 5.81
C ILE K 63 45.44 22.07 6.13
N GLY K 64 44.86 20.88 6.34
CA GLY K 64 45.65 19.70 6.63
C GLY K 64 46.21 19.63 8.04
N LYS K 65 45.49 20.24 9.00
CA LYS K 65 45.91 20.18 10.40
C LYS K 65 45.45 18.89 11.02
N HIS K 66 45.84 18.65 12.25
CA HIS K 66 45.47 17.42 12.93
C HIS K 66 45.29 17.82 14.36
N SER K 67 46.29 18.45 14.95
CA SER K 67 46.06 18.89 16.31
C SER K 67 45.16 20.11 16.17
N ARG K 68 44.37 20.38 17.21
CA ARG K 68 43.43 21.49 17.17
C ARG K 68 44.09 22.86 17.25
N THR K 69 45.08 22.98 18.12
CA THR K 69 45.73 24.27 18.30
C THR K 69 47.15 24.40 17.78
N ARG K 70 48.04 23.55 18.27
CA ARG K 70 49.45 23.60 17.89
C ARG K 70 49.76 23.65 16.38
N TYR K 71 50.51 24.69 16.00
CA TYR K 71 50.95 24.94 14.64
C TYR K 71 51.78 23.73 14.22
N GLU K 72 51.44 23.12 13.08
CA GLU K 72 52.19 21.97 12.62
C GLU K 72 53.10 22.39 11.51
N ARG K 73 54.20 23.01 11.94
CA ARG K 73 55.23 23.56 11.09
C ARG K 73 55.25 23.32 9.60
N LYS K 74 55.41 22.11 9.11
CA LYS K 74 55.44 22.02 7.65
C LYS K 74 54.36 21.15 7.04
N VAL K 75 53.28 21.00 7.77
CA VAL K 75 52.18 20.15 7.30
C VAL K 75 50.99 21.00 6.89
N GLU K 76 50.44 21.71 7.87
CA GLU K 76 49.33 22.58 7.58
C GLU K 76 49.78 23.69 6.63
N LYS K 77 48.97 23.93 5.60
CA LYS K 77 49.29 24.98 4.64
C LYS K 77 48.27 26.09 4.70
N ILE K 78 48.46 27.03 5.65
CA ILE K 78 47.59 28.19 5.86
C ILE K 78 47.18 28.85 4.55
N SER K 79 46.14 29.67 4.57
CA SER K 79 45.75 30.32 3.35
C SER K 79 44.67 31.34 3.61
N MET K 80 44.63 32.34 2.72
CA MET K 80 43.63 33.38 2.79
C MET K 80 42.69 33.08 1.61
N LEU K 81 41.47 33.61 1.68
CA LEU K 81 40.48 33.37 0.64
C LEU K 81 40.49 34.45 -0.43
N ASP K 82 39.55 34.36 -1.36
CA ASP K 82 39.44 35.33 -2.44
C ASP K 82 37.97 35.69 -2.60
N LYS K 83 37.12 34.69 -2.67
CA LYS K 83 35.71 34.94 -2.80
C LYS K 83 34.82 34.03 -1.97
N ILE K 84 33.70 34.58 -1.48
CA ILE K 84 32.77 33.83 -0.66
C ILE K 84 31.42 33.84 -1.37
N TYR K 85 30.94 32.66 -1.72
CA TYR K 85 29.65 32.55 -2.38
C TYR K 85 28.72 31.71 -1.49
N ILE K 86 27.57 32.25 -1.10
CA ILE K 86 26.60 31.50 -0.31
C ILE K 86 25.39 31.30 -1.22
N HIS K 87 24.60 30.26 -1.00
CA HIS K 87 23.44 30.01 -1.85
C HIS K 87 22.47 31.16 -1.77
N PRO K 88 21.95 31.63 -2.92
CA PRO K 88 21.00 32.75 -2.95
C PRO K 88 19.72 32.43 -2.18
N ARG K 89 19.31 31.16 -2.24
CA ARG K 89 18.11 30.71 -1.54
C ARG K 89 18.40 30.15 -0.16
N TYR K 90 19.38 30.78 0.51
CA TYR K 90 19.81 30.40 1.87
C TYR K 90 18.78 30.91 2.89
N ASN K 91 18.00 30.00 3.45
CA ASN K 91 16.96 30.41 4.37
C ASN K 91 17.42 30.35 5.82
N TRP K 92 18.31 31.25 6.20
CA TRP K 92 18.80 31.29 7.57
C TRP K 92 17.75 31.53 8.63
N LYS K 93 16.79 32.42 8.39
CA LYS K 93 15.82 32.64 9.44
C LYS K 93 14.73 31.59 9.67
N GLU K 94 14.51 30.67 8.74
CA GLU K 94 13.50 29.66 8.99
C GLU K 94 14.15 28.39 9.47
N ASN K 95 14.66 27.59 8.53
CA ASN K 95 15.29 26.31 8.86
C ASN K 95 16.58 25.99 8.11
N LEU K 96 17.43 27.01 7.95
CA LEU K 96 18.73 26.88 7.27
C LEU K 96 18.73 26.07 6.01
N ASP K 97 17.74 26.28 5.15
CA ASP K 97 17.73 25.50 3.92
C ASP K 97 18.91 25.94 3.06
N ARG K 98 19.59 24.95 2.47
CA ARG K 98 20.70 25.23 1.60
C ARG K 98 21.83 25.91 2.37
N ASP K 99 22.28 25.26 3.44
CA ASP K 99 23.36 25.80 4.26
C ASP K 99 24.65 25.43 3.57
N ILE K 100 24.92 26.02 2.42
CA ILE K 100 26.13 25.72 1.69
C ILE K 100 26.80 27.01 1.27
N ALA K 101 28.12 26.98 1.14
CA ALA K 101 28.88 28.16 0.75
C ALA K 101 30.21 27.75 0.19
N LEU K 102 30.67 28.48 -0.83
CA LEU K 102 31.96 28.18 -1.43
C LEU K 102 33.00 29.25 -1.12
N LEU K 103 34.17 28.79 -0.73
CA LEU K 103 35.26 29.70 -0.40
C LEU K 103 36.41 29.48 -1.41
N LYS K 104 36.71 30.47 -2.23
CA LYS K 104 37.82 30.29 -3.18
C LYS K 104 39.18 30.73 -2.56
N LEU K 105 40.04 29.74 -2.34
CA LEU K 105 41.36 30.02 -1.80
C LEU K 105 42.06 30.93 -2.79
N LYS K 106 42.82 31.88 -2.27
CA LYS K 106 43.59 32.81 -3.09
C LYS K 106 44.62 32.09 -4.00
N ARG K 107 45.42 31.19 -3.44
CA ARG K 107 46.39 30.47 -4.25
C ARG K 107 46.20 28.98 -4.18
N PRO K 108 46.00 28.35 -5.33
CA PRO K 108 45.81 26.91 -5.36
C PRO K 108 46.77 26.15 -4.42
N ILE K 109 46.17 25.43 -3.50
CA ILE K 109 46.89 24.63 -2.52
C ILE K 109 47.93 23.73 -3.20
N GLU K 110 49.02 23.50 -2.50
CA GLU K 110 50.06 22.65 -3.00
C GLU K 110 49.66 21.27 -2.50
N LEU K 111 48.90 20.53 -3.32
CA LEU K 111 48.45 19.18 -2.95
C LEU K 111 49.59 18.34 -2.37
N SER K 112 49.31 17.51 -1.36
CA SER K 112 50.35 16.72 -0.74
C SER K 112 49.82 15.54 0.05
N ASP K 113 50.74 14.82 0.70
CA ASP K 113 50.38 13.64 1.50
C ASP K 113 49.31 13.83 2.57
N TYR K 114 49.13 15.07 3.00
CA TYR K 114 48.15 15.39 4.03
C TYR K 114 47.02 16.24 3.49
N ILE K 115 47.27 16.98 2.41
CA ILE K 115 46.26 17.83 1.81
C ILE K 115 45.76 17.18 0.54
N HIS K 116 44.57 16.59 0.57
CA HIS K 116 43.99 15.98 -0.64
C HIS K 116 42.49 16.11 -0.65
N PRO K 117 41.93 16.38 -1.83
CA PRO K 117 40.51 16.56 -2.10
C PRO K 117 39.63 15.32 -2.11
N VAL K 118 38.36 15.53 -1.79
CA VAL K 118 37.33 14.49 -1.77
C VAL K 118 36.80 14.34 -3.20
N CYS K 119 35.58 13.81 -3.33
CA CYS K 119 34.96 13.69 -4.64
C CYS K 119 33.51 14.06 -4.38
N LEU K 120 32.97 15.03 -5.10
CA LEU K 120 31.56 15.38 -4.92
C LEU K 120 30.78 14.22 -5.53
N PRO K 121 29.66 13.84 -4.92
CA PRO K 121 28.88 12.73 -5.48
C PRO K 121 28.10 13.05 -6.77
N ASP K 122 27.77 12.00 -7.49
CA ASP K 122 27.04 12.08 -8.76
C ASP K 122 25.90 11.07 -8.69
N LYS K 123 24.88 11.24 -9.53
CA LYS K 123 23.71 10.37 -9.60
C LYS K 123 24.05 8.92 -9.23
N GLN K 124 24.93 8.31 -10.01
CA GLN K 124 25.37 6.94 -9.79
C GLN K 124 25.83 6.72 -8.34
N THR K 125 26.98 7.30 -8.01
CA THR K 125 27.55 7.17 -6.68
C THR K 125 26.53 7.42 -5.62
N ALA K 126 25.78 8.51 -5.77
CA ALA K 126 24.75 8.89 -4.80
C ALA K 126 23.69 7.79 -4.62
N ALA K 127 23.02 7.45 -5.70
CA ALA K 127 21.96 6.45 -5.69
C ALA K 127 22.32 5.18 -4.94
N LYS K 128 23.56 4.73 -5.06
CA LYS K 128 23.94 3.51 -4.37
C LYS K 128 24.21 3.70 -2.89
N LEU K 129 24.85 4.80 -2.54
CA LEU K 129 25.21 5.04 -1.16
C LEU K 129 24.16 5.69 -0.26
N LEU K 130 23.24 6.44 -0.84
CA LEU K 130 22.25 7.07 0.01
C LEU K 130 21.01 6.26 0.38
N HIS K 131 21.24 5.22 1.19
CA HIS K 131 20.18 4.36 1.69
C HIS K 131 20.34 4.33 3.20
N ALA K 132 19.24 4.52 3.94
CA ALA K 132 19.31 4.55 5.40
C ALA K 132 19.81 3.23 5.95
N GLY K 133 20.64 3.35 6.97
CA GLY K 133 21.22 2.19 7.60
C GLY K 133 22.71 2.34 7.35
N PHE K 134 23.03 2.68 6.10
CA PHE K 134 24.40 2.88 5.66
C PHE K 134 25.09 3.92 6.55
N LYS K 135 26.31 3.67 7.00
CA LYS K 135 27.02 4.64 7.84
C LYS K 135 27.80 5.70 7.06
N GLY K 136 28.30 6.69 7.77
CA GLY K 136 29.07 7.76 7.15
C GLY K 136 30.09 8.27 8.16
N ARG K 137 30.99 9.14 7.74
CA ARG K 137 32.03 9.62 8.63
C ARG K 137 32.01 11.12 8.79
N VAL K 138 31.90 11.56 10.05
CA VAL K 138 31.89 12.97 10.41
C VAL K 138 33.13 13.22 11.23
N THR K 139 33.92 14.21 10.81
CA THR K 139 35.19 14.58 11.45
C THR K 139 35.35 16.09 11.62
N GLY K 140 35.53 16.54 12.85
CA GLY K 140 35.68 17.97 13.16
C GLY K 140 36.42 18.20 14.47
N TRP K 141 36.83 19.44 14.73
CA TRP K 141 37.56 19.77 15.95
C TRP K 141 36.69 20.27 17.10
N GLY K 142 35.40 19.93 17.02
CA GLY K 142 34.44 20.36 18.03
C GLY K 142 34.55 19.79 19.43
N ASN K 143 33.77 20.39 20.32
CA ASN K 143 33.72 20.00 21.72
C ASN K 143 33.16 18.59 21.83
N ARG K 144 33.52 17.89 22.91
CA ARG K 144 33.07 16.51 23.14
C ARG K 144 31.65 16.38 23.76
N ARG K 145 31.15 17.41 24.43
CA ARG K 145 29.86 17.37 25.08
C ARG K 145 29.14 18.67 24.80
N GLU K 146 27.84 18.68 25.06
CA GLU K 146 26.97 19.84 24.85
C GLU K 146 27.12 20.84 26.02
N THR K 147 27.23 20.31 27.23
CA THR K 147 27.40 21.09 28.45
C THR K 147 28.25 20.22 29.36
N TRP K 148 28.88 20.79 30.38
CA TRP K 148 29.74 20.00 31.25
C TRP K 148 30.06 20.67 32.57
N THR K 149 30.82 19.98 33.40
CA THR K 149 31.23 20.50 34.70
C THR K 149 32.75 20.49 34.87
N THR K 150 33.30 21.68 35.11
CA THR K 150 34.73 21.88 35.32
C THR K 150 35.61 21.07 34.34
N SER K 151 35.31 21.19 33.04
CA SER K 151 36.04 20.52 31.97
C SER K 151 36.25 19.03 32.20
N VAL K 152 35.30 18.39 32.88
CA VAL K 152 35.37 16.97 33.20
C VAL K 152 35.71 16.10 31.98
N ALA K 153 36.74 15.27 32.14
CA ALA K 153 37.22 14.40 31.07
C ALA K 153 37.63 15.22 29.83
N GLU K 154 37.91 16.51 30.04
CA GLU K 154 38.30 17.45 29.00
C GLU K 154 37.35 17.51 27.81
N VAL K 155 36.87 18.73 27.55
CA VAL K 155 35.93 18.95 26.47
C VAL K 155 36.51 19.13 25.07
N GLN K 156 37.38 20.12 24.89
CA GLN K 156 37.95 20.43 23.58
C GLN K 156 39.11 19.52 23.22
N PRO K 157 38.86 18.61 22.27
CA PRO K 157 39.79 17.61 21.77
C PRO K 157 41.18 18.09 21.39
N SER K 158 42.17 17.22 21.64
CA SER K 158 43.55 17.48 21.30
C SER K 158 43.70 17.49 19.80
N VAL K 159 43.29 16.42 19.14
CA VAL K 159 43.40 16.38 17.68
C VAL K 159 42.06 16.18 17.03
N LEU K 160 42.06 16.19 15.71
CA LEU K 160 40.88 15.98 14.90
C LEU K 160 40.20 14.73 15.43
N GLN K 161 38.88 14.66 15.33
CA GLN K 161 38.15 13.49 15.82
C GLN K 161 37.27 12.91 14.75
N VAL K 162 36.92 11.64 14.91
CA VAL K 162 36.11 10.92 13.94
C VAL K 162 34.97 10.09 14.57
N VAL K 163 33.94 9.83 13.79
CA VAL K 163 32.81 9.04 14.23
C VAL K 163 31.96 8.67 13.02
N ASN K 164 31.75 7.37 12.83
CA ASN K 164 30.96 6.89 11.70
C ASN K 164 29.53 6.78 12.15
N LEU K 165 28.67 7.62 11.59
CA LEU K 165 27.26 7.64 11.95
C LEU K 165 26.48 7.12 10.78
N PRO K 166 25.45 6.29 11.04
CA PRO K 166 24.60 5.71 10.01
C PRO K 166 23.53 6.72 9.68
N LEU K 167 23.07 6.66 8.44
CA LEU K 167 22.03 7.55 7.94
C LEU K 167 20.69 7.02 8.44
N VAL K 168 19.76 7.91 8.77
CA VAL K 168 18.48 7.42 9.21
C VAL K 168 17.43 7.70 8.13
N GLU K 169 16.30 7.00 8.25
CA GLU K 169 15.18 7.11 7.31
C GLU K 169 14.64 8.51 7.49
N ARG K 170 14.29 9.13 6.37
CA ARG K 170 13.75 10.48 6.44
C ARG K 170 12.53 10.58 7.33
N PRO K 171 11.57 9.63 7.21
CA PRO K 171 10.37 9.71 8.06
C PRO K 171 10.70 9.82 9.55
N VAL K 172 11.86 9.30 9.94
CA VAL K 172 12.25 9.38 11.34
C VAL K 172 12.81 10.75 11.65
N CYS K 173 13.58 11.30 10.72
CA CYS K 173 14.17 12.64 10.92
C CYS K 173 13.04 13.70 10.95
N LYS K 174 12.12 13.60 10.01
CA LYS K 174 10.98 14.51 9.93
C LYS K 174 10.23 14.47 11.25
N ALA K 175 10.03 13.25 11.72
CA ALA K 175 9.30 13.02 12.94
C ALA K 175 10.07 13.25 14.23
N SER K 176 11.26 13.84 14.16
CA SER K 176 12.02 14.05 15.39
C SER K 176 12.28 15.50 15.75
N THR K 177 11.69 16.44 15.02
CA THR K 177 11.90 17.86 15.31
C THR K 177 10.70 18.62 14.82
N ARG K 178 10.32 19.65 15.56
CA ARG K 178 9.20 20.51 15.16
C ARG K 178 9.63 21.24 13.90
N ILE K 179 10.90 21.62 13.85
CA ILE K 179 11.48 22.34 12.71
C ILE K 179 11.16 21.73 11.32
N ARG K 180 11.05 22.59 10.33
CA ARG K 180 10.76 22.13 8.98
C ARG K 180 11.97 21.42 8.41
N ILE K 181 11.73 20.39 7.61
CA ILE K 181 12.83 19.66 6.99
C ILE K 181 12.56 19.68 5.53
N THR K 182 13.57 19.98 4.73
CA THR K 182 13.39 20.02 3.28
C THR K 182 14.16 18.86 2.63
N ASP K 183 14.13 18.82 1.32
CA ASP K 183 14.83 17.75 0.63
C ASP K 183 16.31 18.08 0.42
N ASN K 184 16.77 19.16 1.03
CA ASN K 184 18.18 19.58 0.91
C ASN K 184 18.87 19.38 2.24
N MET K 185 18.40 18.38 2.98
CA MET K 185 18.97 18.07 4.28
C MET K 185 18.61 16.68 4.83
N PHE K 186 19.55 15.75 4.74
CA PHE K 186 19.32 14.42 5.27
C PHE K 186 19.82 14.49 6.71
N CYS K 187 19.52 13.46 7.48
CA CYS K 187 19.95 13.50 8.86
C CYS K 187 20.59 12.18 9.07
N ALA K 188 21.39 12.10 10.13
CA ALA K 188 22.06 10.87 10.49
C ALA K 188 22.34 10.88 11.97
N GLY K 189 22.30 9.68 12.55
CA GLY K 189 22.55 9.52 13.97
C GLY K 189 21.97 8.18 14.43
N TYR K 190 22.36 7.71 15.61
CA TYR K 190 21.83 6.45 16.09
C TYR K 190 20.44 6.65 16.69
N LYS K 191 19.65 5.58 16.69
CA LYS K 191 18.32 5.65 17.25
C LYS K 191 18.48 5.22 18.70
N PRO K 192 17.48 5.52 19.57
CA PRO K 192 17.57 5.13 20.97
C PRO K 192 17.65 3.62 21.06
N GLY K 193 18.31 3.12 22.09
CA GLY K 193 18.40 1.68 22.22
C GLY K 193 19.29 1.01 21.21
N GLU K 194 19.73 1.75 20.19
CA GLU K 194 20.61 1.18 19.16
C GLU K 194 22.00 0.86 19.71
N GLY K 195 22.31 1.33 20.91
CA GLY K 195 23.57 1.02 21.53
C GLY K 195 24.70 2.00 21.28
N LYS K 196 25.01 2.26 20.02
CA LYS K 196 26.07 3.21 19.69
C LYS K 196 25.57 4.66 19.77
N ARG K 197 26.36 5.54 20.38
CA ARG K 197 25.97 6.95 20.42
C ARG K 197 26.86 7.63 19.38
N GLY K 198 27.00 8.94 19.46
CA GLY K 198 27.87 9.66 18.54
C GLY K 198 27.17 10.71 17.70
N ASP K 199 27.79 11.88 17.57
CA ASP K 199 27.19 12.95 16.81
C ASP K 199 28.09 14.18 16.86
N ALA K 200 28.04 14.99 15.80
CA ALA K 200 28.84 16.22 15.72
C ALA K 200 28.34 17.15 16.79
N CYS K 201 29.01 18.29 16.97
CA CYS K 201 28.64 19.25 17.99
C CYS K 201 29.28 20.57 17.68
N GLU K 202 29.06 21.57 18.54
CA GLU K 202 29.58 22.93 18.34
C GLU K 202 31.06 22.90 17.99
N GLY K 203 31.39 23.41 16.80
CA GLY K 203 32.78 23.39 16.37
C GLY K 203 32.99 22.54 15.13
N ASP K 204 31.98 21.82 14.69
CA ASP K 204 32.10 20.99 13.49
C ASP K 204 31.21 21.53 12.36
N SER K 205 30.53 22.64 12.60
CA SER K 205 29.66 23.23 11.57
C SER K 205 30.55 23.41 10.35
N GLY K 206 30.26 22.67 9.27
CA GLY K 206 31.06 22.78 8.05
C GLY K 206 31.75 21.47 7.75
N GLY K 207 32.04 20.72 8.81
CA GLY K 207 32.68 19.43 8.64
C GLY K 207 32.12 18.54 7.53
N PRO K 208 33.01 17.91 6.77
CA PRO K 208 32.45 17.10 5.72
C PRO K 208 31.92 15.75 6.25
N PHE K 209 30.72 15.39 5.85
CA PHE K 209 30.17 14.08 6.19
C PHE K 209 30.49 13.23 4.94
N VAL K 210 31.54 12.42 5.02
CA VAL K 210 31.96 11.57 3.89
C VAL K 210 31.56 10.10 3.97
N MET K 211 31.54 9.45 2.81
CA MET K 211 31.15 8.06 2.63
C MET K 211 32.02 7.44 1.52
N LYS K 212 32.75 6.40 1.87
CA LYS K 212 33.64 5.68 0.97
C LYS K 212 32.82 4.82 0.02
N SER K 213 33.12 4.86 -1.27
CA SER K 213 32.39 4.04 -2.24
C SER K 213 32.95 2.65 -2.27
N PRO K 214 32.08 1.63 -2.31
CA PRO K 214 32.56 0.25 -2.37
C PRO K 214 32.86 -0.21 -3.79
N TYR K 215 32.73 0.69 -4.77
CA TYR K 215 32.98 0.33 -6.14
C TYR K 215 34.30 0.88 -6.66
N ASN K 216 34.37 2.19 -6.87
CA ASN K 216 35.57 2.86 -7.37
C ASN K 216 36.53 3.25 -6.25
N ASN K 217 36.23 2.78 -5.05
CA ASN K 217 37.04 3.01 -3.87
C ASN K 217 37.30 4.42 -3.45
N ARG K 218 36.54 5.38 -3.97
CA ARG K 218 36.77 6.77 -3.60
C ARG K 218 35.92 7.25 -2.44
N TRP K 219 36.50 8.11 -1.60
CA TRP K 219 35.78 8.70 -0.48
C TRP K 219 34.97 9.89 -0.96
N TYR K 220 33.65 9.78 -0.94
CA TYR K 220 32.81 10.88 -1.39
C TYR K 220 32.31 11.70 -0.23
N GLN K 221 31.92 12.94 -0.49
CA GLN K 221 31.40 13.77 0.58
C GLN K 221 29.94 13.98 0.24
N MET K 222 29.07 13.39 1.06
CA MET K 222 27.61 13.48 0.85
C MET K 222 26.87 14.60 1.57
N GLY K 223 27.32 14.98 2.78
CA GLY K 223 26.65 16.04 3.49
C GLY K 223 27.56 16.96 4.28
N ILE K 224 27.12 18.20 4.51
CA ILE K 224 27.92 19.16 5.29
C ILE K 224 27.24 19.25 6.65
N VAL K 225 28.01 19.27 7.73
CA VAL K 225 27.46 19.36 9.07
C VAL K 225 26.72 20.68 9.12
N SER K 226 25.38 20.65 9.20
CA SER K 226 24.62 21.90 9.23
C SER K 226 24.04 22.27 10.59
N TRP K 227 22.89 21.72 10.95
CA TRP K 227 22.26 22.04 12.23
C TRP K 227 21.90 20.83 13.12
N GLY K 228 21.53 21.13 14.36
CA GLY K 228 21.14 20.11 15.31
C GLY K 228 20.64 20.66 16.65
N GLU K 229 19.78 19.87 17.31
CA GLU K 229 19.20 20.24 18.60
C GLU K 229 20.07 19.61 19.68
N GLY K 230 21.04 20.37 20.16
CA GLY K 230 21.95 19.87 21.19
C GLY K 230 22.83 18.76 20.66
N CYS K 231 23.72 18.25 21.49
CA CYS K 231 24.61 17.20 21.02
C CYS K 231 24.40 15.85 21.69
N ASP K 232 24.41 14.81 20.87
CA ASP K 232 24.26 13.41 21.30
C ASP K 232 22.91 13.12 21.97
N ARG K 233 22.08 14.14 22.12
CA ARG K 233 20.77 14.02 22.74
C ARG K 233 19.94 12.87 22.18
N ASP K 234 19.46 12.01 23.08
CA ASP K 234 18.66 10.85 22.71
C ASP K 234 17.39 11.26 22.06
N GLY K 235 17.09 10.67 20.91
CA GLY K 235 15.86 11.02 20.21
C GLY K 235 16.00 12.16 19.21
N LYS K 236 17.21 12.73 19.15
CA LYS K 236 17.52 13.82 18.22
C LYS K 236 18.61 13.34 17.25
N TYR K 237 18.66 13.95 16.06
CA TYR K 237 19.64 13.57 15.02
C TYR K 237 20.30 14.78 14.39
N GLY K 238 21.48 14.60 13.80
CA GLY K 238 22.18 15.72 13.17
C GLY K 238 21.73 15.93 11.72
N PHE K 239 21.53 17.18 11.31
CA PHE K 239 21.10 17.46 9.94
C PHE K 239 22.24 17.93 9.06
N TYR K 240 22.44 17.24 7.96
CA TYR K 240 23.54 17.53 7.06
C TYR K 240 23.07 18.04 5.71
N THR K 241 23.71 19.10 5.22
CA THR K 241 23.37 19.67 3.93
C THR K 241 23.56 18.57 2.92
N HIS K 242 22.56 18.35 2.07
CA HIS K 242 22.62 17.32 1.05
C HIS K 242 23.42 17.89 -0.10
N VAL K 243 24.70 17.56 -0.16
CA VAL K 243 25.60 18.05 -1.20
C VAL K 243 25.06 17.77 -2.60
N PHE K 244 24.72 16.52 -2.89
CA PHE K 244 24.24 16.16 -4.20
C PHE K 244 23.14 17.07 -4.74
N ARG K 245 22.13 17.38 -3.92
CA ARG K 245 21.05 18.25 -4.38
C ARG K 245 21.66 19.55 -4.89
N LEU K 246 22.53 20.13 -4.08
CA LEU K 246 23.20 21.38 -4.43
C LEU K 246 24.40 21.24 -5.39
N LYS K 247 24.66 20.04 -5.90
CA LYS K 247 25.79 19.83 -6.79
C LYS K 247 25.72 20.81 -7.96
N LYS K 248 24.52 20.91 -8.54
CA LYS K 248 24.28 21.76 -9.69
C LYS K 248 24.85 23.14 -9.40
N TRP K 249 24.52 23.65 -8.22
CA TRP K 249 24.99 24.96 -7.80
C TRP K 249 26.49 25.03 -7.77
N ILE K 250 27.09 24.15 -6.99
CA ILE K 250 28.55 24.08 -6.85
C ILE K 250 29.21 24.31 -8.22
N GLN K 251 28.69 23.59 -9.22
CA GLN K 251 29.18 23.71 -10.58
C GLN K 251 28.94 25.12 -11.08
N LYS K 252 27.68 25.56 -11.07
CA LYS K 252 27.31 26.90 -11.54
C LYS K 252 28.26 27.96 -11.01
N VAL K 253 28.63 27.81 -9.74
CA VAL K 253 29.54 28.73 -9.09
C VAL K 253 30.93 28.72 -9.71
N ILE K 254 31.58 27.56 -9.69
CA ILE K 254 32.92 27.43 -10.24
C ILE K 254 32.97 27.76 -11.73
N ASP K 255 31.99 27.24 -12.47
CA ASP K 255 31.88 27.45 -13.92
C ASP K 255 31.30 28.80 -14.36
N ARG K 256 31.77 29.85 -13.71
CA ARG K 256 31.43 31.22 -14.04
C ARG K 256 32.69 32.06 -13.89
N LEU K 257 33.64 31.55 -13.11
CA LEU K 257 34.90 32.23 -12.87
C LEU K 257 35.79 32.37 -14.12
N GLY K 258 35.65 31.42 -15.05
CA GLY K 258 36.44 31.46 -16.29
C GLY K 258 36.58 30.07 -16.87
N SER K 259 37.82 29.58 -16.91
CA SER K 259 38.18 28.25 -17.40
C SER K 259 39.71 28.15 -17.38
N SER L 1 27.51 22.13 14.82
CA SER L 1 26.36 22.52 13.96
C SER L 1 25.61 23.65 14.65
N LEU L 2 24.77 24.34 13.90
CA LEU L 2 23.99 25.41 14.47
C LEU L 2 23.06 24.81 15.53
N ASN L 3 23.40 24.97 16.80
CA ASN L 3 22.58 24.45 17.90
C ASN L 3 21.24 25.17 17.94
N VAL L 4 20.31 24.68 17.13
CA VAL L 4 18.98 25.28 17.07
C VAL L 4 18.37 25.59 18.43
N LEU L 5 18.68 24.81 19.46
CA LEU L 5 18.11 25.05 20.78
C LEU L 5 18.37 26.50 21.18
N CYS L 6 19.54 27.01 20.82
CA CYS L 6 19.85 28.38 21.17
C CYS L 6 18.79 29.38 20.71
N ASN L 7 18.26 29.21 19.51
CA ASN L 7 17.26 30.17 19.09
C ASN L 7 15.93 29.89 19.73
N ASN L 8 15.43 30.90 20.43
CA ASN L 8 14.18 30.88 21.15
C ASN L 8 13.01 30.79 20.16
N PRO L 9 12.34 29.63 20.09
CA PRO L 9 11.19 29.39 19.19
C PRO L 9 10.08 30.39 19.39
N HIS L 10 10.06 30.99 20.57
CA HIS L 10 9.07 32.00 20.92
C HIS L 10 7.67 31.40 20.79
N THR L 11 7.54 30.11 21.04
CA THR L 11 6.25 29.45 20.92
C THR L 11 5.18 30.07 21.82
N ALA L 12 4.02 30.30 21.22
CA ALA L 12 2.86 30.92 21.87
C ALA L 12 2.74 30.58 23.35
N ASP L 13 2.27 29.39 23.67
CA ASP L 13 2.16 28.96 25.04
C ASP L 13 2.34 27.47 25.16
N CYS L 14 3.20 27.09 26.10
CA CYS L 14 3.54 25.69 26.37
C CYS L 14 2.26 25.02 26.90
N ASN L 15 1.63 24.19 26.08
CA ASN L 15 0.38 23.54 26.48
C ASN L 15 0.45 22.85 27.84
N ASN L 16 1.18 21.75 27.92
CA ASN L 16 1.30 21.01 29.16
C ASN L 16 2.71 21.22 29.70
N ASP L 17 3.17 22.46 29.61
CA ASP L 17 4.49 22.83 30.11
C ASP L 17 4.40 24.26 30.57
N ALA L 18 5.49 24.80 31.11
CA ALA L 18 5.42 26.16 31.60
C ALA L 18 6.28 27.12 30.83
N GLN L 19 5.88 28.40 30.85
CA GLN L 19 6.64 29.46 30.20
C GLN L 19 7.61 29.93 31.30
N VAL L 20 8.64 29.11 31.50
CA VAL L 20 9.69 29.35 32.47
C VAL L 20 10.68 30.31 31.82
N ASP L 21 11.45 31.04 32.61
CA ASP L 21 12.46 31.94 32.04
C ASP L 21 13.68 31.09 31.63
N ARG L 22 14.00 31.08 30.34
CA ARG L 22 15.13 30.30 29.84
C ARG L 22 16.14 31.21 29.14
N TYR L 23 17.38 30.74 29.00
CA TYR L 23 18.44 31.50 28.34
C TYR L 23 18.63 31.03 26.91
N PHE L 24 18.65 31.97 25.98
CA PHE L 24 18.83 31.69 24.56
C PHE L 24 19.87 32.68 24.00
N ARG L 25 20.98 32.18 23.46
CA ARG L 25 22.04 33.05 22.93
C ARG L 25 21.58 34.02 21.84
N GLU L 26 21.52 35.30 22.19
CA GLU L 26 21.09 36.33 21.25
C GLU L 26 22.24 37.24 20.92
N GLY L 27 22.34 37.61 19.65
CA GLY L 27 23.41 38.48 19.22
C GLY L 27 24.76 37.89 19.56
N THR L 28 25.37 38.36 20.65
CA THR L 28 26.69 37.89 21.06
C THR L 28 26.71 37.34 22.48
N THR L 29 25.56 36.91 22.99
CA THR L 29 25.51 36.35 24.34
C THR L 29 24.14 35.81 24.75
N CYS L 30 24.17 35.00 25.81
CA CYS L 30 22.97 34.36 26.35
C CYS L 30 22.19 35.39 27.13
N LEU L 31 20.88 35.40 26.93
CA LEU L 31 19.98 36.33 27.62
C LEU L 31 18.71 35.57 27.95
N MET L 32 18.19 35.80 29.16
CA MET L 32 16.98 35.14 29.64
C MET L 32 15.71 35.68 28.98
N SER L 33 15.05 34.80 28.24
CA SER L 33 13.81 35.11 27.53
C SER L 33 12.80 34.03 28.02
N PRO L 34 11.51 34.39 28.13
CA PRO L 34 10.53 33.40 28.57
C PRO L 34 10.33 32.31 27.53
N ALA L 35 10.08 31.08 27.99
CA ALA L 35 9.88 29.93 27.12
C ALA L 35 9.51 28.65 27.87
N CYS L 36 9.30 27.59 27.12
CA CYS L 36 8.93 26.31 27.68
C CYS L 36 10.14 25.63 28.32
N THR L 37 9.92 25.08 29.50
CA THR L 37 10.96 24.42 30.30
C THR L 37 11.98 23.54 29.53
N SER L 38 11.60 23.09 28.34
CA SER L 38 12.47 22.25 27.55
C SER L 38 13.32 23.08 26.59
N GLU L 39 12.67 24.07 25.97
CA GLU L 39 13.34 24.94 25.01
C GLU L 39 14.51 25.68 25.70
N GLY L 40 15.57 25.98 24.94
CA GLY L 40 16.71 26.70 25.48
C GLY L 40 17.45 26.00 26.60
N TYR L 41 18.20 26.76 27.37
CA TYR L 41 18.94 26.21 28.49
C TYR L 41 18.58 26.99 29.74
N ALA L 42 18.92 26.41 30.88
CA ALA L 42 18.58 26.96 32.18
C ALA L 42 19.64 27.76 32.92
N SER L 43 20.78 28.03 32.30
CA SER L 43 21.80 28.79 33.01
C SER L 43 22.66 29.62 32.10
N GLN L 44 22.94 30.86 32.54
CA GLN L 44 23.79 31.81 31.81
C GLN L 44 24.99 31.02 31.29
N HIS L 45 25.46 30.09 32.11
CA HIS L 45 26.58 29.24 31.77
C HIS L 45 26.14 28.24 30.69
N GLU L 46 25.18 27.39 31.01
CA GLU L 46 24.66 26.36 30.11
C GLU L 46 24.64 26.81 28.65
N CYS L 47 23.88 27.86 28.40
CA CYS L 47 23.74 28.39 27.05
C CYS L 47 25.07 28.81 26.44
N GLN L 48 25.87 29.54 27.20
CA GLN L 48 27.17 29.98 26.70
C GLN L 48 28.06 28.76 26.50
N GLN L 49 27.73 27.66 27.15
CA GLN L 49 28.51 26.45 27.00
C GLN L 49 28.04 25.63 25.82
N ALA L 50 26.86 25.95 25.30
CA ALA L 50 26.32 25.17 24.17
C ALA L 50 25.87 25.98 22.94
N CYS L 51 26.21 27.25 22.92
CA CYS L 51 25.81 28.11 21.82
C CYS L 51 26.99 28.80 21.18
N PHE L 52 28.13 28.77 21.87
CA PHE L 52 29.35 29.39 21.38
C PHE L 52 30.36 28.27 21.05
N VAL L 53 31.43 28.64 20.36
CA VAL L 53 32.47 27.70 19.99
C VAL L 53 33.38 27.44 21.19
N GLY L 54 33.53 28.47 22.03
CA GLY L 54 34.35 28.35 23.22
C GLY L 54 35.81 28.04 23.03
N GLY L 55 36.33 28.40 21.86
CA GLY L 55 37.74 28.17 21.64
C GLY L 55 38.48 29.33 22.30
N GLU L 56 38.71 29.23 23.62
CA GLU L 56 39.37 30.29 24.39
C GLU L 56 40.25 29.75 25.50
N ASP L 57 40.72 28.52 25.35
CA ASP L 57 41.55 27.92 26.40
C ASP L 57 43.06 27.97 26.08
N HIS L 58 43.81 27.05 26.65
CA HIS L 58 45.26 26.99 26.45
C HIS L 58 45.64 26.57 25.03
N SER L 59 45.28 27.40 24.06
CA SER L 59 45.59 27.15 22.66
C SER L 59 46.99 27.70 22.36
N SER L 60 47.97 27.32 23.18
CA SER L 60 49.32 27.82 23.00
C SER L 60 50.03 27.44 21.71
N GLU L 61 49.72 28.21 20.66
CA GLU L 61 50.32 27.98 19.35
C GLU L 61 51.78 28.46 19.28
N MET L 62 52.17 29.35 20.21
CA MET L 62 53.55 29.87 20.28
C MET L 62 54.55 28.72 20.12
N HIS L 63 54.82 28.40 18.86
CA HIS L 63 55.72 27.33 18.48
C HIS L 63 57.15 27.63 18.92
N SER L 64 57.91 26.58 19.16
CA SER L 64 59.30 26.74 19.57
C SER L 64 60.05 27.54 18.53
N SER L 65 59.62 27.44 17.26
CA SER L 65 60.27 28.18 16.18
C SER L 65 60.31 29.67 16.50
N CYS L 66 59.21 30.20 17.01
CA CYS L 66 59.10 31.60 17.32
C CYS L 66 60.21 32.13 18.22
N LEU L 67 60.69 31.31 19.15
CA LEU L 67 61.75 31.78 20.05
C LEU L 67 63.15 31.54 19.55
N GLY L 68 63.29 31.44 18.23
CA GLY L 68 64.61 31.26 17.63
C GLY L 68 65.28 32.60 17.38
N ASP L 69 66.58 32.55 17.12
CA ASP L 69 67.36 33.75 16.83
C ASP L 69 66.82 34.42 15.56
N PRO L 70 66.62 35.76 15.57
CA PRO L 70 66.14 36.46 14.37
C PRO L 70 67.17 36.32 13.25
N PRO L 71 66.74 36.53 12.00
CA PRO L 71 67.63 36.39 10.85
C PRO L 71 68.80 37.37 10.98
N THR L 72 69.91 36.98 10.39
CA THR L 72 71.10 37.79 10.41
C THR L 72 71.29 38.36 9.01
N SER L 73 71.82 39.58 8.94
CA SER L 73 72.07 40.22 7.66
C SER L 73 73.21 39.42 6.97
N CYS L 74 72.86 38.62 5.98
CA CYS L 74 73.84 37.80 5.29
C CYS L 74 74.06 38.25 3.85
N ALA L 75 75.25 37.96 3.34
CA ALA L 75 75.69 38.30 1.98
C ALA L 75 74.57 38.25 0.93
N GLU L 76 74.14 37.04 0.63
CA GLU L 76 73.05 36.86 -0.35
C GLU L 76 71.75 36.68 0.42
N GLY L 77 71.45 37.67 1.22
CA GLY L 77 70.23 37.62 2.01
C GLY L 77 69.01 38.01 1.21
N THR L 78 67.88 37.45 1.62
CA THR L 78 66.60 37.67 0.98
C THR L 78 65.66 38.30 2.01
N ASP L 79 64.40 38.43 1.61
CA ASP L 79 63.36 38.95 2.48
C ASP L 79 62.99 37.78 3.36
N ILE L 80 63.12 37.94 4.67
CA ILE L 80 62.77 36.87 5.58
C ILE L 80 61.85 37.28 6.72
N THR L 81 60.68 36.65 6.78
CA THR L 81 59.71 36.96 7.82
C THR L 81 60.06 36.16 9.06
N TYR L 82 60.08 36.86 10.20
CA TYR L 82 60.47 36.25 11.47
C TYR L 82 59.66 36.85 12.58
N TYR L 83 59.63 36.18 13.74
CA TYR L 83 58.91 36.70 14.88
C TYR L 83 59.86 37.41 15.79
N ASP L 84 59.56 38.68 16.07
CA ASP L 84 60.41 39.45 16.92
C ASP L 84 60.03 39.32 18.37
N SER L 85 60.85 38.57 19.10
CA SER L 85 60.65 38.31 20.51
C SER L 85 60.51 39.58 21.35
N ASP L 86 60.84 40.73 20.77
CA ASP L 86 60.71 41.96 21.49
C ASP L 86 59.40 42.65 21.19
N SER L 87 59.16 42.93 19.92
CA SER L 87 57.95 43.61 19.48
C SER L 87 56.69 42.76 19.61
N LYS L 88 56.91 41.47 19.90
CA LYS L 88 55.80 40.54 20.01
C LYS L 88 55.05 40.52 18.67
N THR L 89 55.77 40.70 17.56
CA THR L 89 55.15 40.66 16.22
C THR L 89 56.08 40.04 15.21
N CYS L 90 55.57 39.86 13.99
CA CYS L 90 56.36 39.32 12.89
C CYS L 90 56.82 40.48 12.03
N LYS L 91 58.03 40.38 11.50
CA LYS L 91 58.59 41.43 10.68
C LYS L 91 59.26 40.83 9.43
N VAL L 92 59.77 41.69 8.54
CA VAL L 92 60.47 41.22 7.35
C VAL L 92 61.83 41.91 7.30
N LEU L 93 62.89 41.09 7.32
CA LEU L 93 64.26 41.59 7.26
C LEU L 93 64.74 41.33 5.83
N ALA L 94 65.20 42.36 5.15
CA ALA L 94 65.69 42.23 3.78
C ALA L 94 67.17 41.94 3.80
N ALA L 95 67.64 41.23 2.79
CA ALA L 95 69.05 40.87 2.71
C ALA L 95 69.44 40.10 3.98
N SER L 96 68.73 39.01 4.24
CA SER L 96 69.02 38.21 5.40
C SER L 96 68.97 36.72 5.13
N CYS L 97 69.60 35.95 6.02
CA CYS L 97 69.63 34.50 5.92
C CYS L 97 69.25 33.92 7.29
N PRO L 98 68.42 32.84 7.29
CA PRO L 98 67.91 32.12 8.48
C PRO L 98 68.95 31.61 9.44
N SER L 99 68.81 32.02 10.69
CA SER L 99 69.74 31.61 11.74
C SER L 99 69.24 30.36 12.45
N GLY L 100 68.04 29.91 12.05
CA GLY L 100 67.44 28.72 12.63
C GLY L 100 66.10 28.40 12.03
N GLU L 101 65.08 28.29 12.88
CA GLU L 101 63.73 28.00 12.43
C GLU L 101 62.79 29.20 12.56
N ASN L 102 63.31 30.33 13.09
CA ASN L 102 62.45 31.50 13.22
C ASN L 102 62.27 32.17 11.87
N THR L 103 61.82 31.41 10.89
CA THR L 103 61.61 31.96 9.58
C THR L 103 60.39 31.32 8.98
N PHE L 104 59.38 32.16 8.80
CA PHE L 104 58.10 31.75 8.27
C PHE L 104 58.03 32.27 6.86
N GLU L 105 57.24 31.64 6.01
CA GLU L 105 57.16 32.11 4.65
C GLU L 105 56.15 33.24 4.39
N SER L 106 55.50 33.73 5.45
CA SER L 106 54.52 34.81 5.30
C SER L 106 54.22 35.58 6.57
N GLU L 107 53.70 36.78 6.41
CA GLU L 107 53.35 37.61 7.55
C GLU L 107 52.27 36.89 8.35
N VAL L 108 51.16 36.53 7.68
CA VAL L 108 50.07 35.86 8.40
C VAL L 108 50.51 34.52 9.02
N GLU L 109 50.99 33.58 8.21
CA GLU L 109 51.44 32.31 8.72
C GLU L 109 52.19 32.52 10.04
N CYS L 110 53.15 33.44 10.04
CA CYS L 110 53.93 33.73 11.25
C CYS L 110 53.05 34.21 12.40
N GLN L 111 52.22 35.22 12.14
CA GLN L 111 51.39 35.76 13.20
C GLN L 111 50.55 34.71 13.93
N VAL L 112 49.93 33.76 13.22
CA VAL L 112 49.15 32.74 13.92
C VAL L 112 50.08 31.70 14.51
N ALA L 113 51.16 31.40 13.80
CA ALA L 113 52.15 30.43 14.27
C ALA L 113 52.66 30.83 15.66
N CYS L 114 52.80 32.13 15.87
CA CYS L 114 53.28 32.61 17.15
C CYS L 114 52.22 33.41 17.91
N GLY L 115 51.00 33.35 17.41
CA GLY L 115 49.89 34.02 18.06
C GLY L 115 49.94 35.54 18.11
N ALA L 116 50.87 36.15 17.39
CA ALA L 116 50.94 37.60 17.37
C ALA L 116 49.68 38.05 16.66
N PRO L 117 49.08 39.15 17.12
CA PRO L 117 47.84 39.67 16.51
C PRO L 117 47.98 39.86 14.98
N ILE L 118 47.10 39.20 14.25
CA ILE L 118 47.08 39.27 12.79
C ILE L 118 46.61 40.64 12.34
N GLU L 119 47.21 41.16 11.28
CA GLU L 119 46.81 42.44 10.75
C GLU L 119 46.47 42.31 9.24
N GLY L 120 46.48 43.44 8.54
CA GLY L 120 46.19 43.47 7.12
C GLY L 120 47.14 44.45 6.46
#